data_1VC3
# 
_entry.id   1VC3 
# 
_audit_conform.dict_name       mmcif_pdbx.dic 
_audit_conform.dict_version    5.399 
_audit_conform.dict_location   http://mmcif.pdb.org/dictionaries/ascii/mmcif_pdbx.dic 
# 
loop_
_database_2.database_id 
_database_2.database_code 
_database_2.pdbx_database_accession 
_database_2.pdbx_DOI 
PDB   1VC3         pdb_00001vc3 10.2210/pdb1vc3/pdb 
RCSB  RCSB006450   ?            ?                   
WWPDB D_1000006450 ?            ?                   
# 
loop_
_pdbx_audit_revision_history.ordinal 
_pdbx_audit_revision_history.data_content_type 
_pdbx_audit_revision_history.major_revision 
_pdbx_audit_revision_history.minor_revision 
_pdbx_audit_revision_history.revision_date 
1 'Structure model' 1 0 2005-06-28 
2 'Structure model' 1 1 2008-04-27 
3 'Structure model' 1 2 2011-07-13 
4 'Structure model' 2 0 2023-11-15 
5 'Structure model' 2 1 2024-11-20 
# 
_pdbx_audit_revision_details.ordinal             1 
_pdbx_audit_revision_details.revision_ordinal    1 
_pdbx_audit_revision_details.data_content_type   'Structure model' 
_pdbx_audit_revision_details.provider            repository 
_pdbx_audit_revision_details.type                'Initial release' 
_pdbx_audit_revision_details.description         ? 
_pdbx_audit_revision_details.details             ? 
# 
loop_
_pdbx_audit_revision_group.ordinal 
_pdbx_audit_revision_group.revision_ordinal 
_pdbx_audit_revision_group.data_content_type 
_pdbx_audit_revision_group.group 
1 2 'Structure model' 'Version format compliance' 
2 3 'Structure model' 'Derived calculations'      
3 3 'Structure model' 'Version format compliance' 
4 4 'Structure model' 'Atomic model'              
5 4 'Structure model' 'Data collection'           
6 4 'Structure model' 'Database references'       
7 4 'Structure model' 'Derived calculations'      
8 5 'Structure model' 'Structure summary'         
# 
loop_
_pdbx_audit_revision_category.ordinal 
_pdbx_audit_revision_category.revision_ordinal 
_pdbx_audit_revision_category.data_content_type 
_pdbx_audit_revision_category.category 
1 4 'Structure model' atom_site                 
2 4 'Structure model' chem_comp_atom            
3 4 'Structure model' chem_comp_bond            
4 4 'Structure model' database_2                
5 4 'Structure model' struct_conn               
6 5 'Structure model' pdbx_entry_details        
7 5 'Structure model' pdbx_modification_feature 
# 
loop_
_pdbx_audit_revision_item.ordinal 
_pdbx_audit_revision_item.revision_ordinal 
_pdbx_audit_revision_item.data_content_type 
_pdbx_audit_revision_item.item 
1 4 'Structure model' '_atom_site.auth_atom_id'             
2 4 'Structure model' '_atom_site.label_atom_id'            
3 4 'Structure model' '_database_2.pdbx_DOI'                
4 4 'Structure model' '_database_2.pdbx_database_accession' 
5 4 'Structure model' '_struct_conn.pdbx_leaving_atom_flag' 
6 4 'Structure model' '_struct_conn.ptnr1_label_atom_id'    
# 
_pdbx_database_status.status_code                     REL 
_pdbx_database_status.entry_id                        1VC3 
_pdbx_database_status.recvd_initial_deposition_date   2004-03-04 
_pdbx_database_status.deposit_site                    PDBJ 
_pdbx_database_status.process_site                    PDBJ 
_pdbx_database_status.status_code_sf                  ? 
_pdbx_database_status.status_code_mr                  ? 
_pdbx_database_status.SG_entry                        Y 
_pdbx_database_status.pdb_format_compatible           Y 
_pdbx_database_status.status_code_cs                  ? 
_pdbx_database_status.status_code_nmr_data            ? 
_pdbx_database_status.methods_development_category    ? 
# 
_pdbx_database_related.db_name        TargetDB 
_pdbx_database_related.db_id          ttk003000264.1 
_pdbx_database_related.details        . 
_pdbx_database_related.content_type   unspecified 
# 
loop_
_audit_author.name 
_audit_author.pdbx_ordinal 
'Nakajima, O.'                                           1 
'RIKEN Structural Genomics/Proteomics Initiative (RSGI)' 2 
# 
_citation.id                        primary 
_citation.title                     'Crystal Structure of L-Aspartate-alpha-Decarboxylase' 
_citation.journal_abbrev            'TO BE PUBLISHED' 
_citation.journal_volume            ? 
_citation.page_first                ? 
_citation.page_last                 ? 
_citation.year                      ? 
_citation.journal_id_ASTM           ? 
_citation.country                   ? 
_citation.journal_id_ISSN           ? 
_citation.journal_id_CSD            0353 
_citation.book_publisher            ? 
_citation.pdbx_database_id_PubMed   ? 
_citation.pdbx_database_id_DOI      ? 
# 
loop_
_citation_author.citation_id 
_citation_author.name 
_citation_author.ordinal 
_citation_author.identifier_ORCID 
primary 'Goto, M.'     1 ? 
primary 'Omi, R.'      2 ? 
primary 'Nakajima, O.' 3 ? 
primary 'Miyahara, I.' 4 ? 
primary 'Hirotsu, K.'  5 ? 
# 
loop_
_entity.id 
_entity.type 
_entity.src_method 
_entity.pdbx_description 
_entity.formula_weight 
_entity.pdbx_number_of_molecules 
_entity.pdbx_ec 
_entity.pdbx_mutation 
_entity.pdbx_fragment 
_entity.details 
1 polymer man 'L-Aspartate-alpha-Decarboxylase light chain' 2817.360  1   4.1.1.1 ? ? ? 
2 polymer man 'L-Aspartate-alpha-Decarboxylase heavy chain' 10295.629 1   4.1.1.1 ? ? ? 
3 water   nat water                                         18.015    158 ?       ? ? ? 
# 
loop_
_entity_poly.entity_id 
_entity_poly.type 
_entity_poly.nstd_linkage 
_entity_poly.nstd_monomer 
_entity_poly.pdbx_seq_one_letter_code 
_entity_poly.pdbx_seq_one_letter_code_can 
_entity_poly.pdbx_strand_id 
_entity_poly.pdbx_target_identifier 
1 'polypeptide(L)' no no  MKRVMFHAKIHRATVTQADLHYVG                                                                                
MKRVMFHAKIHRATVTQADLHYVG                                                                            A ttk003000264.1 
2 'polypeptide(L)' no yes 
;(PYR)VTVDQDLLDAAGILPFEQVDIYDITNGARLTTYALPGERGSGVIGINGAAAHLVKPGDLVILVAYGVFDEEEARN
LKPTVVLVDERNRILEVRKG
;
;XVTVDQDLLDAAGILPFEQVDIYDITNGARLTTYALPGERGSGVIGINGAAAHLVKPGDLVILVAYGVFDEEEARNLKPT
VVLVDERNRILEVRKG
;
B ttk003000264.1 
# 
_pdbx_entity_nonpoly.entity_id   3 
_pdbx_entity_nonpoly.name        water 
_pdbx_entity_nonpoly.comp_id     HOH 
# 
loop_
_entity_poly_seq.entity_id 
_entity_poly_seq.num 
_entity_poly_seq.mon_id 
_entity_poly_seq.hetero 
1 1  MET n 
1 2  LYS n 
1 3  ARG n 
1 4  VAL n 
1 5  MET n 
1 6  PHE n 
1 7  HIS n 
1 8  ALA n 
1 9  LYS n 
1 10 ILE n 
1 11 HIS n 
1 12 ARG n 
1 13 ALA n 
1 14 THR n 
1 15 VAL n 
1 16 THR n 
1 17 GLN n 
1 18 ALA n 
1 19 ASP n 
1 20 LEU n 
1 21 HIS n 
1 22 TYR n 
1 23 VAL n 
1 24 GLY n 
2 1  PYR n 
2 2  VAL n 
2 3  THR n 
2 4  VAL n 
2 5  ASP n 
2 6  GLN n 
2 7  ASP n 
2 8  LEU n 
2 9  LEU n 
2 10 ASP n 
2 11 ALA n 
2 12 ALA n 
2 13 GLY n 
2 14 ILE n 
2 15 LEU n 
2 16 PRO n 
2 17 PHE n 
2 18 GLU n 
2 19 GLN n 
2 20 VAL n 
2 21 ASP n 
2 22 ILE n 
2 23 TYR n 
2 24 ASP n 
2 25 ILE n 
2 26 THR n 
2 27 ASN n 
2 28 GLY n 
2 29 ALA n 
2 30 ARG n 
2 31 LEU n 
2 32 THR n 
2 33 THR n 
2 34 TYR n 
2 35 ALA n 
2 36 LEU n 
2 37 PRO n 
2 38 GLY n 
2 39 GLU n 
2 40 ARG n 
2 41 GLY n 
2 42 SER n 
2 43 GLY n 
2 44 VAL n 
2 45 ILE n 
2 46 GLY n 
2 47 ILE n 
2 48 ASN n 
2 49 GLY n 
2 50 ALA n 
2 51 ALA n 
2 52 ALA n 
2 53 HIS n 
2 54 LEU n 
2 55 VAL n 
2 56 LYS n 
2 57 PRO n 
2 58 GLY n 
2 59 ASP n 
2 60 LEU n 
2 61 VAL n 
2 62 ILE n 
2 63 LEU n 
2 64 VAL n 
2 65 ALA n 
2 66 TYR n 
2 67 GLY n 
2 68 VAL n 
2 69 PHE n 
2 70 ASP n 
2 71 GLU n 
2 72 GLU n 
2 73 GLU n 
2 74 ALA n 
2 75 ARG n 
2 76 ASN n 
2 77 LEU n 
2 78 LYS n 
2 79 PRO n 
2 80 THR n 
2 81 VAL n 
2 82 VAL n 
2 83 LEU n 
2 84 VAL n 
2 85 ASP n 
2 86 GLU n 
2 87 ARG n 
2 88 ASN n 
2 89 ARG n 
2 90 ILE n 
2 91 LEU n 
2 92 GLU n 
2 93 VAL n 
2 94 ARG n 
2 95 LYS n 
2 96 GLY n 
# 
loop_
_entity_src_gen.entity_id 
_entity_src_gen.pdbx_src_id 
_entity_src_gen.pdbx_alt_source_flag 
_entity_src_gen.pdbx_seq_type 
_entity_src_gen.pdbx_beg_seq_num 
_entity_src_gen.pdbx_end_seq_num 
_entity_src_gen.gene_src_common_name 
_entity_src_gen.gene_src_genus 
_entity_src_gen.pdbx_gene_src_gene 
_entity_src_gen.gene_src_species 
_entity_src_gen.gene_src_strain 
_entity_src_gen.gene_src_tissue 
_entity_src_gen.gene_src_tissue_fraction 
_entity_src_gen.gene_src_details 
_entity_src_gen.pdbx_gene_src_fragment 
_entity_src_gen.pdbx_gene_src_scientific_name 
_entity_src_gen.pdbx_gene_src_ncbi_taxonomy_id 
_entity_src_gen.pdbx_gene_src_variant 
_entity_src_gen.pdbx_gene_src_cell_line 
_entity_src_gen.pdbx_gene_src_atcc 
_entity_src_gen.pdbx_gene_src_organ 
_entity_src_gen.pdbx_gene_src_organelle 
_entity_src_gen.pdbx_gene_src_cell 
_entity_src_gen.pdbx_gene_src_cellular_location 
_entity_src_gen.host_org_common_name 
_entity_src_gen.pdbx_host_org_scientific_name 
_entity_src_gen.pdbx_host_org_ncbi_taxonomy_id 
_entity_src_gen.host_org_genus 
_entity_src_gen.pdbx_host_org_gene 
_entity_src_gen.pdbx_host_org_organ 
_entity_src_gen.host_org_species 
_entity_src_gen.pdbx_host_org_tissue 
_entity_src_gen.pdbx_host_org_tissue_fraction 
_entity_src_gen.pdbx_host_org_strain 
_entity_src_gen.pdbx_host_org_variant 
_entity_src_gen.pdbx_host_org_cell_line 
_entity_src_gen.pdbx_host_org_atcc 
_entity_src_gen.pdbx_host_org_culture_collection 
_entity_src_gen.pdbx_host_org_cell 
_entity_src_gen.pdbx_host_org_organelle 
_entity_src_gen.pdbx_host_org_cellular_location 
_entity_src_gen.pdbx_host_org_vector_type 
_entity_src_gen.pdbx_host_org_vector 
_entity_src_gen.host_org_details 
_entity_src_gen.expression_system_id 
_entity_src_gen.plasmid_name 
_entity_src_gen.plasmid_details 
_entity_src_gen.pdbx_description 
1 1 sample ? ? ? ? Thermus HB8 ? ? ? ? ? ? 'Thermus thermophilus' 274 ? ? ? ? ? ? ? ? 'Escherichia coli BL21(DE3)' 469008 
Escherichia ? ? 'Escherichia coli' ? ? 'BL21(DE3)' ? ? ? ? ? ? ? PLASMID ? ? ? pET-11a ? ? 
2 1 sample ? ? ? ? Thermus HB8 ? ? ? ? ? ? 'Thermus thermophilus' 274 ? ? ? ? ? ? ? ? 'Escherichia coli BL21(DE3)' 469008 
Escherichia ? ? 'Escherichia coli' ? ? 'BL21(DE3)' ? ? ? ? ? ? ? PLASMID ? ? ? pET-11a ? ? 
# 
loop_
_chem_comp.id 
_chem_comp.type 
_chem_comp.mon_nstd_flag 
_chem_comp.name 
_chem_comp.pdbx_synonyms 
_chem_comp.formula 
_chem_comp.formula_weight 
ALA 'L-peptide linking' y ALANINE         ? 'C3 H7 N O2'     89.093  
ARG 'L-peptide linking' y ARGININE        ? 'C6 H15 N4 O2 1' 175.209 
ASN 'L-peptide linking' y ASPARAGINE      ? 'C4 H8 N2 O3'    132.118 
ASP 'L-peptide linking' y 'ASPARTIC ACID' ? 'C4 H7 N O4'     133.103 
GLN 'L-peptide linking' y GLUTAMINE       ? 'C5 H10 N2 O3'   146.144 
GLU 'L-peptide linking' y 'GLUTAMIC ACID' ? 'C5 H9 N O4'     147.129 
GLY 'peptide linking'   y GLYCINE         ? 'C2 H5 N O2'     75.067  
HIS 'L-peptide linking' y HISTIDINE       ? 'C6 H10 N3 O2 1' 156.162 
HOH non-polymer         . WATER           ? 'H2 O'           18.015  
ILE 'L-peptide linking' y ISOLEUCINE      ? 'C6 H13 N O2'    131.173 
LEU 'L-peptide linking' y LEUCINE         ? 'C6 H13 N O2'    131.173 
LYS 'L-peptide linking' y LYSINE          ? 'C6 H15 N2 O2 1' 147.195 
MET 'L-peptide linking' y METHIONINE      ? 'C5 H11 N O2 S'  149.211 
PHE 'L-peptide linking' y PHENYLALANINE   ? 'C9 H11 N O2'    165.189 
PRO 'L-peptide linking' y PROLINE         ? 'C5 H9 N O2'     115.130 
PYR non-polymer         . 'PYRUVIC ACID'  ? 'C3 H4 O3'       88.062  
SER 'L-peptide linking' y SERINE          ? 'C3 H7 N O3'     105.093 
THR 'L-peptide linking' y THREONINE       ? 'C4 H9 N O3'     119.119 
TYR 'L-peptide linking' y TYROSINE        ? 'C9 H11 N O3'    181.189 
VAL 'L-peptide linking' y VALINE          ? 'C5 H11 N O2'    117.146 
# 
loop_
_pdbx_poly_seq_scheme.asym_id 
_pdbx_poly_seq_scheme.entity_id 
_pdbx_poly_seq_scheme.seq_id 
_pdbx_poly_seq_scheme.mon_id 
_pdbx_poly_seq_scheme.ndb_seq_num 
_pdbx_poly_seq_scheme.pdb_seq_num 
_pdbx_poly_seq_scheme.auth_seq_num 
_pdbx_poly_seq_scheme.pdb_mon_id 
_pdbx_poly_seq_scheme.auth_mon_id 
_pdbx_poly_seq_scheme.pdb_strand_id 
_pdbx_poly_seq_scheme.pdb_ins_code 
_pdbx_poly_seq_scheme.hetero 
A 1 1  MET 1  1   1   MET MET A . n 
A 1 2  LYS 2  2   2   LYS ALA A . n 
A 1 3  ARG 3  3   3   ARG ARG A . n 
A 1 4  VAL 4  4   4   VAL VAL A . n 
A 1 5  MET 5  5   5   MET MET A . n 
A 1 6  PHE 6  6   6   PHE PHE A . n 
A 1 7  HIS 7  7   7   HIS HIS A . n 
A 1 8  ALA 8  8   8   ALA ALA A . n 
A 1 9  LYS 9  9   9   LYS LYS A . n 
A 1 10 ILE 10 10  10  ILE ILE A . n 
A 1 11 HIS 11 11  11  HIS HIS A . n 
A 1 12 ARG 12 12  12  ARG ARG A . n 
A 1 13 ALA 13 13  13  ALA ALA A . n 
A 1 14 THR 14 14  14  THR THR A . n 
A 1 15 VAL 15 15  15  VAL VAL A . n 
A 1 16 THR 16 16  16  THR THR A . n 
A 1 17 GLN 17 17  17  GLN GLN A . n 
A 1 18 ALA 18 18  18  ALA ALA A . n 
A 1 19 ASP 19 19  19  ASP ASP A . n 
A 1 20 LEU 20 20  20  LEU LEU A . n 
A 1 21 HIS 21 21  21  HIS HIS A . n 
A 1 22 TYR 22 22  22  TYR TYR A . n 
A 1 23 VAL 23 23  23  VAL VAL A . n 
A 1 24 GLY 24 24  24  GLY GLY A . n 
B 2 1  PYR 1  25  25  PYR PVL B . n 
B 2 2  VAL 2  26  26  VAL VAL B . n 
B 2 3  THR 3  27  27  THR THR B . n 
B 2 4  VAL 4  28  28  VAL VAL B . n 
B 2 5  ASP 5  29  29  ASP ASP B . n 
B 2 6  GLN 6  30  30  GLN GLN B . n 
B 2 7  ASP 7  31  31  ASP ASP B . n 
B 2 8  LEU 8  32  32  LEU LEU B . n 
B 2 9  LEU 9  33  33  LEU LEU B . n 
B 2 10 ASP 10 34  34  ASP ASP B . n 
B 2 11 ALA 11 35  35  ALA ALA B . n 
B 2 12 ALA 12 36  36  ALA ALA B . n 
B 2 13 GLY 13 37  37  GLY GLY B . n 
B 2 14 ILE 14 38  38  ILE ILE B . n 
B 2 15 LEU 15 39  39  LEU LEU B . n 
B 2 16 PRO 16 40  40  PRO PRO B . n 
B 2 17 PHE 17 41  41  PHE PHE B . n 
B 2 18 GLU 18 42  42  GLU GLU B . n 
B 2 19 GLN 19 43  43  GLN GLN B . n 
B 2 20 VAL 20 44  44  VAL VAL B . n 
B 2 21 ASP 21 45  45  ASP ASP B . n 
B 2 22 ILE 22 46  46  ILE ILE B . n 
B 2 23 TYR 23 47  47  TYR TYR B . n 
B 2 24 ASP 24 48  48  ASP ASP B . n 
B 2 25 ILE 25 49  49  ILE ILE B . n 
B 2 26 THR 26 50  50  THR THR B . n 
B 2 27 ASN 27 51  51  ASN ASN B . n 
B 2 28 GLY 28 52  52  GLY GLY B . n 
B 2 29 ALA 29 53  53  ALA ALA B . n 
B 2 30 ARG 30 54  54  ARG ARG B . n 
B 2 31 LEU 31 55  55  LEU LEU B . n 
B 2 32 THR 32 56  56  THR THR B . n 
B 2 33 THR 33 57  57  THR THR B . n 
B 2 34 TYR 34 58  58  TYR TYR B . n 
B 2 35 ALA 35 59  59  ALA ALA B . n 
B 2 36 LEU 36 60  60  LEU LEU B . n 
B 2 37 PRO 37 61  61  PRO PRO B . n 
B 2 38 GLY 38 62  62  GLY GLY B . n 
B 2 39 GLU 39 63  63  GLU GLU B . n 
B 2 40 ARG 40 64  64  ARG ARG B . n 
B 2 41 GLY 41 65  65  GLY GLY B . n 
B 2 42 SER 42 66  66  SER SER B . n 
B 2 43 GLY 43 67  67  GLY GLY B . n 
B 2 44 VAL 44 68  68  VAL VAL B . n 
B 2 45 ILE 45 69  69  ILE ILE B . n 
B 2 46 GLY 46 70  70  GLY GLY B . n 
B 2 47 ILE 47 71  71  ILE ILE B . n 
B 2 48 ASN 48 72  72  ASN ASN B . n 
B 2 49 GLY 49 73  73  GLY GLY B . n 
B 2 50 ALA 50 74  74  ALA ALA B . n 
B 2 51 ALA 51 75  75  ALA ALA B . n 
B 2 52 ALA 52 76  76  ALA ALA B . n 
B 2 53 HIS 53 77  77  HIS HIS B . n 
B 2 54 LEU 54 78  78  LEU LEU B . n 
B 2 55 VAL 55 79  79  VAL VAL B . n 
B 2 56 LYS 56 80  80  LYS LYS B . n 
B 2 57 PRO 57 81  81  PRO PRO B . n 
B 2 58 GLY 58 82  82  GLY GLY B . n 
B 2 59 ASP 59 83  83  ASP ASP B . n 
B 2 60 LEU 60 84  84  LEU LEU B . n 
B 2 61 VAL 61 85  85  VAL VAL B . n 
B 2 62 ILE 62 86  86  ILE ILE B . n 
B 2 63 LEU 63 87  87  LEU LEU B . n 
B 2 64 VAL 64 88  88  VAL VAL B . n 
B 2 65 ALA 65 89  89  ALA ALA B . n 
B 2 66 TYR 66 90  90  TYR TYR B . n 
B 2 67 GLY 67 91  91  GLY GLY B . n 
B 2 68 VAL 68 92  92  VAL VAL B . n 
B 2 69 PHE 69 93  93  PHE PHE B . n 
B 2 70 ASP 70 94  94  ASP ASP B . n 
B 2 71 GLU 71 95  95  GLU GLU B . n 
B 2 72 GLU 72 96  96  GLU GLU B . n 
B 2 73 GLU 73 97  97  GLU GLU B . n 
B 2 74 ALA 74 98  98  ALA ALA B . n 
B 2 75 ARG 75 99  99  ARG ARG B . n 
B 2 76 ASN 76 100 100 ASN ASN B . n 
B 2 77 LEU 77 101 101 LEU LEU B . n 
B 2 78 LYS 78 102 102 LYS ALA B . n 
B 2 79 PRO 79 103 103 PRO PRO B . n 
B 2 80 THR 80 104 104 THR THR B . n 
B 2 81 VAL 81 105 105 VAL VAL B . n 
B 2 82 VAL 82 106 106 VAL VAL B . n 
B 2 83 LEU 83 107 107 LEU LEU B . n 
B 2 84 VAL 84 108 108 VAL VAL B . n 
B 2 85 ASP 85 109 109 ASP ASP B . n 
B 2 86 GLU 86 110 110 GLU GLU B . n 
B 2 87 ARG 87 111 111 ARG ARG B . n 
B 2 88 ASN 88 112 112 ASN ASN B . n 
B 2 89 ARG 89 113 113 ARG ARG B . n 
B 2 90 ILE 90 114 114 ILE ILE B . n 
B 2 91 LEU 91 115 115 LEU LEU B . n 
B 2 92 GLU 92 116 116 GLU GLU B . n 
B 2 93 VAL 93 117 117 VAL VAL B . n 
B 2 94 ARG 94 118 118 ARG ARG B . n 
B 2 95 LYS 95 119 119 LYS LYS B . n 
B 2 96 GLY 96 120 120 GLY GLY B . n 
# 
loop_
_pdbx_nonpoly_scheme.asym_id 
_pdbx_nonpoly_scheme.entity_id 
_pdbx_nonpoly_scheme.mon_id 
_pdbx_nonpoly_scheme.ndb_seq_num 
_pdbx_nonpoly_scheme.pdb_seq_num 
_pdbx_nonpoly_scheme.auth_seq_num 
_pdbx_nonpoly_scheme.pdb_mon_id 
_pdbx_nonpoly_scheme.auth_mon_id 
_pdbx_nonpoly_scheme.pdb_strand_id 
_pdbx_nonpoly_scheme.pdb_ins_code 
C 3 HOH 1   25  5   HOH HOH A . 
C 3 HOH 2   26  14  HOH HOH A . 
C 3 HOH 3   27  23  HOH HOH A . 
C 3 HOH 4   28  34  HOH HOH A . 
C 3 HOH 5   29  41  HOH HOH A . 
C 3 HOH 6   30  45  HOH HOH A . 
C 3 HOH 7   31  49  HOH HOH A . 
C 3 HOH 8   32  54  HOH HOH A . 
C 3 HOH 9   33  57  HOH HOH A . 
C 3 HOH 10  34  58  HOH HOH A . 
C 3 HOH 11  35  59  HOH HOH A . 
C 3 HOH 12  36  65  HOH HOH A . 
C 3 HOH 13  37  66  HOH HOH A . 
C 3 HOH 14  38  73  HOH HOH A . 
C 3 HOH 15  39  76  HOH HOH A . 
C 3 HOH 16  40  85  HOH HOH A . 
C 3 HOH 17  41  86  HOH HOH A . 
C 3 HOH 18  42  87  HOH HOH A . 
C 3 HOH 19  43  88  HOH HOH A . 
C 3 HOH 20  44  92  HOH HOH A . 
C 3 HOH 21  45  95  HOH HOH A . 
C 3 HOH 22  46  96  HOH HOH A . 
C 3 HOH 23  47  98  HOH HOH A . 
C 3 HOH 24  48  111 HOH HOH A . 
C 3 HOH 25  49  129 HOH HOH A . 
C 3 HOH 26  50  130 HOH HOH A . 
C 3 HOH 27  51  148 HOH HOH A . 
C 3 HOH 28  52  155 HOH HOH A . 
C 3 HOH 29  53  157 HOH HOH A . 
D 3 HOH 1   121 1   HOH HOH B . 
D 3 HOH 2   122 2   HOH HOH B . 
D 3 HOH 3   123 3   HOH HOH B . 
D 3 HOH 4   124 4   HOH HOH B . 
D 3 HOH 5   125 6   HOH HOH B . 
D 3 HOH 6   126 7   HOH HOH B . 
D 3 HOH 7   127 8   HOH HOH B . 
D 3 HOH 8   128 9   HOH HOH B . 
D 3 HOH 9   129 10  HOH HOH B . 
D 3 HOH 10  130 11  HOH HOH B . 
D 3 HOH 11  131 12  HOH HOH B . 
D 3 HOH 12  132 13  HOH HOH B . 
D 3 HOH 13  133 15  HOH HOH B . 
D 3 HOH 14  134 16  HOH HOH B . 
D 3 HOH 15  135 17  HOH HOH B . 
D 3 HOH 16  136 18  HOH HOH B . 
D 3 HOH 17  137 19  HOH HOH B . 
D 3 HOH 18  138 20  HOH HOH B . 
D 3 HOH 19  139 21  HOH HOH B . 
D 3 HOH 20  140 22  HOH HOH B . 
D 3 HOH 21  141 24  HOH HOH B . 
D 3 HOH 22  142 25  HOH HOH B . 
D 3 HOH 23  143 26  HOH HOH B . 
D 3 HOH 24  144 27  HOH HOH B . 
D 3 HOH 25  145 28  HOH HOH B . 
D 3 HOH 26  146 29  HOH HOH B . 
D 3 HOH 27  147 30  HOH HOH B . 
D 3 HOH 28  148 31  HOH HOH B . 
D 3 HOH 29  149 32  HOH HOH B . 
D 3 HOH 30  150 33  HOH HOH B . 
D 3 HOH 31  151 35  HOH HOH B . 
D 3 HOH 32  152 36  HOH HOH B . 
D 3 HOH 33  153 37  HOH HOH B . 
D 3 HOH 34  154 38  HOH HOH B . 
D 3 HOH 35  155 39  HOH HOH B . 
D 3 HOH 36  156 40  HOH HOH B . 
D 3 HOH 37  157 42  HOH HOH B . 
D 3 HOH 38  158 43  HOH HOH B . 
D 3 HOH 39  159 44  HOH HOH B . 
D 3 HOH 40  160 46  HOH HOH B . 
D 3 HOH 41  161 47  HOH HOH B . 
D 3 HOH 42  162 48  HOH HOH B . 
D 3 HOH 43  163 50  HOH HOH B . 
D 3 HOH 44  164 51  HOH HOH B . 
D 3 HOH 45  165 52  HOH HOH B . 
D 3 HOH 46  166 53  HOH HOH B . 
D 3 HOH 47  167 55  HOH HOH B . 
D 3 HOH 48  168 56  HOH HOH B . 
D 3 HOH 49  169 60  HOH HOH B . 
D 3 HOH 50  170 61  HOH HOH B . 
D 3 HOH 51  171 62  HOH HOH B . 
D 3 HOH 52  172 63  HOH HOH B . 
D 3 HOH 53  173 64  HOH HOH B . 
D 3 HOH 54  174 67  HOH HOH B . 
D 3 HOH 55  175 68  HOH HOH B . 
D 3 HOH 56  176 69  HOH HOH B . 
D 3 HOH 57  177 70  HOH HOH B . 
D 3 HOH 58  178 71  HOH HOH B . 
D 3 HOH 59  179 72  HOH HOH B . 
D 3 HOH 60  180 74  HOH HOH B . 
D 3 HOH 61  181 75  HOH HOH B . 
D 3 HOH 62  182 77  HOH HOH B . 
D 3 HOH 63  183 78  HOH HOH B . 
D 3 HOH 64  184 79  HOH HOH B . 
D 3 HOH 65  185 80  HOH HOH B . 
D 3 HOH 66  186 81  HOH HOH B . 
D 3 HOH 67  187 82  HOH HOH B . 
D 3 HOH 68  188 83  HOH HOH B . 
D 3 HOH 69  189 84  HOH HOH B . 
D 3 HOH 70  190 89  HOH HOH B . 
D 3 HOH 71  191 90  HOH HOH B . 
D 3 HOH 72  192 91  HOH HOH B . 
D 3 HOH 73  193 93  HOH HOH B . 
D 3 HOH 74  194 94  HOH HOH B . 
D 3 HOH 75  195 97  HOH HOH B . 
D 3 HOH 76  196 99  HOH HOH B . 
D 3 HOH 77  197 100 HOH HOH B . 
D 3 HOH 78  198 101 HOH HOH B . 
D 3 HOH 79  199 102 HOH HOH B . 
D 3 HOH 80  200 103 HOH HOH B . 
D 3 HOH 81  201 104 HOH HOH B . 
D 3 HOH 82  202 105 HOH HOH B . 
D 3 HOH 83  203 106 HOH HOH B . 
D 3 HOH 84  204 107 HOH HOH B . 
D 3 HOH 85  205 108 HOH HOH B . 
D 3 HOH 86  206 109 HOH HOH B . 
D 3 HOH 87  207 110 HOH HOH B . 
D 3 HOH 88  208 112 HOH HOH B . 
D 3 HOH 89  209 113 HOH HOH B . 
D 3 HOH 90  210 114 HOH HOH B . 
D 3 HOH 91  211 115 HOH HOH B . 
D 3 HOH 92  212 116 HOH HOH B . 
D 3 HOH 93  213 117 HOH HOH B . 
D 3 HOH 94  214 118 HOH HOH B . 
D 3 HOH 95  215 119 HOH HOH B . 
D 3 HOH 96  216 120 HOH HOH B . 
D 3 HOH 97  217 121 HOH HOH B . 
D 3 HOH 98  218 122 HOH HOH B . 
D 3 HOH 99  219 123 HOH HOH B . 
D 3 HOH 100 220 124 HOH HOH B . 
D 3 HOH 101 221 125 HOH HOH B . 
D 3 HOH 102 222 126 HOH HOH B . 
D 3 HOH 103 223 127 HOH HOH B . 
D 3 HOH 104 224 128 HOH HOH B . 
D 3 HOH 105 225 131 HOH HOH B . 
D 3 HOH 106 226 132 HOH HOH B . 
D 3 HOH 107 227 133 HOH HOH B . 
D 3 HOH 108 228 134 HOH HOH B . 
D 3 HOH 109 229 135 HOH HOH B . 
D 3 HOH 110 230 136 HOH HOH B . 
D 3 HOH 111 231 137 HOH HOH B . 
D 3 HOH 112 232 138 HOH HOH B . 
D 3 HOH 113 233 139 HOH HOH B . 
D 3 HOH 114 234 140 HOH HOH B . 
D 3 HOH 115 235 141 HOH HOH B . 
D 3 HOH 116 236 142 HOH HOH B . 
D 3 HOH 117 237 143 HOH HOH B . 
D 3 HOH 118 238 144 HOH HOH B . 
D 3 HOH 119 239 145 HOH HOH B . 
D 3 HOH 120 240 146 HOH HOH B . 
D 3 HOH 121 241 147 HOH HOH B . 
D 3 HOH 122 242 149 HOH HOH B . 
D 3 HOH 123 243 150 HOH HOH B . 
D 3 HOH 124 244 151 HOH HOH B . 
D 3 HOH 125 245 152 HOH HOH B . 
D 3 HOH 126 246 153 HOH HOH B . 
D 3 HOH 127 247 154 HOH HOH B . 
D 3 HOH 128 248 156 HOH HOH B . 
D 3 HOH 129 249 158 HOH HOH B . 
# 
loop_
_pdbx_unobs_or_zero_occ_atoms.id 
_pdbx_unobs_or_zero_occ_atoms.PDB_model_num 
_pdbx_unobs_or_zero_occ_atoms.polymer_flag 
_pdbx_unobs_or_zero_occ_atoms.occupancy_flag 
_pdbx_unobs_or_zero_occ_atoms.auth_asym_id 
_pdbx_unobs_or_zero_occ_atoms.auth_comp_id 
_pdbx_unobs_or_zero_occ_atoms.auth_seq_id 
_pdbx_unobs_or_zero_occ_atoms.PDB_ins_code 
_pdbx_unobs_or_zero_occ_atoms.auth_atom_id 
_pdbx_unobs_or_zero_occ_atoms.label_alt_id 
_pdbx_unobs_or_zero_occ_atoms.label_asym_id 
_pdbx_unobs_or_zero_occ_atoms.label_comp_id 
_pdbx_unobs_or_zero_occ_atoms.label_seq_id 
_pdbx_unobs_or_zero_occ_atoms.label_atom_id 
1 1 Y 1 A LYS 2   ? CG ? A LYS 2  CG 
2 1 Y 1 A LYS 2   ? CD ? A LYS 2  CD 
3 1 Y 1 A LYS 2   ? CE ? A LYS 2  CE 
4 1 Y 1 A LYS 2   ? NZ ? A LYS 2  NZ 
5 1 Y 1 B LYS 102 ? CG ? B LYS 78 CG 
6 1 Y 1 B LYS 102 ? CD ? B LYS 78 CD 
7 1 Y 1 B LYS 102 ? CE ? B LYS 78 CE 
8 1 Y 1 B LYS 102 ? NZ ? B LYS 78 NZ 
# 
loop_
_software.name 
_software.classification 
_software.version 
_software.citation_id 
_software.pdbx_ordinal 
HKL-2000  'data collection' . ? 1 
SCALEPACK 'data scaling'    . ? 2 
AMoRE     phasing           . ? 3 
CNS       refinement        . ? 4 
HKL-2000  'data reduction'  . ? 5 
# 
_cell.entry_id           1VC3 
_cell.length_a           67.530 
_cell.length_b           67.530 
_cell.length_c           47.800 
_cell.angle_alpha        90.00 
_cell.angle_beta         90.00 
_cell.angle_gamma        90.00 
_cell.Z_PDB              8 
_cell.pdbx_unique_axis   ? 
# 
_symmetry.entry_id                         1VC3 
_symmetry.space_group_name_H-M             'I 4' 
_symmetry.pdbx_full_space_group_name_H-M   ? 
_symmetry.cell_setting                     ? 
_symmetry.Int_Tables_number                79 
_symmetry.space_group_name_Hall            ? 
# 
_exptl.entry_id          1VC3 
_exptl.method            'X-RAY DIFFRACTION' 
_exptl.crystals_number   1 
# 
_exptl_crystal.id                    1 
_exptl_crystal.density_meas          ? 
_exptl_crystal.density_Matthews      2.08 
_exptl_crystal.density_percent_sol   40.86 
_exptl_crystal.description           ? 
_exptl_crystal.F_000                 ? 
_exptl_crystal.preparation           ? 
# 
_exptl_crystal_grow.crystal_id      1 
_exptl_crystal_grow.method          'VAPOR DIFFUSION, HANGING DROP' 
_exptl_crystal_grow.temp            293 
_exptl_crystal_grow.temp_details    ? 
_exptl_crystal_grow.pH              7.0 
_exptl_crystal_grow.pdbx_details    'Potassium Sodium Tartrate, pH 7.0, VAPOR DIFFUSION, HANGING DROP, temperature 293K' 
_exptl_crystal_grow.pdbx_pH_range   . 
# 
_diffrn.id                     1 
_diffrn.ambient_temp           100 
_diffrn.ambient_temp_details   ? 
_diffrn.crystal_id             1 
# 
_diffrn_detector.diffrn_id              1 
_diffrn_detector.detector               CCD 
_diffrn_detector.type                   MARRESEARCH 
_diffrn_detector.pdbx_collection_date   2003-05-24 
_diffrn_detector.details                ? 
# 
_diffrn_radiation.diffrn_id                        1 
_diffrn_radiation.wavelength_id                    1 
_diffrn_radiation.pdbx_monochromatic_or_laue_m_l   M 
_diffrn_radiation.monochromator                    ? 
_diffrn_radiation.pdbx_diffrn_protocol             'SINGLE WAVELENGTH' 
_diffrn_radiation.pdbx_scattering_type             x-ray 
# 
_diffrn_radiation_wavelength.id           1 
_diffrn_radiation_wavelength.wavelength   0.6 
_diffrn_radiation_wavelength.wt           1.0 
# 
_diffrn_source.diffrn_id                   1 
_diffrn_source.source                      SYNCHROTRON 
_diffrn_source.type                        'SPRING-8 BEAMLINE BL44B2' 
_diffrn_source.pdbx_synchrotron_site       SPring-8 
_diffrn_source.pdbx_synchrotron_beamline   BL44B2 
_diffrn_source.pdbx_wavelength             ? 
_diffrn_source.pdbx_wavelength_list        0.6 
# 
_reflns.entry_id                     1VC3 
_reflns.observed_criterion_sigma_F   ? 
_reflns.observed_criterion_sigma_I   ? 
_reflns.d_resolution_high            1.04 
_reflns.d_resolution_low             50.0 
_reflns.number_all                   ? 
_reflns.number_obs                   16744 
_reflns.percent_possible_obs         97.1 
_reflns.pdbx_Rmerge_I_obs            ? 
_reflns.pdbx_Rsym_value              ? 
_reflns.pdbx_netI_over_sigmaI        ? 
_reflns.B_iso_Wilson_estimate        ? 
_reflns.pdbx_redundancy              ? 
_reflns.R_free_details               ? 
_reflns.limit_h_max                  ? 
_reflns.limit_h_min                  ? 
_reflns.limit_k_max                  ? 
_reflns.limit_k_min                  ? 
_reflns.limit_l_max                  ? 
_reflns.limit_l_min                  ? 
_reflns.observed_criterion_F_max     ? 
_reflns.observed_criterion_F_min     ? 
_reflns.pdbx_chi_squared             ? 
_reflns.pdbx_scaling_rejects         ? 
_reflns.pdbx_ordinal                 1 
_reflns.pdbx_diffrn_id               1 
# 
_reflns_shell.d_res_high             1.04 
_reflns_shell.d_res_low              1.08 
_reflns_shell.percent_possible_all   96.4 
_reflns_shell.Rmerge_I_obs           ? 
_reflns_shell.pdbx_Rsym_value        ? 
_reflns_shell.meanI_over_sigI_obs    ? 
_reflns_shell.pdbx_redundancy        ? 
_reflns_shell.percent_possible_obs   ? 
_reflns_shell.number_unique_all      ? 
_reflns_shell.number_measured_all    ? 
_reflns_shell.number_measured_obs    ? 
_reflns_shell.number_unique_obs      ? 
_reflns_shell.pdbx_chi_squared       ? 
_reflns_shell.pdbx_ordinal           1 
_reflns_shell.pdbx_diffrn_id         1 
# 
_refine.entry_id                                 1VC3 
_refine.ls_d_res_high                            1.50 
_refine.ls_d_res_low                             10.0 
_refine.pdbx_ls_sigma_F                          2.0 
_refine.pdbx_ls_sigma_I                          ? 
_refine.ls_number_reflns_all                     17252 
_refine.ls_number_reflns_obs                     16653 
_refine.ls_number_reflns_R_free                  1702 
_refine.ls_percent_reflns_obs                    ? 
_refine.ls_R_factor_all                          ? 
_refine.ls_R_factor_obs                          ? 
_refine.ls_R_factor_R_work                       0.2151 
_refine.ls_R_factor_R_free                       0.2469 
_refine.ls_redundancy_reflns_obs                 ? 
_refine.pdbx_data_cutoff_high_absF               ? 
_refine.pdbx_data_cutoff_low_absF                ? 
_refine.ls_number_parameters                     ? 
_refine.ls_number_restraints                     ? 
_refine.ls_percent_reflns_R_free                 10 
_refine.ls_R_factor_R_free_error                 ? 
_refine.ls_R_factor_R_free_error_details         ? 
_refine.pdbx_method_to_determine_struct          'MOLECULAR REPLACEMENT' 
_refine.pdbx_starting_model                      ? 
_refine.pdbx_ls_cross_valid_method               ? 
_refine.pdbx_R_Free_selection_details            RANDOM 
_refine.pdbx_stereochem_target_val_spec_case     ? 
_refine.pdbx_stereochemistry_target_values       ? 
_refine.solvent_model_details                    ? 
_refine.solvent_model_param_bsol                 ? 
_refine.solvent_model_param_ksol                 ? 
_refine.occupancy_max                            ? 
_refine.occupancy_min                            ? 
_refine.pdbx_isotropic_thermal_model             ? 
_refine.B_iso_mean                               ? 
_refine.aniso_B[1][1]                            ? 
_refine.aniso_B[1][2]                            ? 
_refine.aniso_B[1][3]                            ? 
_refine.aniso_B[2][2]                            ? 
_refine.aniso_B[2][3]                            ? 
_refine.aniso_B[3][3]                            ? 
_refine.details                                  ? 
_refine.B_iso_min                                ? 
_refine.B_iso_max                                ? 
_refine.correlation_coeff_Fo_to_Fc               ? 
_refine.correlation_coeff_Fo_to_Fc_free          ? 
_refine.pdbx_solvent_vdw_probe_radii             ? 
_refine.pdbx_solvent_ion_probe_radii             ? 
_refine.pdbx_solvent_shrinkage_radii             ? 
_refine.overall_SU_R_Cruickshank_DPI             ? 
_refine.overall_SU_R_free                        ? 
_refine.overall_SU_B                             ? 
_refine.overall_SU_ML                            ? 
_refine.pdbx_overall_ESU_R                       ? 
_refine.pdbx_overall_ESU_R_Free                  ? 
_refine.pdbx_data_cutoff_high_rms_absF           ? 
_refine.ls_wR_factor_R_free                      ? 
_refine.ls_wR_factor_R_work                      ? 
_refine.overall_FOM_free_R_set                   ? 
_refine.overall_FOM_work_R_set                   ? 
_refine.pdbx_refine_id                           'X-RAY DIFFRACTION' 
_refine.pdbx_diffrn_id                           1 
_refine.pdbx_TLS_residual_ADP_flag               ? 
_refine.pdbx_overall_phase_error                 ? 
_refine.pdbx_overall_SU_R_free_Cruickshank_DPI   ? 
_refine.pdbx_overall_SU_R_Blow_DPI               ? 
_refine.pdbx_overall_SU_R_free_Blow_DPI          ? 
# 
_refine_analyze.entry_id                        1VC3 
_refine_analyze.Luzzati_coordinate_error_obs    0.17 
_refine_analyze.Luzzati_sigma_a_obs             0.17 
_refine_analyze.Luzzati_d_res_low_obs           5.0 
_refine_analyze.Luzzati_coordinate_error_free   0.10 
_refine_analyze.Luzzati_sigma_a_free            0.10 
_refine_analyze.Luzzati_d_res_low_free          ? 
_refine_analyze.number_disordered_residues      ? 
_refine_analyze.occupancy_sum_non_hydrogen      ? 
_refine_analyze.occupancy_sum_hydrogen          ? 
_refine_analyze.pdbx_Luzzati_d_res_high_obs     ? 
_refine_analyze.pdbx_refine_id                  'X-RAY DIFFRACTION' 
# 
_refine_hist.pdbx_refine_id                   'X-RAY DIFFRACTION' 
_refine_hist.cycle_id                         LAST 
_refine_hist.pdbx_number_atoms_protein        913 
_refine_hist.pdbx_number_atoms_nucleic_acid   0 
_refine_hist.pdbx_number_atoms_ligand         0 
_refine_hist.number_atoms_solvent             158 
_refine_hist.number_atoms_total               1071 
_refine_hist.d_res_high                       1.50 
_refine_hist.d_res_low                        10.0 
# 
loop_
_refine_ls_restr.type 
_refine_ls_restr.dev_ideal 
_refine_ls_restr.dev_ideal_target 
_refine_ls_restr.weight 
_refine_ls_restr.number 
_refine_ls_restr.pdbx_refine_id 
_refine_ls_restr.pdbx_restraint_function 
c_bond_d    0.007 ? ? ? 'X-RAY DIFFRACTION' ? 
c_angle_deg 1.70  ? ? ? 'X-RAY DIFFRACTION' ? 
# 
_struct.entry_id                  1VC3 
_struct.title                     'Crystal Structure of L-Aspartate-alpha-Decarboxylase' 
_struct.pdbx_model_details        ? 
_struct.pdbx_CASP_flag            ? 
_struct.pdbx_model_type_details   ? 
# 
_struct_keywords.entry_id        1VC3 
_struct_keywords.pdbx_keywords   LYASE 
_struct_keywords.text            
'Tetramer, pyruvoyl group, RIKEN Structural Genomics/Proteomics Initiative, RSGI, Structural Genomics, LYASE' 
# 
loop_
_struct_asym.id 
_struct_asym.pdbx_blank_PDB_chainid_flag 
_struct_asym.pdbx_modified 
_struct_asym.entity_id 
_struct_asym.details 
A N N 1 ? 
B N N 2 ? 
C N N 3 ? 
D N N 3 ? 
# 
loop_
_struct_ref.id 
_struct_ref.entity_id 
_struct_ref.db_name 
_struct_ref.db_code 
_struct_ref.pdbx_db_accession 
_struct_ref.pdbx_db_isoform 
_struct_ref.pdbx_seq_one_letter_code 
_struct_ref.pdbx_align_begin 
1 1 UNP PAND_THET8 Q5SKN7 ? ? ? 
2 2 PDB 1VC3       1VC3   ? ? ? 
# 
loop_
_struct_ref_seq.align_id 
_struct_ref_seq.ref_id 
_struct_ref_seq.pdbx_PDB_id_code 
_struct_ref_seq.pdbx_strand_id 
_struct_ref_seq.seq_align_beg 
_struct_ref_seq.pdbx_seq_align_beg_ins_code 
_struct_ref_seq.seq_align_end 
_struct_ref_seq.pdbx_seq_align_end_ins_code 
_struct_ref_seq.pdbx_db_accession 
_struct_ref_seq.db_align_beg 
_struct_ref_seq.pdbx_db_align_beg_ins_code 
_struct_ref_seq.db_align_end 
_struct_ref_seq.pdbx_db_align_end_ins_code 
_struct_ref_seq.pdbx_auth_seq_align_beg 
_struct_ref_seq.pdbx_auth_seq_align_end 
1 1 1VC3 A 1 ? 24 ? Q5SKN7 1  ? 24  ? 1  24  
2 2 1VC3 B 1 ? 96 ? 1VC3   25 ? 120 ? 25 120 
# 
loop_
_pdbx_struct_assembly.id 
_pdbx_struct_assembly.details 
_pdbx_struct_assembly.method_details 
_pdbx_struct_assembly.oligomeric_details 
_pdbx_struct_assembly.oligomeric_count 
1 author_defined_assembly   ?        tetrameric 4 
2 software_defined_assembly PISA,PQS octameric  8 
# 
loop_
_pdbx_struct_assembly_prop.biol_id 
_pdbx_struct_assembly_prop.type 
_pdbx_struct_assembly_prop.value 
_pdbx_struct_assembly_prop.details 
2 'ABSA (A^2)' 23620 ? 
2 MORE         -121  ? 
2 'SSA (A^2)'  16100 ? 
# 
loop_
_pdbx_struct_assembly_gen.assembly_id 
_pdbx_struct_assembly_gen.oper_expression 
_pdbx_struct_assembly_gen.asym_id_list 
1 1,2     A,B,C,D 
2 1,3,2,4 A,B,C,D 
# 
loop_
_pdbx_struct_oper_list.id 
_pdbx_struct_oper_list.type 
_pdbx_struct_oper_list.name 
_pdbx_struct_oper_list.symmetry_operation 
_pdbx_struct_oper_list.matrix[1][1] 
_pdbx_struct_oper_list.matrix[1][2] 
_pdbx_struct_oper_list.matrix[1][3] 
_pdbx_struct_oper_list.vector[1] 
_pdbx_struct_oper_list.matrix[2][1] 
_pdbx_struct_oper_list.matrix[2][2] 
_pdbx_struct_oper_list.matrix[2][3] 
_pdbx_struct_oper_list.vector[2] 
_pdbx_struct_oper_list.matrix[3][1] 
_pdbx_struct_oper_list.matrix[3][2] 
_pdbx_struct_oper_list.matrix[3][3] 
_pdbx_struct_oper_list.vector[3] 
1 'identity operation'         1_555 x,y,z      1.0000000000  0.0000000000  0.0000000000  0.0000000000   0.0000000000  1.0000000000  0.0000000000 0.0000000000  0.0000000000  0.0000000000 1.0000000000 0.0000000000   
2 'crystal symmetry operation' 3_645 -y+1,x-1,z 0.0976589090  -0.9820339235 0.1614686053  17.7331779869  0.7153500083  0.1820630380  0.6746313185 14.3547240129 -0.6919083054 0.0496228096 0.7202780530 -0.6872946537  
3 'crystal symmetry operation' 2_755 -x+2,-y,z  -0.8046821819 -0.2666839152 -0.5304397001 5.2571783501   -0.2666839152 -0.6358739241 0.7242541281 29.1899471972 -0.5304397001 0.7242541281 0.4405561060 -12.7397493031 
4 'crystal symmetry operation' 4_665 y+1,-x+1,z 0.0976589090  0.7153500083  -0.6919083054 -12.4759996368 -0.9820339235 0.1820630380  0.0496228096 14.8352231843 0.1614686053  0.6746313185 0.7202780530 -12.0524546494 
# 
_struct_biol.id                    1 
_struct_biol.pdbx_parent_biol_id   ? 
_struct_biol.details               ? 
# 
loop_
_struct_conf.conf_type_id 
_struct_conf.id 
_struct_conf.pdbx_PDB_helix_id 
_struct_conf.beg_label_comp_id 
_struct_conf.beg_label_asym_id 
_struct_conf.beg_label_seq_id 
_struct_conf.pdbx_beg_PDB_ins_code 
_struct_conf.end_label_comp_id 
_struct_conf.end_label_asym_id 
_struct_conf.end_label_seq_id 
_struct_conf.pdbx_end_PDB_ins_code 
_struct_conf.beg_auth_comp_id 
_struct_conf.beg_auth_asym_id 
_struct_conf.beg_auth_seq_id 
_struct_conf.end_auth_comp_id 
_struct_conf.end_auth_asym_id 
_struct_conf.end_auth_seq_id 
_struct_conf.pdbx_PDB_helix_class 
_struct_conf.details 
_struct_conf.pdbx_PDB_helix_length 
HELX_P HELX_P1 1 GLN B 6  ? GLY B 13 ? GLN B 30 GLY B 37 1 ? 8 
HELX_P HELX_P2 2 ALA B 50 ? LEU B 54 ? ALA B 74 LEU B 78 5 ? 5 
HELX_P HELX_P3 3 ASP B 70 ? ARG B 75 ? ASP B 94 ARG B 99 1 ? 6 
# 
_struct_conf_type.id          HELX_P 
_struct_conf_type.criteria    ? 
_struct_conf_type.reference   ? 
# 
_struct_conn.id                            covale1 
_struct_conn.conn_type_id                  covale 
_struct_conn.pdbx_leaving_atom_flag        both 
_struct_conn.pdbx_PDB_id                   ? 
_struct_conn.ptnr1_label_asym_id           B 
_struct_conn.ptnr1_label_comp_id           PYR 
_struct_conn.ptnr1_label_seq_id            1 
_struct_conn.ptnr1_label_atom_id           C 
_struct_conn.pdbx_ptnr1_label_alt_id       ? 
_struct_conn.pdbx_ptnr1_PDB_ins_code       ? 
_struct_conn.pdbx_ptnr1_standard_comp_id   ? 
_struct_conn.ptnr1_symmetry                1_555 
_struct_conn.ptnr2_label_asym_id           B 
_struct_conn.ptnr2_label_comp_id           VAL 
_struct_conn.ptnr2_label_seq_id            2 
_struct_conn.ptnr2_label_atom_id           N 
_struct_conn.pdbx_ptnr2_label_alt_id       ? 
_struct_conn.pdbx_ptnr2_PDB_ins_code       ? 
_struct_conn.ptnr1_auth_asym_id            B 
_struct_conn.ptnr1_auth_comp_id            PYR 
_struct_conn.ptnr1_auth_seq_id             25 
_struct_conn.ptnr2_auth_asym_id            B 
_struct_conn.ptnr2_auth_comp_id            VAL 
_struct_conn.ptnr2_auth_seq_id             26 
_struct_conn.ptnr2_symmetry                1_555 
_struct_conn.pdbx_ptnr3_label_atom_id      ? 
_struct_conn.pdbx_ptnr3_label_seq_id       ? 
_struct_conn.pdbx_ptnr3_label_comp_id      ? 
_struct_conn.pdbx_ptnr3_label_asym_id      ? 
_struct_conn.pdbx_ptnr3_label_alt_id       ? 
_struct_conn.pdbx_ptnr3_PDB_ins_code       ? 
_struct_conn.details                       ? 
_struct_conn.pdbx_dist_value               1.331 
_struct_conn.pdbx_value_order              ? 
_struct_conn.pdbx_role                     ? 
# 
_struct_conn_type.id          covale 
_struct_conn_type.criteria    ? 
_struct_conn_type.reference   ? 
# 
_pdbx_modification_feature.ordinal                            1 
_pdbx_modification_feature.label_comp_id                      PYR 
_pdbx_modification_feature.label_asym_id                      B 
_pdbx_modification_feature.label_seq_id                       1 
_pdbx_modification_feature.label_alt_id                       ? 
_pdbx_modification_feature.modified_residue_label_comp_id     . 
_pdbx_modification_feature.modified_residue_label_asym_id     . 
_pdbx_modification_feature.modified_residue_label_seq_id      . 
_pdbx_modification_feature.modified_residue_label_alt_id      . 
_pdbx_modification_feature.auth_comp_id                       PYR 
_pdbx_modification_feature.auth_asym_id                       B 
_pdbx_modification_feature.auth_seq_id                        25 
_pdbx_modification_feature.PDB_ins_code                       ? 
_pdbx_modification_feature.symmetry                           1_555 
_pdbx_modification_feature.modified_residue_auth_comp_id      . 
_pdbx_modification_feature.modified_residue_auth_asym_id      . 
_pdbx_modification_feature.modified_residue_auth_seq_id       . 
_pdbx_modification_feature.modified_residue_PDB_ins_code      . 
_pdbx_modification_feature.modified_residue_symmetry          . 
_pdbx_modification_feature.comp_id_linking_atom               . 
_pdbx_modification_feature.modified_residue_id_linking_atom   . 
_pdbx_modification_feature.modified_residue_id                ? 
_pdbx_modification_feature.ref_pcm_id                         1 
_pdbx_modification_feature.ref_comp_id                        PYR 
_pdbx_modification_feature.type                               None 
_pdbx_modification_feature.category                           'Non-standard residue' 
# 
loop_
_struct_sheet.id 
_struct_sheet.type 
_struct_sheet.number_strands 
_struct_sheet.details 
A ? 6 ? 
B ? 4 ? 
# 
loop_
_struct_sheet_order.sheet_id 
_struct_sheet_order.range_id_1 
_struct_sheet_order.range_id_2 
_struct_sheet_order.offset 
_struct_sheet_order.sense 
A 1 2 ? anti-parallel 
A 2 3 ? anti-parallel 
A 3 4 ? anti-parallel 
A 4 5 ? parallel      
A 5 6 ? anti-parallel 
B 1 2 ? parallel      
B 2 3 ? anti-parallel 
B 3 4 ? parallel      
# 
loop_
_struct_sheet_range.sheet_id 
_struct_sheet_range.id 
_struct_sheet_range.beg_label_comp_id 
_struct_sheet_range.beg_label_asym_id 
_struct_sheet_range.beg_label_seq_id 
_struct_sheet_range.pdbx_beg_PDB_ins_code 
_struct_sheet_range.end_label_comp_id 
_struct_sheet_range.end_label_asym_id 
_struct_sheet_range.end_label_seq_id 
_struct_sheet_range.pdbx_end_PDB_ins_code 
_struct_sheet_range.beg_auth_comp_id 
_struct_sheet_range.beg_auth_asym_id 
_struct_sheet_range.beg_auth_seq_id 
_struct_sheet_range.end_auth_comp_id 
_struct_sheet_range.end_auth_asym_id 
_struct_sheet_range.end_auth_seq_id 
A 1 ARG B 30 ? TYR B 34 ? ARG B 54  TYR B 58  
A 2 GLN B 19 ? ASP B 24 ? GLN B 43  ASP B 48  
A 3 LEU B 60 ? PHE B 69 ? LEU B 84  PHE B 93  
A 4 ARG A 3  ? THR A 14 ? ARG A 3   THR A 14  
A 5 THR B 80 ? VAL B 84 ? THR B 104 VAL B 108 
A 6 ILE B 90 ? LYS B 95 ? ILE B 114 LYS B 119 
B 1 GLN A 17 ? ASP A 19 ? GLN A 17  ASP A 19  
B 2 ILE B 45 ? ASN B 48 ? ILE B 69  ASN B 72  
B 3 THR B 3  ? ASP B 5  ? THR B 27  ASP B 29  
B 4 LEU B 36 ? GLY B 38 ? LEU B 60  GLY B 62  
# 
loop_
_pdbx_struct_sheet_hbond.sheet_id 
_pdbx_struct_sheet_hbond.range_id_1 
_pdbx_struct_sheet_hbond.range_id_2 
_pdbx_struct_sheet_hbond.range_1_label_atom_id 
_pdbx_struct_sheet_hbond.range_1_label_comp_id 
_pdbx_struct_sheet_hbond.range_1_label_asym_id 
_pdbx_struct_sheet_hbond.range_1_label_seq_id 
_pdbx_struct_sheet_hbond.range_1_PDB_ins_code 
_pdbx_struct_sheet_hbond.range_1_auth_atom_id 
_pdbx_struct_sheet_hbond.range_1_auth_comp_id 
_pdbx_struct_sheet_hbond.range_1_auth_asym_id 
_pdbx_struct_sheet_hbond.range_1_auth_seq_id 
_pdbx_struct_sheet_hbond.range_2_label_atom_id 
_pdbx_struct_sheet_hbond.range_2_label_comp_id 
_pdbx_struct_sheet_hbond.range_2_label_asym_id 
_pdbx_struct_sheet_hbond.range_2_label_seq_id 
_pdbx_struct_sheet_hbond.range_2_PDB_ins_code 
_pdbx_struct_sheet_hbond.range_2_auth_atom_id 
_pdbx_struct_sheet_hbond.range_2_auth_comp_id 
_pdbx_struct_sheet_hbond.range_2_auth_asym_id 
_pdbx_struct_sheet_hbond.range_2_auth_seq_id 
A 1 2 O LEU B 31 ? O LEU B 55  N ILE B 22 ? N ILE B 46  
A 2 3 N ASP B 21 ? N ASP B 45  O VAL B 64 ? O VAL B 88  
A 3 4 O PHE B 69 ? O PHE B 93  N ARG A 3  ? N ARG A 3   
A 4 5 N HIS A 11 ? N HIS A 11  O VAL B 82 ? O VAL B 106 
A 5 6 N LEU B 83 ? N LEU B 107 O LEU B 91 ? O LEU B 115 
B 1 2 N ASP A 19 ? N ASP A 19  O ILE B 47 ? O ILE B 71  
B 2 3 O GLY B 46 ? O GLY B 70  N THR B 3  ? N THR B 27  
B 3 4 N VAL B 4  ? N VAL B 28  O LEU B 36 ? O LEU B 60  
# 
_pdbx_entry_details.entry_id                   1VC3 
_pdbx_entry_details.compound_details           ? 
_pdbx_entry_details.source_details             ? 
_pdbx_entry_details.nonpolymer_details         ? 
_pdbx_entry_details.sequence_details           ? 
_pdbx_entry_details.has_ligand_of_interest     ? 
_pdbx_entry_details.has_protein_modification   Y 
# 
loop_
_pdbx_validate_rmsd_angle.id 
_pdbx_validate_rmsd_angle.PDB_model_num 
_pdbx_validate_rmsd_angle.auth_atom_id_1 
_pdbx_validate_rmsd_angle.auth_asym_id_1 
_pdbx_validate_rmsd_angle.auth_comp_id_1 
_pdbx_validate_rmsd_angle.auth_seq_id_1 
_pdbx_validate_rmsd_angle.PDB_ins_code_1 
_pdbx_validate_rmsd_angle.label_alt_id_1 
_pdbx_validate_rmsd_angle.auth_atom_id_2 
_pdbx_validate_rmsd_angle.auth_asym_id_2 
_pdbx_validate_rmsd_angle.auth_comp_id_2 
_pdbx_validate_rmsd_angle.auth_seq_id_2 
_pdbx_validate_rmsd_angle.PDB_ins_code_2 
_pdbx_validate_rmsd_angle.label_alt_id_2 
_pdbx_validate_rmsd_angle.auth_atom_id_3 
_pdbx_validate_rmsd_angle.auth_asym_id_3 
_pdbx_validate_rmsd_angle.auth_comp_id_3 
_pdbx_validate_rmsd_angle.auth_seq_id_3 
_pdbx_validate_rmsd_angle.PDB_ins_code_3 
_pdbx_validate_rmsd_angle.label_alt_id_3 
_pdbx_validate_rmsd_angle.angle_value 
_pdbx_validate_rmsd_angle.angle_target_value 
_pdbx_validate_rmsd_angle.angle_deviation 
_pdbx_validate_rmsd_angle.angle_standard_deviation 
_pdbx_validate_rmsd_angle.linker_flag 
1  1 CB A ALA 8   ? ? CA A ALA 8   ? ? C A ALA 8   ? ? 120.16 110.10 10.06 1.50 N 
2  1 CB A ALA 13  ? ? CA A ALA 13  ? ? C A ALA 13  ? ? 120.69 110.10 10.59 1.50 N 
3  1 CB A ALA 18  ? ? CA A ALA 18  ? ? C A ALA 18  ? ? 121.67 110.10 11.57 1.50 N 
4  1 CB B ALA 35  ? ? CA B ALA 35  ? ? C B ALA 35  ? ? 121.12 110.10 11.02 1.50 N 
5  1 CB B ALA 36  ? ? CA B ALA 36  ? ? C B ALA 36  ? ? 119.66 110.10 9.56  1.50 N 
6  1 CB B ALA 53  ? ? CA B ALA 53  ? ? C B ALA 53  ? ? 121.05 110.10 10.95 1.50 N 
7  1 CB B ALA 59  ? ? CA B ALA 59  ? ? C B ALA 59  ? ? 119.45 110.10 9.35  1.50 N 
8  1 CB B ALA 74  ? ? CA B ALA 74  ? ? C B ALA 74  ? ? 120.53 110.10 10.43 1.50 N 
9  1 CB B ALA 75  ? ? CA B ALA 75  ? ? C B ALA 75  ? ? 120.67 110.10 10.57 1.50 N 
10 1 CB B ALA 76  ? ? CA B ALA 76  ? ? C B ALA 76  ? ? 120.95 110.10 10.85 1.50 N 
11 1 CB B ALA 89  ? ? CA B ALA 89  ? ? C B ALA 89  ? ? 120.95 110.10 10.85 1.50 N 
12 1 CB B ALA 98  ? ? CA B ALA 98  ? ? C B ALA 98  ? ? 121.23 110.10 11.13 1.50 N 
13 1 CB B LYS 102 ? ? CA B LYS 102 ? ? C B LYS 102 ? ? 122.44 110.40 12.04 2.00 N 
# 
loop_
_pdbx_validate_torsion.id 
_pdbx_validate_torsion.PDB_model_num 
_pdbx_validate_torsion.auth_comp_id 
_pdbx_validate_torsion.auth_asym_id 
_pdbx_validate_torsion.auth_seq_id 
_pdbx_validate_torsion.PDB_ins_code 
_pdbx_validate_torsion.label_alt_id 
_pdbx_validate_torsion.phi 
_pdbx_validate_torsion.psi 
1 1 PHE B 41  ? ? 81.98   -1.14   
2 1 THR B 57  ? ? -157.60 -153.43 
3 1 ASN B 112 ? ? 70.59   31.36   
# 
_pdbx_SG_project.id                    1 
_pdbx_SG_project.project_name          ? 
_pdbx_SG_project.full_name_of_center   'RIKEN Structural Genomics/Proteomics Initiative' 
_pdbx_SG_project.initial_of_center     RSGI 
# 
loop_
_chem_comp_atom.comp_id 
_chem_comp_atom.atom_id 
_chem_comp_atom.type_symbol 
_chem_comp_atom.pdbx_aromatic_flag 
_chem_comp_atom.pdbx_stereo_config 
_chem_comp_atom.pdbx_ordinal 
ALA N    N N N 1   
ALA CA   C N S 2   
ALA C    C N N 3   
ALA O    O N N 4   
ALA CB   C N N 5   
ALA OXT  O N N 6   
ALA H    H N N 7   
ALA H2   H N N 8   
ALA HA   H N N 9   
ALA HB1  H N N 10  
ALA HB2  H N N 11  
ALA HB3  H N N 12  
ALA HXT  H N N 13  
ARG N    N N N 14  
ARG CA   C N S 15  
ARG C    C N N 16  
ARG O    O N N 17  
ARG CB   C N N 18  
ARG CG   C N N 19  
ARG CD   C N N 20  
ARG NE   N N N 21  
ARG CZ   C N N 22  
ARG NH1  N N N 23  
ARG NH2  N N N 24  
ARG OXT  O N N 25  
ARG H    H N N 26  
ARG H2   H N N 27  
ARG HA   H N N 28  
ARG HB2  H N N 29  
ARG HB3  H N N 30  
ARG HG2  H N N 31  
ARG HG3  H N N 32  
ARG HD2  H N N 33  
ARG HD3  H N N 34  
ARG HE   H N N 35  
ARG HH11 H N N 36  
ARG HH12 H N N 37  
ARG HH21 H N N 38  
ARG HH22 H N N 39  
ARG HXT  H N N 40  
ASN N    N N N 41  
ASN CA   C N S 42  
ASN C    C N N 43  
ASN O    O N N 44  
ASN CB   C N N 45  
ASN CG   C N N 46  
ASN OD1  O N N 47  
ASN ND2  N N N 48  
ASN OXT  O N N 49  
ASN H    H N N 50  
ASN H2   H N N 51  
ASN HA   H N N 52  
ASN HB2  H N N 53  
ASN HB3  H N N 54  
ASN HD21 H N N 55  
ASN HD22 H N N 56  
ASN HXT  H N N 57  
ASP N    N N N 58  
ASP CA   C N S 59  
ASP C    C N N 60  
ASP O    O N N 61  
ASP CB   C N N 62  
ASP CG   C N N 63  
ASP OD1  O N N 64  
ASP OD2  O N N 65  
ASP OXT  O N N 66  
ASP H    H N N 67  
ASP H2   H N N 68  
ASP HA   H N N 69  
ASP HB2  H N N 70  
ASP HB3  H N N 71  
ASP HD2  H N N 72  
ASP HXT  H N N 73  
GLN N    N N N 74  
GLN CA   C N S 75  
GLN C    C N N 76  
GLN O    O N N 77  
GLN CB   C N N 78  
GLN CG   C N N 79  
GLN CD   C N N 80  
GLN OE1  O N N 81  
GLN NE2  N N N 82  
GLN OXT  O N N 83  
GLN H    H N N 84  
GLN H2   H N N 85  
GLN HA   H N N 86  
GLN HB2  H N N 87  
GLN HB3  H N N 88  
GLN HG2  H N N 89  
GLN HG3  H N N 90  
GLN HE21 H N N 91  
GLN HE22 H N N 92  
GLN HXT  H N N 93  
GLU N    N N N 94  
GLU CA   C N S 95  
GLU C    C N N 96  
GLU O    O N N 97  
GLU CB   C N N 98  
GLU CG   C N N 99  
GLU CD   C N N 100 
GLU OE1  O N N 101 
GLU OE2  O N N 102 
GLU OXT  O N N 103 
GLU H    H N N 104 
GLU H2   H N N 105 
GLU HA   H N N 106 
GLU HB2  H N N 107 
GLU HB3  H N N 108 
GLU HG2  H N N 109 
GLU HG3  H N N 110 
GLU HE2  H N N 111 
GLU HXT  H N N 112 
GLY N    N N N 113 
GLY CA   C N N 114 
GLY C    C N N 115 
GLY O    O N N 116 
GLY OXT  O N N 117 
GLY H    H N N 118 
GLY H2   H N N 119 
GLY HA2  H N N 120 
GLY HA3  H N N 121 
GLY HXT  H N N 122 
HIS N    N N N 123 
HIS CA   C N S 124 
HIS C    C N N 125 
HIS O    O N N 126 
HIS CB   C N N 127 
HIS CG   C Y N 128 
HIS ND1  N Y N 129 
HIS CD2  C Y N 130 
HIS CE1  C Y N 131 
HIS NE2  N Y N 132 
HIS OXT  O N N 133 
HIS H    H N N 134 
HIS H2   H N N 135 
HIS HA   H N N 136 
HIS HB2  H N N 137 
HIS HB3  H N N 138 
HIS HD1  H N N 139 
HIS HD2  H N N 140 
HIS HE1  H N N 141 
HIS HE2  H N N 142 
HIS HXT  H N N 143 
HOH O    O N N 144 
HOH H1   H N N 145 
HOH H2   H N N 146 
ILE N    N N N 147 
ILE CA   C N S 148 
ILE C    C N N 149 
ILE O    O N N 150 
ILE CB   C N S 151 
ILE CG1  C N N 152 
ILE CG2  C N N 153 
ILE CD1  C N N 154 
ILE OXT  O N N 155 
ILE H    H N N 156 
ILE H2   H N N 157 
ILE HA   H N N 158 
ILE HB   H N N 159 
ILE HG12 H N N 160 
ILE HG13 H N N 161 
ILE HG21 H N N 162 
ILE HG22 H N N 163 
ILE HG23 H N N 164 
ILE HD11 H N N 165 
ILE HD12 H N N 166 
ILE HD13 H N N 167 
ILE HXT  H N N 168 
LEU N    N N N 169 
LEU CA   C N S 170 
LEU C    C N N 171 
LEU O    O N N 172 
LEU CB   C N N 173 
LEU CG   C N N 174 
LEU CD1  C N N 175 
LEU CD2  C N N 176 
LEU OXT  O N N 177 
LEU H    H N N 178 
LEU H2   H N N 179 
LEU HA   H N N 180 
LEU HB2  H N N 181 
LEU HB3  H N N 182 
LEU HG   H N N 183 
LEU HD11 H N N 184 
LEU HD12 H N N 185 
LEU HD13 H N N 186 
LEU HD21 H N N 187 
LEU HD22 H N N 188 
LEU HD23 H N N 189 
LEU HXT  H N N 190 
LYS N    N N N 191 
LYS CA   C N S 192 
LYS C    C N N 193 
LYS O    O N N 194 
LYS CB   C N N 195 
LYS CG   C N N 196 
LYS CD   C N N 197 
LYS CE   C N N 198 
LYS NZ   N N N 199 
LYS OXT  O N N 200 
LYS H    H N N 201 
LYS H2   H N N 202 
LYS HA   H N N 203 
LYS HB2  H N N 204 
LYS HB3  H N N 205 
LYS HG2  H N N 206 
LYS HG3  H N N 207 
LYS HD2  H N N 208 
LYS HD3  H N N 209 
LYS HE2  H N N 210 
LYS HE3  H N N 211 
LYS HZ1  H N N 212 
LYS HZ2  H N N 213 
LYS HZ3  H N N 214 
LYS HXT  H N N 215 
MET N    N N N 216 
MET CA   C N S 217 
MET C    C N N 218 
MET O    O N N 219 
MET CB   C N N 220 
MET CG   C N N 221 
MET SD   S N N 222 
MET CE   C N N 223 
MET OXT  O N N 224 
MET H    H N N 225 
MET H2   H N N 226 
MET HA   H N N 227 
MET HB2  H N N 228 
MET HB3  H N N 229 
MET HG2  H N N 230 
MET HG3  H N N 231 
MET HE1  H N N 232 
MET HE2  H N N 233 
MET HE3  H N N 234 
MET HXT  H N N 235 
PHE N    N N N 236 
PHE CA   C N S 237 
PHE C    C N N 238 
PHE O    O N N 239 
PHE CB   C N N 240 
PHE CG   C Y N 241 
PHE CD1  C Y N 242 
PHE CD2  C Y N 243 
PHE CE1  C Y N 244 
PHE CE2  C Y N 245 
PHE CZ   C Y N 246 
PHE OXT  O N N 247 
PHE H    H N N 248 
PHE H2   H N N 249 
PHE HA   H N N 250 
PHE HB2  H N N 251 
PHE HB3  H N N 252 
PHE HD1  H N N 253 
PHE HD2  H N N 254 
PHE HE1  H N N 255 
PHE HE2  H N N 256 
PHE HZ   H N N 257 
PHE HXT  H N N 258 
PRO N    N N N 259 
PRO CA   C N S 260 
PRO C    C N N 261 
PRO O    O N N 262 
PRO CB   C N N 263 
PRO CG   C N N 264 
PRO CD   C N N 265 
PRO OXT  O N N 266 
PRO H    H N N 267 
PRO HA   H N N 268 
PRO HB2  H N N 269 
PRO HB3  H N N 270 
PRO HG2  H N N 271 
PRO HG3  H N N 272 
PRO HD2  H N N 273 
PRO HD3  H N N 274 
PRO HXT  H N N 275 
PYR C    C N N 276 
PYR O    O N N 277 
PYR OXT  O N N 278 
PYR CA   C N N 279 
PYR O3   O N N 280 
PYR CB   C N N 281 
PYR HXT  H N N 282 
PYR HB1  H N N 283 
PYR HB2  H N N 284 
PYR HB3  H N N 285 
SER N    N N N 286 
SER CA   C N S 287 
SER C    C N N 288 
SER O    O N N 289 
SER CB   C N N 290 
SER OG   O N N 291 
SER OXT  O N N 292 
SER H    H N N 293 
SER H2   H N N 294 
SER HA   H N N 295 
SER HB2  H N N 296 
SER HB3  H N N 297 
SER HG   H N N 298 
SER HXT  H N N 299 
THR N    N N N 300 
THR CA   C N S 301 
THR C    C N N 302 
THR O    O N N 303 
THR CB   C N R 304 
THR OG1  O N N 305 
THR CG2  C N N 306 
THR OXT  O N N 307 
THR H    H N N 308 
THR H2   H N N 309 
THR HA   H N N 310 
THR HB   H N N 311 
THR HG1  H N N 312 
THR HG21 H N N 313 
THR HG22 H N N 314 
THR HG23 H N N 315 
THR HXT  H N N 316 
TYR N    N N N 317 
TYR CA   C N S 318 
TYR C    C N N 319 
TYR O    O N N 320 
TYR CB   C N N 321 
TYR CG   C Y N 322 
TYR CD1  C Y N 323 
TYR CD2  C Y N 324 
TYR CE1  C Y N 325 
TYR CE2  C Y N 326 
TYR CZ   C Y N 327 
TYR OH   O N N 328 
TYR OXT  O N N 329 
TYR H    H N N 330 
TYR H2   H N N 331 
TYR HA   H N N 332 
TYR HB2  H N N 333 
TYR HB3  H N N 334 
TYR HD1  H N N 335 
TYR HD2  H N N 336 
TYR HE1  H N N 337 
TYR HE2  H N N 338 
TYR HH   H N N 339 
TYR HXT  H N N 340 
VAL N    N N N 341 
VAL CA   C N S 342 
VAL C    C N N 343 
VAL O    O N N 344 
VAL CB   C N N 345 
VAL CG1  C N N 346 
VAL CG2  C N N 347 
VAL OXT  O N N 348 
VAL H    H N N 349 
VAL H2   H N N 350 
VAL HA   H N N 351 
VAL HB   H N N 352 
VAL HG11 H N N 353 
VAL HG12 H N N 354 
VAL HG13 H N N 355 
VAL HG21 H N N 356 
VAL HG22 H N N 357 
VAL HG23 H N N 358 
VAL HXT  H N N 359 
# 
loop_
_chem_comp_bond.comp_id 
_chem_comp_bond.atom_id_1 
_chem_comp_bond.atom_id_2 
_chem_comp_bond.value_order 
_chem_comp_bond.pdbx_aromatic_flag 
_chem_comp_bond.pdbx_stereo_config 
_chem_comp_bond.pdbx_ordinal 
ALA N   CA   sing N N 1   
ALA N   H    sing N N 2   
ALA N   H2   sing N N 3   
ALA CA  C    sing N N 4   
ALA CA  CB   sing N N 5   
ALA CA  HA   sing N N 6   
ALA C   O    doub N N 7   
ALA C   OXT  sing N N 8   
ALA CB  HB1  sing N N 9   
ALA CB  HB2  sing N N 10  
ALA CB  HB3  sing N N 11  
ALA OXT HXT  sing N N 12  
ARG N   CA   sing N N 13  
ARG N   H    sing N N 14  
ARG N   H2   sing N N 15  
ARG CA  C    sing N N 16  
ARG CA  CB   sing N N 17  
ARG CA  HA   sing N N 18  
ARG C   O    doub N N 19  
ARG C   OXT  sing N N 20  
ARG CB  CG   sing N N 21  
ARG CB  HB2  sing N N 22  
ARG CB  HB3  sing N N 23  
ARG CG  CD   sing N N 24  
ARG CG  HG2  sing N N 25  
ARG CG  HG3  sing N N 26  
ARG CD  NE   sing N N 27  
ARG CD  HD2  sing N N 28  
ARG CD  HD3  sing N N 29  
ARG NE  CZ   sing N N 30  
ARG NE  HE   sing N N 31  
ARG CZ  NH1  sing N N 32  
ARG CZ  NH2  doub N N 33  
ARG NH1 HH11 sing N N 34  
ARG NH1 HH12 sing N N 35  
ARG NH2 HH21 sing N N 36  
ARG NH2 HH22 sing N N 37  
ARG OXT HXT  sing N N 38  
ASN N   CA   sing N N 39  
ASN N   H    sing N N 40  
ASN N   H2   sing N N 41  
ASN CA  C    sing N N 42  
ASN CA  CB   sing N N 43  
ASN CA  HA   sing N N 44  
ASN C   O    doub N N 45  
ASN C   OXT  sing N N 46  
ASN CB  CG   sing N N 47  
ASN CB  HB2  sing N N 48  
ASN CB  HB3  sing N N 49  
ASN CG  OD1  doub N N 50  
ASN CG  ND2  sing N N 51  
ASN ND2 HD21 sing N N 52  
ASN ND2 HD22 sing N N 53  
ASN OXT HXT  sing N N 54  
ASP N   CA   sing N N 55  
ASP N   H    sing N N 56  
ASP N   H2   sing N N 57  
ASP CA  C    sing N N 58  
ASP CA  CB   sing N N 59  
ASP CA  HA   sing N N 60  
ASP C   O    doub N N 61  
ASP C   OXT  sing N N 62  
ASP CB  CG   sing N N 63  
ASP CB  HB2  sing N N 64  
ASP CB  HB3  sing N N 65  
ASP CG  OD1  doub N N 66  
ASP CG  OD2  sing N N 67  
ASP OD2 HD2  sing N N 68  
ASP OXT HXT  sing N N 69  
GLN N   CA   sing N N 70  
GLN N   H    sing N N 71  
GLN N   H2   sing N N 72  
GLN CA  C    sing N N 73  
GLN CA  CB   sing N N 74  
GLN CA  HA   sing N N 75  
GLN C   O    doub N N 76  
GLN C   OXT  sing N N 77  
GLN CB  CG   sing N N 78  
GLN CB  HB2  sing N N 79  
GLN CB  HB3  sing N N 80  
GLN CG  CD   sing N N 81  
GLN CG  HG2  sing N N 82  
GLN CG  HG3  sing N N 83  
GLN CD  OE1  doub N N 84  
GLN CD  NE2  sing N N 85  
GLN NE2 HE21 sing N N 86  
GLN NE2 HE22 sing N N 87  
GLN OXT HXT  sing N N 88  
GLU N   CA   sing N N 89  
GLU N   H    sing N N 90  
GLU N   H2   sing N N 91  
GLU CA  C    sing N N 92  
GLU CA  CB   sing N N 93  
GLU CA  HA   sing N N 94  
GLU C   O    doub N N 95  
GLU C   OXT  sing N N 96  
GLU CB  CG   sing N N 97  
GLU CB  HB2  sing N N 98  
GLU CB  HB3  sing N N 99  
GLU CG  CD   sing N N 100 
GLU CG  HG2  sing N N 101 
GLU CG  HG3  sing N N 102 
GLU CD  OE1  doub N N 103 
GLU CD  OE2  sing N N 104 
GLU OE2 HE2  sing N N 105 
GLU OXT HXT  sing N N 106 
GLY N   CA   sing N N 107 
GLY N   H    sing N N 108 
GLY N   H2   sing N N 109 
GLY CA  C    sing N N 110 
GLY CA  HA2  sing N N 111 
GLY CA  HA3  sing N N 112 
GLY C   O    doub N N 113 
GLY C   OXT  sing N N 114 
GLY OXT HXT  sing N N 115 
HIS N   CA   sing N N 116 
HIS N   H    sing N N 117 
HIS N   H2   sing N N 118 
HIS CA  C    sing N N 119 
HIS CA  CB   sing N N 120 
HIS CA  HA   sing N N 121 
HIS C   O    doub N N 122 
HIS C   OXT  sing N N 123 
HIS CB  CG   sing N N 124 
HIS CB  HB2  sing N N 125 
HIS CB  HB3  sing N N 126 
HIS CG  ND1  sing Y N 127 
HIS CG  CD2  doub Y N 128 
HIS ND1 CE1  doub Y N 129 
HIS ND1 HD1  sing N N 130 
HIS CD2 NE2  sing Y N 131 
HIS CD2 HD2  sing N N 132 
HIS CE1 NE2  sing Y N 133 
HIS CE1 HE1  sing N N 134 
HIS NE2 HE2  sing N N 135 
HIS OXT HXT  sing N N 136 
HOH O   H1   sing N N 137 
HOH O   H2   sing N N 138 
ILE N   CA   sing N N 139 
ILE N   H    sing N N 140 
ILE N   H2   sing N N 141 
ILE CA  C    sing N N 142 
ILE CA  CB   sing N N 143 
ILE CA  HA   sing N N 144 
ILE C   O    doub N N 145 
ILE C   OXT  sing N N 146 
ILE CB  CG1  sing N N 147 
ILE CB  CG2  sing N N 148 
ILE CB  HB   sing N N 149 
ILE CG1 CD1  sing N N 150 
ILE CG1 HG12 sing N N 151 
ILE CG1 HG13 sing N N 152 
ILE CG2 HG21 sing N N 153 
ILE CG2 HG22 sing N N 154 
ILE CG2 HG23 sing N N 155 
ILE CD1 HD11 sing N N 156 
ILE CD1 HD12 sing N N 157 
ILE CD1 HD13 sing N N 158 
ILE OXT HXT  sing N N 159 
LEU N   CA   sing N N 160 
LEU N   H    sing N N 161 
LEU N   H2   sing N N 162 
LEU CA  C    sing N N 163 
LEU CA  CB   sing N N 164 
LEU CA  HA   sing N N 165 
LEU C   O    doub N N 166 
LEU C   OXT  sing N N 167 
LEU CB  CG   sing N N 168 
LEU CB  HB2  sing N N 169 
LEU CB  HB3  sing N N 170 
LEU CG  CD1  sing N N 171 
LEU CG  CD2  sing N N 172 
LEU CG  HG   sing N N 173 
LEU CD1 HD11 sing N N 174 
LEU CD1 HD12 sing N N 175 
LEU CD1 HD13 sing N N 176 
LEU CD2 HD21 sing N N 177 
LEU CD2 HD22 sing N N 178 
LEU CD2 HD23 sing N N 179 
LEU OXT HXT  sing N N 180 
LYS N   CA   sing N N 181 
LYS N   H    sing N N 182 
LYS N   H2   sing N N 183 
LYS CA  C    sing N N 184 
LYS CA  CB   sing N N 185 
LYS CA  HA   sing N N 186 
LYS C   O    doub N N 187 
LYS C   OXT  sing N N 188 
LYS CB  CG   sing N N 189 
LYS CB  HB2  sing N N 190 
LYS CB  HB3  sing N N 191 
LYS CG  CD   sing N N 192 
LYS CG  HG2  sing N N 193 
LYS CG  HG3  sing N N 194 
LYS CD  CE   sing N N 195 
LYS CD  HD2  sing N N 196 
LYS CD  HD3  sing N N 197 
LYS CE  NZ   sing N N 198 
LYS CE  HE2  sing N N 199 
LYS CE  HE3  sing N N 200 
LYS NZ  HZ1  sing N N 201 
LYS NZ  HZ2  sing N N 202 
LYS NZ  HZ3  sing N N 203 
LYS OXT HXT  sing N N 204 
MET N   CA   sing N N 205 
MET N   H    sing N N 206 
MET N   H2   sing N N 207 
MET CA  C    sing N N 208 
MET CA  CB   sing N N 209 
MET CA  HA   sing N N 210 
MET C   O    doub N N 211 
MET C   OXT  sing N N 212 
MET CB  CG   sing N N 213 
MET CB  HB2  sing N N 214 
MET CB  HB3  sing N N 215 
MET CG  SD   sing N N 216 
MET CG  HG2  sing N N 217 
MET CG  HG3  sing N N 218 
MET SD  CE   sing N N 219 
MET CE  HE1  sing N N 220 
MET CE  HE2  sing N N 221 
MET CE  HE3  sing N N 222 
MET OXT HXT  sing N N 223 
PHE N   CA   sing N N 224 
PHE N   H    sing N N 225 
PHE N   H2   sing N N 226 
PHE CA  C    sing N N 227 
PHE CA  CB   sing N N 228 
PHE CA  HA   sing N N 229 
PHE C   O    doub N N 230 
PHE C   OXT  sing N N 231 
PHE CB  CG   sing N N 232 
PHE CB  HB2  sing N N 233 
PHE CB  HB3  sing N N 234 
PHE CG  CD1  doub Y N 235 
PHE CG  CD2  sing Y N 236 
PHE CD1 CE1  sing Y N 237 
PHE CD1 HD1  sing N N 238 
PHE CD2 CE2  doub Y N 239 
PHE CD2 HD2  sing N N 240 
PHE CE1 CZ   doub Y N 241 
PHE CE1 HE1  sing N N 242 
PHE CE2 CZ   sing Y N 243 
PHE CE2 HE2  sing N N 244 
PHE CZ  HZ   sing N N 245 
PHE OXT HXT  sing N N 246 
PRO N   CA   sing N N 247 
PRO N   CD   sing N N 248 
PRO N   H    sing N N 249 
PRO CA  C    sing N N 250 
PRO CA  CB   sing N N 251 
PRO CA  HA   sing N N 252 
PRO C   O    doub N N 253 
PRO C   OXT  sing N N 254 
PRO CB  CG   sing N N 255 
PRO CB  HB2  sing N N 256 
PRO CB  HB3  sing N N 257 
PRO CG  CD   sing N N 258 
PRO CG  HG2  sing N N 259 
PRO CG  HG3  sing N N 260 
PRO CD  HD2  sing N N 261 
PRO CD  HD3  sing N N 262 
PRO OXT HXT  sing N N 263 
PYR C   O    doub N N 264 
PYR C   OXT  sing N N 265 
PYR C   CA   sing N N 266 
PYR OXT HXT  sing N N 267 
PYR CA  O3   doub N N 268 
PYR CA  CB   sing N N 269 
PYR CB  HB1  sing N N 270 
PYR CB  HB2  sing N N 271 
PYR CB  HB3  sing N N 272 
SER N   CA   sing N N 273 
SER N   H    sing N N 274 
SER N   H2   sing N N 275 
SER CA  C    sing N N 276 
SER CA  CB   sing N N 277 
SER CA  HA   sing N N 278 
SER C   O    doub N N 279 
SER C   OXT  sing N N 280 
SER CB  OG   sing N N 281 
SER CB  HB2  sing N N 282 
SER CB  HB3  sing N N 283 
SER OG  HG   sing N N 284 
SER OXT HXT  sing N N 285 
THR N   CA   sing N N 286 
THR N   H    sing N N 287 
THR N   H2   sing N N 288 
THR CA  C    sing N N 289 
THR CA  CB   sing N N 290 
THR CA  HA   sing N N 291 
THR C   O    doub N N 292 
THR C   OXT  sing N N 293 
THR CB  OG1  sing N N 294 
THR CB  CG2  sing N N 295 
THR CB  HB   sing N N 296 
THR OG1 HG1  sing N N 297 
THR CG2 HG21 sing N N 298 
THR CG2 HG22 sing N N 299 
THR CG2 HG23 sing N N 300 
THR OXT HXT  sing N N 301 
TYR N   CA   sing N N 302 
TYR N   H    sing N N 303 
TYR N   H2   sing N N 304 
TYR CA  C    sing N N 305 
TYR CA  CB   sing N N 306 
TYR CA  HA   sing N N 307 
TYR C   O    doub N N 308 
TYR C   OXT  sing N N 309 
TYR CB  CG   sing N N 310 
TYR CB  HB2  sing N N 311 
TYR CB  HB3  sing N N 312 
TYR CG  CD1  doub Y N 313 
TYR CG  CD2  sing Y N 314 
TYR CD1 CE1  sing Y N 315 
TYR CD1 HD1  sing N N 316 
TYR CD2 CE2  doub Y N 317 
TYR CD2 HD2  sing N N 318 
TYR CE1 CZ   doub Y N 319 
TYR CE1 HE1  sing N N 320 
TYR CE2 CZ   sing Y N 321 
TYR CE2 HE2  sing N N 322 
TYR CZ  OH   sing N N 323 
TYR OH  HH   sing N N 324 
TYR OXT HXT  sing N N 325 
VAL N   CA   sing N N 326 
VAL N   H    sing N N 327 
VAL N   H2   sing N N 328 
VAL CA  C    sing N N 329 
VAL CA  CB   sing N N 330 
VAL CA  HA   sing N N 331 
VAL C   O    doub N N 332 
VAL C   OXT  sing N N 333 
VAL CB  CG1  sing N N 334 
VAL CB  CG2  sing N N 335 
VAL CB  HB   sing N N 336 
VAL CG1 HG11 sing N N 337 
VAL CG1 HG12 sing N N 338 
VAL CG1 HG13 sing N N 339 
VAL CG2 HG21 sing N N 340 
VAL CG2 HG22 sing N N 341 
VAL CG2 HG23 sing N N 342 
VAL OXT HXT  sing N N 343 
# 
_atom_sites.entry_id                    1VC3 
_atom_sites.fract_transf_matrix[1][1]   -0.00946791 
_atom_sites.fract_transf_matrix[1][2]   0.00838532 
_atom_sites.fract_transf_matrix[1][3]   -0.00770207 
_atom_sites.fract_transf_matrix[2][1]   -0.01040294 
_atom_sites.fract_transf_matrix[2][2]   -0.01044227 
_atom_sites.fract_transf_matrix[2][3]   0.00141940 
_atom_sites.fract_transf_matrix[3][1]   -0.00653790 
_atom_sites.fract_transf_matrix[3][2]   0.00892675 
_atom_sites.fract_transf_matrix[3][3]   0.01775548 
_atom_sites.fract_transf_vector[1]      0.853427 
_atom_sites.fract_transf_vector[2]      0.188791 
_atom_sites.fract_transf_vector[3]      0.008631 
# 
loop_
_atom_type.symbol 
C 
N 
O 
S 
# 
loop_
_atom_site.group_PDB 
_atom_site.id 
_atom_site.type_symbol 
_atom_site.label_atom_id 
_atom_site.label_alt_id 
_atom_site.label_comp_id 
_atom_site.label_asym_id 
_atom_site.label_entity_id 
_atom_site.label_seq_id 
_atom_site.pdbx_PDB_ins_code 
_atom_site.Cartn_x 
_atom_site.Cartn_y 
_atom_site.Cartn_z 
_atom_site.occupancy 
_atom_site.B_iso_or_equiv 
_atom_site.pdbx_formal_charge 
_atom_site.auth_seq_id 
_atom_site.auth_comp_id 
_atom_site.auth_asym_id 
_atom_site.auth_atom_id 
_atom_site.pdbx_PDB_model_num 
ATOM   1    N N   . MET A 1 1  ? 6.303   24.943  10.471  1.00 11.11 ? 1   MET A N   1 
ATOM   2    C CA  . MET A 1 1  ? 6.230   24.128  9.223   1.00 9.00  ? 1   MET A CA  1 
ATOM   3    C C   . MET A 1 1  ? 5.774   22.807  9.503   1.00 8.97  ? 1   MET A C   1 
ATOM   4    O O   . MET A 1 1  ? 6.095   22.241  10.548  1.00 10.33 ? 1   MET A O   1 
ATOM   5    C CB  . MET A 1 1  ? 7.610   24.061  8.557   1.00 10.87 ? 1   MET A CB  1 
ATOM   6    C CG  . MET A 1 1  ? 7.635   23.302  7.239   1.00 10.65 ? 1   MET A CG  1 
ATOM   7    S SD  . MET A 1 1  ? 9.309   22.985  6.614   1.00 13.06 ? 1   MET A SD  1 
ATOM   8    C CE  . MET A 1 1  ? 9.556   21.323  7.138   1.00 11.29 ? 1   MET A CE  1 
ATOM   9    N N   . LYS A 1 2  ? 4.983   22.251  8.590   1.00 7.79  ? 2   LYS A N   1 
ATOM   10   C CA  . LYS A 1 2  ? 4.474   20.890  8.723   1.00 8.65  ? 2   LYS A CA  1 
ATOM   11   C C   . LYS A 1 2  ? 5.266   20.121  7.825   1.00 7.87  ? 2   LYS A C   1 
ATOM   12   O O   . LYS A 1 2  ? 5.681   20.614  6.774   1.00 7.75  ? 2   LYS A O   1 
ATOM   13   C CB  . LYS A 1 2  ? 2.976   20.956  8.618   1.00 9.32  ? 2   LYS A CB  1 
ATOM   14   N N   . ARG A 1 3  ? 5.523   18.864  8.181   1.00 8.15  ? 3   ARG A N   1 
ATOM   15   C CA  . ARG A 1 3  ? 6.323   17.978  7.338   1.00 8.81  ? 3   ARG A CA  1 
ATOM   16   C C   . ARG A 1 3  ? 5.574   16.891  6.799   1.00 7.59  ? 3   ARG A C   1 
ATOM   17   O O   . ARG A 1 3  ? 4.630   16.404  7.418   1.00 8.04  ? 3   ARG A O   1 
ATOM   18   C CB  . ARG A 1 3  ? 7.507   17.415  8.128   1.00 10.47 ? 3   ARG A CB  1 
ATOM   19   C CG  . ARG A 1 3  ? 8.560   18.437  8.521   1.00 14.23 ? 3   ARG A CG  1 
ATOM   20   C CD  . ARG A 1 3  ? 9.683   17.774  9.297   1.00 16.04 ? 3   ARG A CD  1 
ATOM   21   N NE  . ARG A 1 3  ? 10.627  18.741  9.852   1.00 15.56 ? 3   ARG A NE  1 
ATOM   22   C CZ  . ARG A 1 3  ? 11.770  19.103  9.278   1.00 14.71 ? 3   ARG A CZ  1 
ATOM   23   N NH1 . ARG A 1 3  ? 12.136  18.581  8.116   1.00 15.36 ? 3   ARG A NH1 1 
ATOM   24   N NH2 . ARG A 1 3  ? 12.556  19.987  9.878   1.00 13.76 ? 3   ARG A NH2 1 
ATOM   25   N N   . VAL A 1 4  ? 5.953   16.461  5.598   1.00 6.05  ? 4   VAL A N   1 
ATOM   26   C CA  . VAL A 1 4  ? 5.310   15.330  4.929   1.00 6.73  ? 4   VAL A CA  1 
ATOM   27   C C   . VAL A 1 4  ? 6.172   14.212  5.155   1.00 5.11  ? 4   VAL A C   1 
ATOM   28   O O   . VAL A 1 4  ? 7.310   14.196  4.680   1.00 4.96  ? 4   VAL A O   1 
ATOM   29   C CB  . VAL A 1 4  ? 5.159   15.589  3.414   1.00 8.29  ? 4   VAL A CB  1 
ATOM   30   C CG1 . VAL A 1 4  ? 4.507   14.423  2.752   1.00 9.57  ? 4   VAL A CG1 1 
ATOM   31   C CG2 . VAL A 1 4  ? 4.365   16.836  3.186   1.00 10.80 ? 4   VAL A CG2 1 
ATOM   32   N N   . MET A 1 5  ? 5.678   13.220  5.898   1.00 4.20  ? 5   MET A N   1 
ATOM   33   C CA  . MET A 1 5  ? 6.466   12.042  6.259   1.00 4.57  ? 5   MET A CA  1 
ATOM   34   C C   . MET A 1 5  ? 5.885   10.786  5.905   1.00 4.50  ? 5   MET A C   1 
ATOM   35   O O   . MET A 1 5  ? 4.668   10.636  5.869   1.00 5.44  ? 5   MET A O   1 
ATOM   36   C CB  . MET A 1 5  ? 6.688   12.013  7.774   1.00 6.26  ? 5   MET A CB  1 
ATOM   37   C CG  . MET A 1 5  ? 7.055   13.340  8.427   1.00 7.01  ? 5   MET A CG  1 
ATOM   38   S SD  . MET A 1 5  ? 8.800   13.742  8.296   1.00 11.46 ? 5   MET A SD  1 
ATOM   39   C CE  . MET A 1 5  ? 9.505   12.550  9.427   1.00 9.23  ? 5   MET A CE  1 
ATOM   40   N N   . PHE A 1 6  ? 6.741   9.804   5.650   1.00 3.04  ? 6   PHE A N   1 
ATOM   41   C CA  . PHE A 1 6  ? 6.313   8.438   5.353   1.00 3.89  ? 6   PHE A CA  1 
ATOM   42   C C   . PHE A 1 6  ? 5.918   7.879   6.616   1.00 3.37  ? 6   PHE A C   1 
ATOM   43   O O   . PHE A 1 6  ? 6.684   7.935   7.584   1.00 4.78  ? 6   PHE A O   1 
ATOM   44   C CB  . PHE A 1 6  ? 7.497   7.678   4.730   1.00 3.70  ? 6   PHE A CB  1 
ATOM   45   C CG  . PHE A 1 6  ? 7.657   6.252   5.199   1.00 4.66  ? 6   PHE A CG  1 
ATOM   46   C CD1 . PHE A 1 6  ? 6.715   5.275   4.883   1.00 4.96  ? 6   PHE A CD1 1 
ATOM   47   C CD2 . PHE A 1 6  ? 8.795   5.874   5.909   1.00 4.50  ? 6   PHE A CD2 1 
ATOM   48   C CE1 . PHE A 1 6  ? 6.909   3.943   5.260   1.00 5.56  ? 6   PHE A CE1 1 
ATOM   49   C CE2 . PHE A 1 6  ? 8.998   4.547   6.290   1.00 5.49  ? 6   PHE A CE2 1 
ATOM   50   C CZ  . PHE A 1 6  ? 8.053   3.579   5.963   1.00 5.17  ? 6   PHE A CZ  1 
ATOM   51   N N   . HIS A 1 7  ? 4.699   7.336   6.699   1.00 3.71  ? 7   HIS A N   1 
ATOM   52   C CA  . HIS A 1 7  ? 4.223   6.764   7.959   1.00 3.19  ? 7   HIS A CA  1 
ATOM   53   C C   . HIS A 1 7  ? 3.927   5.362   7.955   1.00 3.52  ? 7   HIS A C   1 
ATOM   54   O O   . HIS A 1 7  ? 3.879   4.747   9.027   1.00 4.57  ? 7   HIS A O   1 
ATOM   55   C CB  . HIS A 1 7  ? 3.023   7.582   8.503   1.00 4.73  ? 7   HIS A CB  1 
ATOM   56   C CG  . HIS A 1 7  ? 1.689   7.210   7.923   1.00 4.10  ? 7   HIS A CG  1 
ATOM   57   N ND1 . HIS A 1 7  ? 0.918   6.181   8.421   1.00 4.73  ? 7   HIS A ND1 1 
ATOM   58   C CD2 . HIS A 1 7  ? 0.969   7.763   6.915   1.00 4.43  ? 7   HIS A CD2 1 
ATOM   59   C CE1 . HIS A 1 7  ? -0.219  6.117   7.748   1.00 5.83  ? 7   HIS A CE1 1 
ATOM   60   N NE2 . HIS A 1 7  ? -0.212  7.066   6.829   1.00 6.22  ? 7   HIS A NE2 1 
ATOM   61   N N   . ALA A 1 8  ? 3.736   4.762   6.777   1.00 3.61  ? 8   ALA A N   1 
ATOM   62   C CA  . ALA A 1 8  ? 3.429   3.331   6.704   1.00 4.77  ? 8   ALA A CA  1 
ATOM   63   C C   . ALA A 1 8  ? 3.577   2.843   5.373   1.00 4.21  ? 8   ALA A C   1 
ATOM   64   O O   . ALA A 1 8  ? 3.471   3.596   4.403   1.00 4.86  ? 8   ALA A O   1 
ATOM   65   C CB  . ALA A 1 8  ? 2.134   3.136   7.439   1.00 8.26  ? 8   ALA A CB  1 
ATOM   66   N N   . LYS A 1 9  ? 3.828   1.539   5.256   1.00 4.39  ? 9   LYS A N   1 
ATOM   67   C CA  . LYS A 1 9  ? 3.947   0.894   3.952   1.00 5.16  ? 9   LYS A CA  1 
ATOM   68   C C   . LYS A 1 9  ? 3.858   -0.532  4.007   1.00 4.10  ? 9   LYS A C   1 
ATOM   69   O O   . LYS A 1 9  ? 4.122   -1.154  5.041   1.00 4.47  ? 9   LYS A O   1 
ATOM   70   C CB  . LYS A 1 9  ? 5.258   1.285   3.255   1.00 6.26  ? 9   LYS A CB  1 
ATOM   71   C CG  . LYS A 1 9  ? 6.513   0.633   3.823   1.00 5.22  ? 9   LYS A CG  1 
ATOM   72   C CD  . LYS A 1 9  ? 7.714   0.861   2.905   1.00 5.46  ? 9   LYS A CD  1 
ATOM   73   C CE  . LYS A 1 9  ? 8.956   0.164   3.425   1.00 5.67  ? 9   LYS A CE  1 
ATOM   74   N NZ  . LYS A 1 9  ? 10.094  0.282   2.464   1.00 7.52  ? 9   LYS A NZ  1 
ATOM   75   N N   . ILE A 1 10 ? 3.441   -1.118  2.889   1.00 4.31  ? 10  ILE A N   1 
ATOM   76   C CA  . ILE A 1 10 ? 3.355   -2.566  2.736   1.00 4.22  ? 10  ILE A CA  1 
ATOM   77   C C   . ILE A 1 10 ? 4.382   -2.815  1.774   1.00 3.97  ? 10  ILE A C   1 
ATOM   78   O O   . ILE A 1 10 ? 4.301   -2.368  0.631   1.00 3.45  ? 10  ILE A O   1 
ATOM   79   C CB  . ILE A 1 10 ? 1.972   -3.000  2.216   1.00 5.04  ? 10  ILE A CB  1 
ATOM   80   C CG1 . ILE A 1 10 ? 0.896   -2.591  3.230   1.00 5.33  ? 10  ILE A CG1 1 
ATOM   81   C CG2 . ILE A 1 10 ? 1.948   -4.477  1.996   1.00 6.74  ? 10  ILE A CG2 1 
ATOM   82   C CD1 . ILE A 1 10 ? -0.527  -2.829  2.764   1.00 4.84  ? 10  ILE A CD1 1 
ATOM   83   N N   . HIS A 1 11 ? 5.415   -3.537  2.197   1.00 4.45  ? 11  HIS A N   1 
ATOM   84   C CA  . HIS A 1 11 ? 6.599   -3.800  1.378   1.00 5.35  ? 11  HIS A CA  1 
ATOM   85   C C   . HIS A 1 11 ? 6.672   -5.065  0.699   1.00 5.04  ? 11  HIS A C   1 
ATOM   86   O O   . HIS A 1 11 ? 6.546   -6.123  1.310   1.00 6.46  ? 11  HIS A O   1 
ATOM   87   C CB  . HIS A 1 11 ? 7.823   -3.611  2.282   1.00 5.51  ? 11  HIS A CB  1 
ATOM   88   C CG  . HIS A 1 11 ? 9.123   -3.487  1.551   1.00 7.74  ? 11  HIS A CG  1 
ATOM   89   N ND1 . HIS A 1 11 ? 9.449   -2.383  0.792   1.00 7.96  ? 11  HIS A ND1 1 
ATOM   90   C CD2 . HIS A 1 11 ? 10.192  -4.314  1.492   1.00 9.18  ? 11  HIS A CD2 1 
ATOM   91   C CE1 . HIS A 1 11 ? 10.665  -2.536  0.298   1.00 9.01  ? 11  HIS A CE1 1 
ATOM   92   N NE2 . HIS A 1 11 ? 11.138  -3.699  0.709   1.00 9.01  ? 11  HIS A NE2 1 
ATOM   93   N N   . ARG A 1 12 ? 6.905   -5.010  -0.610  1.00 5.83  ? 12  ARG A N   1 
ATOM   94   C CA  . ARG A 1 12 ? 7.026   -6.199  -1.456  1.00 5.28  ? 12  ARG A CA  1 
ATOM   95   C C   . ARG A 1 12 ? 5.881   -7.061  -1.493  1.00 6.51  ? 12  ARG A C   1 
ATOM   96   O O   . ARG A 1 12 ? 5.980   -8.268  -1.260  1.00 6.49  ? 12  ARG A O   1 
ATOM   97   C CB  . ARG A 1 12 ? 8.291   -6.993  -1.083  1.00 7.14  ? 12  ARG A CB  1 
ATOM   98   C CG  . ARG A 1 12 ? 9.601   -6.247  -1.382  1.00 7.89  ? 12  ARG A CG  1 
ATOM   99   C CD  . ARG A 1 12 ? 10.836  -7.026  -0.924  1.00 9.48  ? 12  ARG A CD  1 
ATOM   100  N NE  . ARG A 1 12 ? 11.099  -8.215  -1.735  1.00 9.11  ? 12  ARG A NE  1 
ATOM   101  C CZ  . ARG A 1 12 ? 11.663  -8.198  -2.941  1.00 8.09  ? 12  ARG A CZ  1 
ATOM   102  N NH1 . ARG A 1 12 ? 12.036  -7.048  -3.493  1.00 6.92  ? 12  ARG A NH1 1 
ATOM   103  N NH2 . ARG A 1 12 ? 11.856  -9.333  -3.600  1.00 8.70  ? 12  ARG A NH2 1 
ATOM   104  N N   . ALA A 1 13 ? 4.727   -6.474  -1.804  1.00 6.62  ? 13  ALA A N   1 
ATOM   105  C CA  . ALA A 1 13 ? 3.473   -7.211  -1.926  1.00 4.44  ? 13  ALA A CA  1 
ATOM   106  C C   . ALA A 1 13 ? 3.393   -7.657  -3.276  1.00 4.88  ? 13  ALA A C   1 
ATOM   107  O O   . ALA A 1 13 ? 4.072   -7.135  -4.161  1.00 5.05  ? 13  ALA A O   1 
ATOM   108  C CB  . ALA A 1 13 ? 2.389   -6.352  -1.337  1.00 2.81  ? 13  ALA A CB  1 
ATOM   109  N N   . THR A 1 14 ? 2.545   -8.653  -3.515  1.00 4.69  ? 14  THR A N   1 
ATOM   110  C CA  . THR A 1 14 ? 2.346   -9.189  -4.858  1.00 4.48  ? 14  THR A CA  1 
ATOM   111  C C   . THR A 1 14 ? 1.025   -8.889  -5.330  1.00 4.58  ? 14  THR A C   1 
ATOM   112  O O   . THR A 1 14 ? 0.037   -9.124  -4.636  1.00 5.23  ? 14  THR A O   1 
ATOM   113  C CB  . THR A 1 14 ? 2.563   -10.726 -4.887  1.00 3.86  ? 14  THR A CB  1 
ATOM   114  O OG1 . THR A 1 14 ? 3.925   -11.025 -4.561  1.00 5.15  ? 14  THR A OG1 1 
ATOM   115  C CG2 . THR A 1 14 ? 2.260   -11.279 -6.242  1.00 5.17  ? 14  THR A CG2 1 
ATOM   116  N N   . VAL A 1 15 ? 0.932   -8.340  -6.537  1.00 5.09  ? 15  VAL A N   1 
ATOM   117  C CA  . VAL A 1 15 ? -0.369  -8.011  -7.114  1.00 4.96  ? 15  VAL A CA  1 
ATOM   118  C C   . VAL A 1 15 ? -1.047  -9.219  -7.479  1.00 5.28  ? 15  VAL A C   1 
ATOM   119  O O   . VAL A 1 15 ? -0.513  -10.042 -8.226  1.00 5.09  ? 15  VAL A O   1 
ATOM   120  C CB  . VAL A 1 15 ? -0.212  -7.094  -8.348  1.00 4.90  ? 15  VAL A CB  1 
ATOM   121  C CG1 . VAL A 1 15 ? -1.541  -6.846  -8.980  1.00 6.37  ? 15  VAL A CG1 1 
ATOM   122  C CG2 . VAL A 1 15 ? 0.416   -5.798  -7.945  1.00 4.01  ? 15  VAL A CG2 1 
ATOM   123  N N   . THR A 1 16 ? -2.273  -9.385  -6.985  1.00 5.49  ? 16  THR A N   1 
ATOM   124  C CA  . THR A 1 16 ? -3.050  -10.596 -7.256  1.00 6.28  ? 16  THR A CA  1 
ATOM   125  C C   . THR A 1 16 ? -4.036  -10.526 -8.295  1.00 6.24  ? 16  THR A C   1 
ATOM   126  O O   . THR A 1 16 ? -4.448  -11.562 -8.818  1.00 6.29  ? 16  THR A O   1 
ATOM   127  C CB  . THR A 1 16 ? -3.741  -11.103 -5.968  1.00 5.89  ? 16  THR A CB  1 
ATOM   128  O OG1 . THR A 1 16 ? -4.728  -10.153 -5.542  1.00 6.02  ? 16  THR A OG1 1 
ATOM   129  C CG2 . THR A 1 16 ? -2.738  -11.288 -4.875  1.00 7.11  ? 16  THR A CG2 1 
ATOM   130  N N   . GLN A 1 17 ? -4.475  -9.319  -8.652  1.00 5.76  ? 17  GLN A N   1 
ATOM   131  C CA  . GLN A 1 17 ? -5.493  -9.152  -9.694  1.00 6.60  ? 17  GLN A CA  1 
ATOM   132  C C   . GLN A 1 17 ? -5.517  -7.812  -10.198 1.00 5.76  ? 17  GLN A C   1 
ATOM   133  O O   . GLN A 1 17 ? -4.963  -6.904  -9.580  1.00 6.72  ? 17  GLN A O   1 
ATOM   134  C CB  . GLN A 1 17 ? -6.874  -9.517  -9.137  1.00 8.27  ? 17  GLN A CB  1 
ATOM   135  C CG  . GLN A 1 17 ? -7.361  -8.560  -8.060  1.00 10.58 ? 17  GLN A CG  1 
ATOM   136  C CD  . GLN A 1 17 ? -8.662  -8.991  -7.402  1.00 12.86 ? 17  GLN A CD  1 
ATOM   137  O OE1 . GLN A 1 17 ? -9.467  -8.154  -6.994  1.00 16.02 ? 17  GLN A OE1 1 
ATOM   138  N NE2 . GLN A 1 17 ? -8.865  -10.295 -7.280  1.00 13.14 ? 17  GLN A NE2 1 
ATOM   139  N N   . ALA A 1 18 ? -6.165  -7.614  -11.347 1.00 7.18  ? 18  ALA A N   1 
ATOM   140  C CA  . ALA A 1 18 ? -6.257  -6.291  -11.958 1.00 7.70  ? 18  ALA A CA  1 
ATOM   141  C C   . ALA A 1 18 ? -7.497  -6.199  -12.655 1.00 8.11  ? 18  ALA A C   1 
ATOM   142  O O   . ALA A 1 18 ? -7.978  -7.177  -13.229 1.00 8.98  ? 18  ALA A O   1 
ATOM   143  C CB  . ALA A 1 18 ? -4.944  -6.034  -12.645 1.00 7.67  ? 18  ALA A CB  1 
ATOM   144  N N   . ASP A 1 19 ? -8.075  -4.998  -12.655 1.00 7.30  ? 19  ASP A N   1 
ATOM   145  C CA  . ASP A 1 19 ? -9.347  -4.746  -13.329 1.00 8.32  ? 19  ASP A CA  1 
ATOM   146  C C   . ASP A 1 19 ? -9.405  -3.397  -13.805 1.00 7.15  ? 19  ASP A C   1 
ATOM   147  O O   . ASP A 1 19 ? -9.864  -2.493  -13.105 1.00 5.77  ? 19  ASP A O   1 
ATOM   148  C CB  . ASP A 1 19 ? -10.508 -5.032  -12.371 1.00 10.62 ? 19  ASP A CB  1 
ATOM   149  C CG  . ASP A 1 19 ? -11.866 -4.939  -13.044 1.00 11.73 ? 19  ASP A CG  1 
ATOM   150  O OD1 . ASP A 1 19 ? -11.918 -4.883  -14.291 1.00 13.90 ? 19  ASP A OD1 1 
ATOM   151  O OD2 . ASP A 1 19 ? -12.884 -4.935  -12.318 1.00 15.71 ? 19  ASP A OD2 1 
ATOM   152  N N   . LEU A 1 20 ? -8.935  -3.193  -15.030 1.00 7.35  ? 20  LEU A N   1 
ATOM   153  C CA  . LEU A 1 20 ? -8.922  -1.871  -15.655 1.00 6.81  ? 20  LEU A CA  1 
ATOM   154  C C   . LEU A 1 20 ? -10.210 -1.259  -15.757 1.00 7.04  ? 20  LEU A C   1 
ATOM   155  O O   . LEU A 1 20 ? -10.331 -0.035  -15.649 1.00 6.43  ? 20  LEU A O   1 
ATOM   156  C CB  . LEU A 1 20 ? -8.291  -1.967  -17.050 1.00 6.22  ? 20  LEU A CB  1 
ATOM   157  C CG  . LEU A 1 20 ? -8.283  -0.725  -17.953 1.00 6.61  ? 20  LEU A CG  1 
ATOM   158  C CD1 . LEU A 1 20 ? -7.525  0.383   -17.304 1.00 5.88  ? 20  LEU A CD1 1 
ATOM   159  C CD2 . LEU A 1 20 ? -7.660  -1.069  -19.265 1.00 6.44  ? 20  LEU A CD2 1 
ATOM   160  N N   . HIS A 1 21 ? -11.251 -2.059  -15.959 1.00 7.35  ? 21  HIS A N   1 
ATOM   161  C CA  . HIS A 1 21 ? -12.594 -1.500  -16.116 1.00 7.88  ? 21  HIS A CA  1 
ATOM   162  C C   . HIS A 1 21 ? -13.473 -1.621  -14.998 1.00 8.44  ? 21  HIS A C   1 
ATOM   163  O O   . HIS A 1 21 ? -14.696 -1.698  -15.141 1.00 9.41  ? 21  HIS A O   1 
ATOM   164  C CB  . HIS A 1 21 ? -13.213 -2.071  -17.395 1.00 7.43  ? 21  HIS A CB  1 
ATOM   165  C CG  . HIS A 1 21 ? -12.447 -1.706  -18.629 1.00 7.04  ? 21  HIS A CG  1 
ATOM   166  N ND1 . HIS A 1 21 ? -12.494 -0.446  -19.185 1.00 7.24  ? 21  HIS A ND1 1 
ATOM   167  C CD2 . HIS A 1 21 ? -11.546 -2.406  -19.358 1.00 7.14  ? 21  HIS A CD2 1 
ATOM   168  C CE1 . HIS A 1 21 ? -11.655 -0.386  -20.204 1.00 7.47  ? 21  HIS A CE1 1 
ATOM   169  N NE2 . HIS A 1 21 ? -11.066 -1.562  -20.329 1.00 8.16  ? 21  HIS A NE2 1 
ATOM   170  N N   . TYR A 1 22 ? -12.874 -1.613  -13.812 1.00 8.94  ? 22  TYR A N   1 
ATOM   171  C CA  . TYR A 1 22 ? -13.571 -1.688  -12.530 1.00 10.19 ? 22  TYR A CA  1 
ATOM   172  C C   . TYR A 1 22 ? -14.504 -0.606  -12.422 1.00 11.44 ? 22  TYR A C   1 
ATOM   173  O O   . TYR A 1 22 ? -14.256 0.488   -12.931 1.00 10.79 ? 22  TYR A O   1 
ATOM   174  C CB  . TYR A 1 22 ? -12.524 -1.597  -11.411 1.00 11.27 ? 22  TYR A CB  1 
ATOM   175  C CG  . TYR A 1 22 ? -13.043 -1.575  -9.989  1.00 12.21 ? 22  TYR A CG  1 
ATOM   176  C CD1 . TYR A 1 22 ? -13.480 -2.743  -9.364  1.00 13.81 ? 22  TYR A CD1 1 
ATOM   177  C CD2 . TYR A 1 22 ? -13.044 -0.393  -9.249  1.00 13.69 ? 22  TYR A CD2 1 
ATOM   178  C CE1 . TYR A 1 22 ? -13.898 -2.734  -8.034  1.00 15.48 ? 22  TYR A CE1 1 
ATOM   179  C CE2 . TYR A 1 22 ? -13.460 -0.373  -7.921  1.00 14.64 ? 22  TYR A CE2 1 
ATOM   180  C CZ  . TYR A 1 22 ? -13.885 -1.546  -7.319  1.00 15.27 ? 22  TYR A CZ  1 
ATOM   181  O OH  . TYR A 1 22 ? -14.286 -1.527  -6.003  1.00 15.53 ? 22  TYR A OH  1 
ATOM   182  N N   . VAL A 1 23 ? -15.631 -0.854  -11.758 1.00 13.21 ? 23  VAL A N   1 
ATOM   183  C CA  . VAL A 1 23 ? -16.652 0.172   -11.559 1.00 13.69 ? 23  VAL A CA  1 
ATOM   184  C C   . VAL A 1 23 ? -16.931 0.307   -10.169 1.00 15.06 ? 23  VAL A C   1 
ATOM   185  O O   . VAL A 1 23 ? -17.522 -0.583  -9.557  1.00 15.41 ? 23  VAL A O   1 
ATOM   186  C CB  . VAL A 1 23 ? -17.966 -0.169  -12.302 1.00 12.90 ? 23  VAL A CB  1 
ATOM   187  C CG1 . VAL A 1 23 ? -19.023 0.836   -11.974 1.00 12.71 ? 23  VAL A CG1 1 
ATOM   188  C CG2 . VAL A 1 23 ? -17.729 -0.197  -13.775 1.00 13.07 ? 23  VAL A CG2 1 
ATOM   189  N N   . GLY A 1 24 ? -16.515 1.428   -9.586  1.00 15.89 ? 24  GLY A N   1 
ATOM   190  C CA  . GLY A 1 24 ? -16.757 1.649   -8.172  1.00 18.83 ? 24  GLY A CA  1 
ATOM   191  C C   . GLY A 1 24 ? -16.145 2.934   -7.652  1.00 20.78 ? 24  GLY A C   1 
ATOM   192  O O   . GLY A 1 24 ? -15.423 2.882   -6.634  1.00 20.48 ? 24  GLY A O   1 
HETATM 193  C C   . PYR B 2 1  ? -7.115  0.989   -6.649  1.00 10.98 ? 25  PYR B C   1 
HETATM 194  O O   . PYR B 2 1  ? -6.960  0.197   -7.573  1.00 11.24 ? 25  PYR B O   1 
HETATM 195  C CA  . PYR B 2 1  ? -7.790  2.226   -6.871  1.00 13.76 ? 25  PYR B CA  1 
HETATM 196  O O3  . PYR B 2 1  ? -7.925  2.994   -5.921  1.00 17.02 ? 25  PYR B O3  1 
HETATM 197  C CB  . PYR B 2 1  ? -8.383  2.749   -8.138  1.00 17.52 ? 25  PYR B CB  1 
ATOM   198  N N   . VAL B 2 2  ? -6.665  0.744   -5.420  1.00 7.82  ? 26  VAL B N   1 
ATOM   199  C CA  . VAL B 2 2  ? -5.991  -0.515  -5.115  1.00 6.67  ? 26  VAL B CA  1 
ATOM   200  C C   . VAL B 2 2  ? -6.619  -1.160  -4.003  1.00 5.58  ? 26  VAL B C   1 
ATOM   201  O O   . VAL B 2 2  ? -6.654  -0.627  -2.895  1.00 5.44  ? 26  VAL B O   1 
ATOM   202  C CB  . VAL B 2 2  ? -4.466  -0.301  -4.849  1.00 5.99  ? 26  VAL B CB  1 
ATOM   203  C CG1 . VAL B 2 2  ? -4.252  0.679   -3.742  1.00 7.60  ? 26  VAL B CG1 1 
ATOM   204  C CG2 . VAL B 2 2  ? -3.808  -1.606  -4.541  1.00 5.16  ? 26  VAL B CG2 1 
ATOM   205  N N   . THR B 2 3  ? -7.178  -2.343  -4.252  1.00 4.92  ? 27  THR B N   1 
ATOM   206  C CA  . THR B 2 3  ? -7.861  -3.116  -3.216  1.00 5.71  ? 27  THR B CA  1 
ATOM   207  C C   . THR B 2 3  ? -6.916  -3.860  -2.446  1.00 4.34  ? 27  THR B C   1 
ATOM   208  O O   . THR B 2 3  ? -6.157  -4.666  -2.989  1.00 4.29  ? 27  THR B O   1 
ATOM   209  C CB  . THR B 2 3  ? -8.897  -4.065  -3.844  1.00 5.31  ? 27  THR B CB  1 
ATOM   210  O OG1 . THR B 2 3  ? -9.821  -3.299  -4.629  1.00 7.74  ? 27  THR B OG1 1 
ATOM   211  C CG2 . THR B 2 3  ? -9.656  -4.796  -2.785  1.00 5.57  ? 27  THR B CG2 1 
ATOM   212  N N   . VAL B 2 4  ? -6.921  -3.636  -1.134  1.00 4.46  ? 28  VAL B N   1 
ATOM   213  C CA  . VAL B 2 4  ? -5.985  -4.288  -0.217  1.00 5.46  ? 28  VAL B CA  1 
ATOM   214  C C   . VAL B 2 4  ? -6.592  -4.976  0.883   1.00 5.62  ? 28  VAL B C   1 
ATOM   215  O O   . VAL B 2 4  ? -7.424  -4.412  1.591   1.00 5.74  ? 28  VAL B O   1 
ATOM   216  C CB  . VAL B 2 4  ? -4.991  -3.243  0.367   1.00 5.22  ? 28  VAL B CB  1 
ATOM   217  C CG1 . VAL B 2 4  ? -3.990  -3.907  1.256   1.00 5.97  ? 28  VAL B CG1 1 
ATOM   218  C CG2 . VAL B 2 4  ? -4.313  -2.507  -0.742  1.00 5.98  ? 28  VAL B CG2 1 
ATOM   219  N N   . ASP B 2 5  ? -6.196  -6.233  1.082   1.00 4.90  ? 29  ASP B N   1 
ATOM   220  C CA  . ASP B 2 5  ? -6.667  -7.067  2.195   1.00 6.56  ? 29  ASP B CA  1 
ATOM   221  C C   . ASP B 2 5  ? -6.678  -6.217  3.353   1.00 7.22  ? 29  ASP B C   1 
ATOM   222  O O   . ASP B 2 5  ? -5.632  -5.698  3.744   1.00 6.66  ? 29  ASP B O   1 
ATOM   223  C CB  . ASP B 2 5  ? -5.676  -8.225  2.385   1.00 6.62  ? 29  ASP B CB  1 
ATOM   224  C CG  . ASP B 2 5  ? -6.093  -9.212  3.465   1.00 4.61  ? 29  ASP B CG  1 
ATOM   225  O OD1 . ASP B 2 5  ? -6.718  -8.810  4.469   1.00 5.28  ? 29  ASP B OD1 1 
ATOM   226  O OD2 . ASP B 2 5  ? -5.762  -10.406 3.310   1.00 7.64  ? 29  ASP B OD2 1 
ATOM   227  N N   . GLN B 2 6  ? -7.838  -6.024  3.979   1.00 6.73  ? 30  GLN B N   1 
ATOM   228  C CA  . GLN B 2 6  ? -7.899  -5.126  5.132   1.00 6.82  ? 30  GLN B CA  1 
ATOM   229  C C   . GLN B 2 6  ? -7.061  -5.481  6.238   1.00 6.83  ? 30  GLN B C   1 
ATOM   230  O O   . GLN B 2 6  ? -6.753  -4.633  7.079   1.00 6.93  ? 30  GLN B O   1 
ATOM   231  C CB  . GLN B 2 6  ? -9.349  -4.927  5.596   1.00 8.58  ? 30  GLN B CB  1 
ATOM   232  C CG  . GLN B 2 6  ? -9.511  -3.714  6.517   1.00 11.55 ? 30  GLN B CG  1 
ATOM   233  C CD  . GLN B 2 6  ? -10.942 -3.211  6.622   1.00 13.94 ? 30  GLN B CD  1 
ATOM   234  O OE1 . GLN B 2 6  ? -11.200 -2.184  7.250   1.00 16.22 ? 30  GLN B OE1 1 
ATOM   235  N NE2 . GLN B 2 6  ? -11.874 -3.928  6.011   1.00 12.99 ? 30  GLN B NE2 1 
ATOM   236  N N   . ASP B 2 7  ? -6.635  -6.739  6.312   1.00 6.55  ? 31  ASP B N   1 
ATOM   237  C CA  . ASP B 2 7  ? -5.744  -7.152  7.397   1.00 6.49  ? 31  ASP B CA  1 
ATOM   238  C C   . ASP B 2 7  ? -4.501  -6.462  7.255   1.00 5.41  ? 31  ASP B C   1 
ATOM   239  O O   . ASP B 2 7  ? -3.842  -6.126  8.245   1.00 6.87  ? 31  ASP B O   1 
ATOM   240  C CB  . ASP B 2 7  ? -5.479  -8.664  7.371   1.00 8.64  ? 31  ASP B CB  1 
ATOM   241  C CG  . ASP B 2 7  ? -6.684  -9.487  7.802   1.00 11.67 ? 31  ASP B CG  1 
ATOM   242  O OD1 . ASP B 2 7  ? -7.590  -8.935  8.459   1.00 12.00 ? 31  ASP B OD1 1 
ATOM   243  O OD2 . ASP B 2 7  ? -6.709  -10.701 7.498   1.00 13.88 ? 31  ASP B OD2 1 
ATOM   244  N N   . LEU B 2 8  ? -4.108  -6.217  6.008   1.00 5.36  ? 32  LEU B N   1 
ATOM   245  C CA  . LEU B 2 8  ? -2.855  -5.526  5.725   1.00 4.71  ? 32  LEU B CA  1 
ATOM   246  C C   . LEU B 2 8  ? -2.939  -4.128  6.005   1.00 5.01  ? 32  LEU B C   1 
ATOM   247  O O   . LEU B 2 8  ? -1.962  -3.515  6.438   1.00 4.68  ? 32  LEU B O   1 
ATOM   248  C CB  . LEU B 2 8  ? -2.436  -5.758  4.268   1.00 4.11  ? 32  LEU B CB  1 
ATOM   249  C CG  . LEU B 2 8  ? -2.193  -7.220  3.873   1.00 5.92  ? 32  LEU B CG  1 
ATOM   250  C CD1 . LEU B 2 8  ? -1.744  -7.283  2.454   1.00 6.50  ? 32  LEU B CD1 1 
ATOM   251  C CD2 . LEU B 2 8  ? -1.166  -7.839  4.765   1.00 8.22  ? 32  LEU B CD2 1 
ATOM   252  N N   . LEU B 2 9  ? -4.107  -3.538  5.766   1.00 4.62  ? 33  LEU B N   1 
ATOM   253  C CA  . LEU B 2 9  ? -4.297  -2.122  6.053   1.00 5.31  ? 33  LEU B CA  1 
ATOM   254  C C   . LEU B 2 9  ? -4.228  -1.899  7.463   1.00 5.41  ? 33  LEU B C   1 
ATOM   255  O O   . LEU B 2 9  ? -3.643  -0.915  7.914   1.00 4.61  ? 33  LEU B O   1 
ATOM   256  C CB  . LEU B 2 9  ? -5.641  -1.631  5.494   1.00 5.79  ? 33  LEU B CB  1 
ATOM   257  C CG  . LEU B 2 9  ? -5.781  -1.633  3.964   1.00 6.44  ? 33  LEU B CG  1 
ATOM   258  C CD1 . LEU B 2 9  ? -7.153  -1.185  3.586   1.00 8.14  ? 33  LEU B CD1 1 
ATOM   259  C CD2 . LEU B 2 9  ? -4.759  -0.736  3.345   1.00 6.70  ? 33  LEU B CD2 1 
ATOM   260  N N   . ASP B 2 10 ? -4.804  -2.805  8.249   1.00 7.28  ? 34  ASP B N   1 
ATOM   261  C CA  . ASP B 2 10 ? -4.771  -2.656  9.703   1.00 8.29  ? 34  ASP B CA  1 
ATOM   262  C C   . ASP B 2 10 ? -3.444  -2.714  10.226  1.00 7.40  ? 34  ASP B C   1 
ATOM   263  O O   . ASP B 2 10 ? -3.088  -1.945  11.114  1.00 6.85  ? 34  ASP B O   1 
ATOM   264  C CB  . ASP B 2 10 ? -5.624  -3.726  10.394  1.00 12.49 ? 34  ASP B CB  1 
ATOM   265  C CG  . ASP B 2 10 ? -7.105  -3.572  10.113  1.00 15.85 ? 34  ASP B CG  1 
ATOM   266  O OD1 . ASP B 2 10 ? -7.580  -2.423  10.000  1.00 17.54 ? 34  ASP B OD1 1 
ATOM   267  O OD2 . ASP B 2 10 ? -7.798  -4.608  10.026  1.00 19.42 ? 34  ASP B OD2 1 
ATOM   268  N N   . ALA B 2 11 ? -2.634  -3.631  9.703   1.00 6.76  ? 35  ALA B N   1 
ATOM   269  C CA  . ALA B 2 11 ? -1.261  -3.794  10.170  1.00 6.82  ? 35  ALA B CA  1 
ATOM   270  C C   . ALA B 2 11 ? -0.471  -2.657  9.823   1.00 6.36  ? 35  ALA B C   1 
ATOM   271  O O   . ALA B 2 11 ? 0.459   -2.304  10.550  1.00 8.12  ? 35  ALA B O   1 
ATOM   272  C CB  . ALA B 2 11 ? -0.838  -5.181  9.779   1.00 8.37  ? 35  ALA B CB  1 
ATOM   273  N N   . ALA B 2 12 ? -0.784  -2.009  8.704   1.00 6.03  ? 36  ALA B N   1 
ATOM   274  C CA  . ALA B 2 12 ? -0.003  -0.858  8.247   1.00 5.41  ? 36  ALA B CA  1 
ATOM   275  C C   . ALA B 2 12 ? -0.403  0.337   8.883   1.00 5.02  ? 36  ALA B C   1 
ATOM   276  O O   . ALA B 2 12 ? 0.400   1.258   9.028   1.00 6.31  ? 36  ALA B O   1 
ATOM   277  C CB  . ALA B 2 12 ? 0.029   -0.928  6.748   1.00 2.82  ? 36  ALA B CB  1 
ATOM   278  N N   . GLY B 2 13 ? -1.665  0.417   9.287   1.00 5.11  ? 37  GLY B N   1 
ATOM   279  C CA  . GLY B 2 13 ? -2.146  1.641   9.892   1.00 4.54  ? 37  GLY B CA  1 
ATOM   280  C C   . GLY B 2 13 ? -2.582  2.588   8.789   1.00 5.42  ? 37  GLY B C   1 
ATOM   281  O O   . GLY B 2 13 ? -2.575  3.806   8.964   1.00 5.53  ? 37  GLY B O   1 
ATOM   282  N N   . ILE B 2 14 ? -2.952  2.015   7.646   1.00 5.01  ? 38  ILE B N   1 
ATOM   283  C CA  . ILE B 2 14 ? -3.420  2.773   6.485   1.00 5.46  ? 38  ILE B CA  1 
ATOM   284  C C   . ILE B 2 14 ? -4.844  2.645   6.449   1.00 5.24  ? 38  ILE B C   1 
ATOM   285  O O   . ILE B 2 14 ? -5.381  1.543   6.556   1.00 6.83  ? 38  ILE B O   1 
ATOM   286  C CB  . ILE B 2 14 ? -2.792  2.228   5.169   1.00 4.99  ? 38  ILE B CB  1 
ATOM   287  C CG1 . ILE B 2 14 ? -1.278  2.457   5.189   1.00 5.83  ? 38  ILE B CG1 1 
ATOM   288  C CG2 . ILE B 2 14 ? -3.408  2.891   3.973   1.00 5.82  ? 38  ILE B CG2 1 
ATOM   289  C CD1 . ILE B 2 14 ? -0.542  1.813   4.032   1.00 5.91  ? 38  ILE B CD1 1 
ATOM   290  N N   . LEU B 2 15 ? -5.542  3.765   6.299   1.00 4.34  ? 39  LEU B N   1 
ATOM   291  C CA  . LEU B 2 15 ? -7.004  3.748   6.286   1.00 4.49  ? 39  LEU B CA  1 
ATOM   292  C C   . LEU B 2 15 ? -7.611  3.568   5.017   1.00 5.09  ? 39  LEU B C   1 
ATOM   293  O O   . LEU B 2 15 ? -7.015  3.851   3.979   1.00 4.69  ? 39  LEU B O   1 
ATOM   294  C CB  . LEU B 2 15 ? -7.550  5.053   6.872   1.00 6.19  ? 39  LEU B CB  1 
ATOM   295  C CG  . LEU B 2 15 ? -7.139  5.489   8.278   1.00 7.06  ? 39  LEU B CG  1 
ATOM   296  C CD1 . LEU B 2 15 ? -7.757  6.813   8.593   1.00 7.75  ? 39  LEU B CD1 1 
ATOM   297  C CD2 . LEU B 2 15 ? -7.568  4.464   9.272   1.00 11.02 ? 39  LEU B CD2 1 
ATOM   298  N N   . PRO B 2 16 ? -8.849  3.051   5.002   1.00 6.44  ? 40  PRO B N   1 
ATOM   299  C CA  . PRO B 2 16 ? -9.511  2.878   3.709   1.00 6.78  ? 40  PRO B CA  1 
ATOM   300  C C   . PRO B 2 16 ? -9.661  4.197   3.165   1.00 4.61  ? 40  PRO B C   1 
ATOM   301  O O   . PRO B 2 16 ? -9.971  5.138   3.900   1.00 5.97  ? 40  PRO B O   1 
ATOM   302  C CB  . PRO B 2 16 ? -10.852 2.254   4.091   1.00 6.43  ? 40  PRO B CB  1 
ATOM   303  C CG  . PRO B 2 16 ? -10.489 1.403   5.281   1.00 7.50  ? 40  PRO B CG  1 
ATOM   304  C CD  . PRO B 2 16 ? -9.564  2.320   6.069   1.00 7.70  ? 40  PRO B CD  1 
ATOM   305  N N   . PHE B 2 17 ? -9.422  4.339   1.862   1.00 3.55  ? 41  PHE B N   1 
ATOM   306  C CA  . PHE B 2 17 ? -9.533  5.618   1.151   1.00 2.94  ? 41  PHE B CA  1 
ATOM   307  C C   . PHE B 2 17 ? -8.400  6.489   1.254   1.00 4.16  ? 41  PHE B C   1 
ATOM   308  O O   . PHE B 2 17 ? -8.397  7.567   0.666   1.00 5.10  ? 41  PHE B O   1 
ATOM   309  C CB  . PHE B 2 17 ? -10.801 6.371   1.588   1.00 4.26  ? 41  PHE B CB  1 
ATOM   310  C CG  . PHE B 2 17 ? -12.051 5.530   1.550   1.00 4.47  ? 41  PHE B CG  1 
ATOM   311  C CD1 . PHE B 2 17 ? -12.886 5.460   2.660   1.00 4.50  ? 41  PHE B CD1 1 
ATOM   312  C CD2 . PHE B 2 17 ? -12.380 4.793   0.418   1.00 3.76  ? 41  PHE B CD2 1 
ATOM   313  C CE1 . PHE B 2 17 ? -14.030 4.666   2.643   1.00 6.79  ? 41  PHE B CE1 1 
ATOM   314  C CE2 . PHE B 2 17 ? -13.522 3.995   0.389   1.00 5.20  ? 41  PHE B CE2 1 
ATOM   315  C CZ  . PHE B 2 17 ? -14.348 3.932   1.506   1.00 5.82  ? 41  PHE B CZ  1 
ATOM   316  N N   . GLU B 2 18 ? -7.369  6.084   1.992   1.00 4.08  ? 42  GLU B N   1 
ATOM   317  C CA  . GLU B 2 18 ? -6.178  6.921   2.130   1.00 4.52  ? 42  GLU B CA  1 
ATOM   318  C C   . GLU B 2 18 ? -5.393  6.878   0.931   1.00 4.05  ? 42  GLU B C   1 
ATOM   319  O O   . GLU B 2 18 ? -5.330  5.853   0.254   1.00 3.54  ? 42  GLU B O   1 
ATOM   320  C CB  . GLU B 2 18 ? -5.344  6.464   3.344   1.00 3.68  ? 42  GLU B CB  1 
ATOM   321  C CG  . GLU B 2 18 ? -4.054  7.268   3.583   1.00 3.37  ? 42  GLU B CG  1 
ATOM   322  C CD  . GLU B 2 18 ? -3.387  6.960   4.920   1.00 4.49  ? 42  GLU B CD  1 
ATOM   323  O OE1 . GLU B 2 18 ? -3.846  6.046   5.631   1.00 4.24  ? 42  GLU B OE1 1 
ATOM   324  O OE2 . GLU B 2 18 ? -2.394  7.638   5.259   1.00 3.72  ? 42  GLU B OE2 1 
ATOM   325  N N   . GLN B 2 19 ? -4.770  7.997   0.579   1.00 3.62  ? 43  GLN B N   1 
ATOM   326  C CA  . GLN B 2 19 ? -3.926  8.039   -0.612  1.00 3.12  ? 43  GLN B CA  1 
ATOM   327  C C   . GLN B 2 19 ? -2.736  7.265   -0.404  1.00 4.00  ? 43  GLN B C   1 
ATOM   328  O O   . GLN B 2 19 ? -2.163  7.281   0.686   1.00 4.37  ? 43  GLN B O   1 
ATOM   329  C CB  . GLN B 2 19 ? -3.557  9.489   -0.941  1.00 4.60  ? 43  GLN B CB  1 
ATOM   330  C CG  . GLN B 2 19 ? -2.545  9.636   -2.066  1.00 4.90  ? 43  GLN B CG  1 
ATOM   331  C CD  . GLN B 2 19 ? -2.238  11.087  -2.389  1.00 4.23  ? 43  GLN B CD  1 
ATOM   332  O OE1 . GLN B 2 19 ? -3.044  11.785  -3.013  1.00 6.52  ? 43  GLN B OE1 1 
ATOM   333  N NE2 . GLN B 2 19 ? -1.074  11.552  -1.957  1.00 5.45  ? 43  GLN B NE2 1 
ATOM   334  N N   . VAL B 2 20 ? -2.316  6.530   -1.432  1.00 3.19  ? 44  VAL B N   1 
ATOM   335  C CA  . VAL B 2 20 ? -1.097  5.725   -1.359  1.00 4.19  ? 44  VAL B CA  1 
ATOM   336  C C   . VAL B 2 20 ? -0.412  5.750   -2.603  1.00 3.35  ? 44  VAL B C   1 
ATOM   337  O O   . VAL B 2 20 ? -1.021  5.937   -3.656  1.00 4.47  ? 44  VAL B O   1 
ATOM   338  C CB  . VAL B 2 20 ? -1.384  4.235   -1.006  1.00 3.96  ? 44  VAL B CB  1 
ATOM   339  C CG1 . VAL B 2 20 ? -1.968  4.123   0.363   1.00 5.34  ? 44  VAL B CG1 1 
ATOM   340  C CG2 . VAL B 2 20 ? -2.295  3.627   -2.022  1.00 6.30  ? 44  VAL B CG2 1 
ATOM   341  N N   . ASP B 2 21 ? 0.904   5.594   -2.549  1.00 3.76  ? 45  ASP B N   1 
ATOM   342  C CA  . ASP B 2 21 ? 1.716   5.539   -3.761  1.00 3.11  ? 45  ASP B CA  1 
ATOM   343  C C   . ASP B 2 21 ? 2.051   4.164   -3.977  1.00 2.70  ? 45  ASP B C   1 
ATOM   344  O O   . ASP B 2 21 ? 2.190   3.391   -3.023  1.00 3.84  ? 45  ASP B O   1 
ATOM   345  C CB  . ASP B 2 21 ? 3.015   6.343   -3.592  1.00 3.29  ? 45  ASP B CB  1 
ATOM   346  C CG  . ASP B 2 21 ? 2.875   7.798   -3.998  1.00 5.46  ? 45  ASP B CG  1 
ATOM   347  O OD1 . ASP B 2 21 ? 1.740   8.290   -4.164  1.00 4.22  ? 45  ASP B OD1 1 
ATOM   348  O OD2 . ASP B 2 21 ? 3.926   8.460   -4.142  1.00 4.71  ? 45  ASP B OD2 1 
ATOM   349  N N   . ILE B 2 22 ? 2.173   3.772   -5.240  1.00 2.74  ? 46  ILE B N   1 
ATOM   350  C CA  . ILE B 2 22 ? 2.573   2.407   -5.578  1.00 3.38  ? 46  ILE B CA  1 
ATOM   351  C C   . ILE B 2 22 ? 3.781   2.458   -6.347  1.00 3.51  ? 46  ILE B C   1 
ATOM   352  O O   . ILE B 2 22 ? 3.837   3.109   -7.392  1.00 3.34  ? 46  ILE B O   1 
ATOM   353  C CB  . ILE B 2 22 ? 1.496   1.659   -6.401  1.00 3.47  ? 46  ILE B CB  1 
ATOM   354  C CG1 . ILE B 2 22 ? 0.176   1.625   -5.631  1.00 4.42  ? 46  ILE B CG1 1 
ATOM   355  C CG2 . ILE B 2 22 ? 1.954   0.261   -6.688  1.00 3.24  ? 46  ILE B CG2 1 
ATOM   356  C CD1 . ILE B 2 22 ? -0.932  0.864   -6.337  1.00 4.85  ? 46  ILE B CD1 1 
ATOM   357  N N   . TYR B 2 23 ? 4.824   1.790   -5.860  1.00 1.97  ? 47  TYR B N   1 
ATOM   358  C CA  . TYR B 2 23 ? 6.119   1.739   -6.544  1.00 1.62  ? 47  TYR B CA  1 
ATOM   359  C C   . TYR B 2 23 ? 6.321   0.370   -6.931  1.00 2.04  ? 47  TYR B C   1 
ATOM   360  O O   . TYR B 2 23 ? 6.369   -0.525  -6.088  1.00 3.97  ? 47  TYR B O   1 
ATOM   361  C CB  . TYR B 2 23 ? 7.231   2.229   -5.606  1.00 2.47  ? 47  TYR B CB  1 
ATOM   362  C CG  . TYR B 2 23 ? 6.973   3.606   -5.006  1.00 1.58  ? 47  TYR B CG  1 
ATOM   363  C CD1 . TYR B 2 23 ? 7.318   3.879   -3.683  1.00 2.23  ? 47  TYR B CD1 1 
ATOM   364  C CD2 . TYR B 2 23 ? 6.368   4.624   -5.749  1.00 2.14  ? 47  TYR B CD2 1 
ATOM   365  C CE1 . TYR B 2 23 ? 7.065   5.124   -3.106  1.00 2.50  ? 47  TYR B CE1 1 
ATOM   366  C CE2 . TYR B 2 23 ? 6.111   5.882   -5.179  1.00 1.37  ? 47  TYR B CE2 1 
ATOM   367  C CZ  . TYR B 2 23 ? 6.462   6.117   -3.853  1.00 2.00  ? 47  TYR B CZ  1 
ATOM   368  O OH  . TYR B 2 23 ? 6.187   7.331   -3.260  1.00 3.87  ? 47  TYR B OH  1 
ATOM   369  N N   . ASP B 2 24 ? 6.455   0.150   -8.233  1.00 2.93  ? 48  ASP B N   1 
ATOM   370  C CA  . ASP B 2 24 ? 6.584   -1.187  -8.819  1.00 3.46  ? 48  ASP B CA  1 
ATOM   371  C C   . ASP B 2 24 ? 7.927   -1.680  -8.930  1.00 4.04  ? 48  ASP B C   1 
ATOM   372  O O   . ASP B 2 24 ? 8.724   -1.178  -9.721  1.00 3.30  ? 48  ASP B O   1 
ATOM   373  C CB  . ASP B 2 24 ? 5.892   -1.164  -10.193 1.00 3.60  ? 48  ASP B CB  1 
ATOM   374  C CG  . ASP B 2 24 ? 5.469   -2.536  -10.678 1.00 4.64  ? 48  ASP B CG  1 
ATOM   375  O OD1 . ASP B 2 24 ? 6.327   -3.433  -10.744 1.00 4.62  ? 48  ASP B OD1 1 
ATOM   376  O OD2 . ASP B 2 24 ? 4.270   -2.709  -11.017 1.00 3.70  ? 48  ASP B OD2 1 
ATOM   377  N N   . ILE B 2 25 ? 8.246   -2.704  -8.142  1.00 4.56  ? 49  ILE B N   1 
ATOM   378  C CA  . ILE B 2 25 ? 9.578   -3.311  -8.143  1.00 5.90  ? 49  ILE B CA  1 
ATOM   379  C C   . ILE B 2 25 ? 9.863   -4.057  -9.333  1.00 5.87  ? 49  ILE B C   1 
ATOM   380  O O   . ILE B 2 25 ? 11.010  -4.143  -9.773  1.00 5.14  ? 49  ILE B O   1 
ATOM   381  C CB  . ILE B 2 25 ? 9.749   -4.225  -6.902  1.00 5.42  ? 49  ILE B CB  1 
ATOM   382  C CG1 . ILE B 2 25 ? 9.696   -3.374  -5.631  1.00 5.94  ? 49  ILE B CG1 1 
ATOM   383  C CG2 . ILE B 2 25 ? 11.038  -4.984  -6.981  1.00 7.40  ? 49  ILE B CG2 1 
ATOM   384  C CD1 . ILE B 2 25 ? 9.594   -4.182  -4.353  1.00 8.40  ? 49  ILE B CD1 1 
ATOM   385  N N   . THR B 2 26 ? 8.833   -4.633  -9.939  1.00 4.60  ? 50  THR B N   1 
ATOM   386  C CA  . THR B 2 26 ? 9.019   -5.423  -11.147 1.00 5.29  ? 50  THR B CA  1 
ATOM   387  C C   . THR B 2 26 ? 9.323   -4.660  -12.321 1.00 5.10  ? 50  THR B C   1 
ATOM   388  O O   . THR B 2 26 ? 10.217  -5.032  -13.091 1.00 7.39  ? 50  THR B O   1 
ATOM   389  C CB  . THR B 2 26 ? 7.772   -6.287  -11.423 1.00 5.90  ? 50  THR B CB  1 
ATOM   390  O OG1 . THR B 2 26 ? 7.551   -7.169  -10.314 1.00 6.61  ? 50  THR B OG1 1 
ATOM   391  C CG2 . THR B 2 26 ? 7.947   -7.092  -12.670 1.00 5.52  ? 50  THR B CG2 1 
ATOM   392  N N   . ASN B 2 27 ? 8.617   -3.548  -12.525 1.00 4.41  ? 51  ASN B N   1 
ATOM   393  C CA  . ASN B 2 27 ? 8.826   -2.740  -13.727 1.00 3.95  ? 51  ASN B CA  1 
ATOM   394  C C   . ASN B 2 27 ? 9.170   -1.354  -13.573 1.00 3.13  ? 51  ASN B C   1 
ATOM   395  O O   . ASN B 2 27 ? 9.365   -0.655  -14.569 1.00 4.21  ? 51  ASN B O   1 
ATOM   396  C CB  . ASN B 2 27 ? 7.601   -2.853  -14.644 1.00 5.08  ? 51  ASN B CB  1 
ATOM   397  C CG  . ASN B 2 27 ? 6.343   -2.324  -13.994 1.00 4.12  ? 51  ASN B CG  1 
ATOM   398  O OD1 . ASN B 2 27 ? 6.371   -1.302  -13.311 1.00 4.92  ? 51  ASN B OD1 1 
ATOM   399  N ND2 . ASN B 2 27 ? 5.224   -3.010  -14.216 1.00 3.83  ? 51  ASN B ND2 1 
ATOM   400  N N   . GLY B 2 28 ? 9.245   -0.869  -12.338 1.00 3.68  ? 52  GLY B N   1 
ATOM   401  C CA  . GLY B 2 28 ? 9.625   0.518   -12.104 1.00 3.30  ? 52  GLY B CA  1 
ATOM   402  C C   . GLY B 2 28 ? 8.568   1.613   -12.112 1.00 3.80  ? 52  GLY B C   1 
ATOM   403  O O   . GLY B 2 28 ? 8.896   2.780   -11.903 1.00 5.46  ? 52  GLY B O   1 
ATOM   404  N N   . ALA B 2 29 ? 7.309   1.257   -12.341 1.00 3.66  ? 53  ALA B N   1 
ATOM   405  C CA  . ALA B 2 29 ? 6.230   2.242   -12.369 1.00 3.12  ? 53  ALA B CA  1 
ATOM   406  C C   . ALA B 2 29 ? 6.065   2.826   -11.072 1.00 3.53  ? 53  ALA B C   1 
ATOM   407  O O   . ALA B 2 29 ? 6.338   2.195   -10.047 1.00 4.03  ? 53  ALA B O   1 
ATOM   408  C CB  . ALA B 2 29 ? 5.074   1.587   -13.078 1.00 5.29  ? 53  ALA B CB  1 
ATOM   409  N N   . ARG B 2 30 ? 5.602   4.075   -11.051 1.00 2.62  ? 54  ARG B N   1 
ATOM   410  C CA  . ARG B 2 30 ? 5.324   4.808   -9.814  1.00 3.26  ? 54  ARG B CA  1 
ATOM   411  C C   . ARG B 2 30 ? 4.125   5.565   -10.024 1.00 2.98  ? 54  ARG B C   1 
ATOM   412  O O   . ARG B 2 30 ? 4.018   6.307   -11.006 1.00 4.44  ? 54  ARG B O   1 
ATOM   413  C CB  . ARG B 2 30 ? 6.473   5.758   -9.453  1.00 2.31  ? 54  ARG B CB  1 
ATOM   414  C CG  . ARG B 2 30 ? 7.841   5.092   -9.392  1.00 3.16  ? 54  ARG B CG  1 
ATOM   415  C CD  . ARG B 2 30 ? 8.923   6.078   -8.987  1.00 2.03  ? 54  ARG B CD  1 
ATOM   416  N NE  . ARG B 2 30 ? 8.951   6.351   -7.552  1.00 2.65  ? 54  ARG B NE  1 
ATOM   417  C CZ  . ARG B 2 30 ? 9.468   5.525   -6.647  1.00 2.03  ? 54  ARG B CZ  1 
ATOM   418  N NH1 . ARG B 2 30 ? 9.995   4.367   -7.031  1.00 2.66  ? 54  ARG B NH1 1 
ATOM   419  N NH2 . ARG B 2 30 ? 9.489   5.867   -5.364  1.00 2.39  ? 54  ARG B NH2 1 
ATOM   420  N N   . LEU B 2 31 ? 3.153   5.418   -9.127  1.00 2.38  ? 55  LEU B N   1 
ATOM   421  C CA  . LEU B 2 31 ? 1.883   6.144   -9.249  1.00 1.81  ? 55  LEU B CA  1 
ATOM   422  C C   . LEU B 2 31 ? 1.234   6.414   -7.995  1.00 2.56  ? 55  LEU B C   1 
ATOM   423  O O   . LEU B 2 31 ? 1.628   5.895   -6.948  1.00 1.79  ? 55  LEU B O   1 
ATOM   424  C CB  . LEU B 2 31 ? 0.930   5.373   -10.173 1.00 3.67  ? 55  LEU B CB  1 
ATOM   425  C CG  . LEU B 2 31 ? 0.495   3.965   -9.752  1.00 2.07  ? 55  LEU B CG  1 
ATOM   426  C CD1 . LEU B 2 31 ? -0.616  4.046   -8.758  1.00 4.55  ? 55  LEU B CD1 1 
ATOM   427  C CD2 . LEU B 2 31 ? 0.035   3.198   -10.951 1.00 4.59  ? 55  LEU B CD2 1 
ATOM   428  N N   . THR B 2 32 ? 0.200   7.252   -8.045  1.00 3.34  ? 56  THR B N   1 
ATOM   429  C CA  . THR B 2 32 ? -0.583  7.635   -6.869  1.00 3.50  ? 56  THR B CA  1 
ATOM   430  C C   . THR B 2 32 ? -1.959  7.242   -7.027  1.00 2.62  ? 56  THR B C   1 
ATOM   431  O O   . THR B 2 32 ? -2.544  7.442   -8.090  1.00 3.68  ? 56  THR B O   1 
ATOM   432  C CB  . THR B 2 32 ? -0.521  9.176   -6.646  1.00 2.96  ? 56  THR B CB  1 
ATOM   433  O OG1 . THR B 2 32 ? 0.834   9.584   -6.413  1.00 3.94  ? 56  THR B OG1 1 
ATOM   434  C CG2 . THR B 2 32 ? -1.362  9.582   -5.482  1.00 3.19  ? 56  THR B CG2 1 
ATOM   435  N N   . THR B 2 33 ? -2.553  6.667   -5.979  1.00 1.97  ? 57  THR B N   1 
ATOM   436  C CA  . THR B 2 33 ? -3.959  6.235   -6.001  1.00 2.36  ? 57  THR B CA  1 
ATOM   437  C C   . THR B 2 33 ? -4.422  6.165   -4.637  1.00 2.97  ? 57  THR B C   1 
ATOM   438  O O   . THR B 2 33 ? -3.913  6.898   -3.791  1.00 3.28  ? 57  THR B O   1 
ATOM   439  C CB  . THR B 2 33 ? -4.104  4.867   -6.745  1.00 3.65  ? 57  THR B CB  1 
ATOM   440  O OG1 . THR B 2 33 ? -5.491  4.525   -6.877  1.00 4.66  ? 57  THR B OG1 1 
ATOM   441  C CG2 . THR B 2 33 ? -3.378  3.778   -6.024  1.00 4.28  ? 57  THR B CG2 1 
ATOM   442  N N   . TYR B 2 34 ? -5.418  5.328   -4.337  1.00 3.18  ? 58  TYR B N   1 
ATOM   443  C CA  . TYR B 2 34 ? -5.904  5.198   -2.958  1.00 3.92  ? 58  TYR B CA  1 
ATOM   444  C C   . TYR B 2 34 ? -6.273  3.849   -2.637  1.00 3.48  ? 58  TYR B C   1 
ATOM   445  O O   . TYR B 2 34 ? -6.495  3.032   -3.527  1.00 4.57  ? 58  TYR B O   1 
ATOM   446  C CB  . TYR B 2 34 ? -7.081  6.148   -2.679  1.00 4.41  ? 58  TYR B CB  1 
ATOM   447  C CG  . TYR B 2 34 ? -8.294  5.926   -3.546  1.00 3.89  ? 58  TYR B CG  1 
ATOM   448  C CD1 . TYR B 2 34 ? -8.458  6.626   -4.741  1.00 3.71  ? 58  TYR B CD1 1 
ATOM   449  C CD2 . TYR B 2 34 ? -9.279  5.011   -3.175  1.00 3.91  ? 58  TYR B CD2 1 
ATOM   450  C CE1 . TYR B 2 34 ? -9.574  6.427   -5.541  1.00 5.19  ? 58  TYR B CE1 1 
ATOM   451  C CE2 . TYR B 2 34 ? -10.400 4.799   -3.975  1.00 3.15  ? 58  TYR B CE2 1 
ATOM   452  C CZ  . TYR B 2 34 ? -10.540 5.514   -5.153  1.00 5.19  ? 58  TYR B CZ  1 
ATOM   453  O OH  . TYR B 2 34 ? -11.655 5.321   -5.934  1.00 6.52  ? 58  TYR B OH  1 
ATOM   454  N N   . ALA B 2 35 ? -6.373  3.552   -1.342  1.00 4.37  ? 59  ALA B N   1 
ATOM   455  C CA  . ALA B 2 35 ? -6.691  2.201   -0.878  1.00 4.54  ? 59  ALA B CA  1 
ATOM   456  C C   . ALA B 2 35 ? -8.084  1.952   -0.698  1.00 5.25  ? 59  ALA B C   1 
ATOM   457  O O   . ALA B 2 35 ? -8.840  2.808   -0.243  1.00 5.13  ? 59  ALA B O   1 
ATOM   458  C CB  . ALA B 2 35 ? -5.740  1.918   0.249   1.00 6.26  ? 59  ALA B CB  1 
ATOM   459  N N   . LEU B 2 36 ? -8.481  0.727   -1.034  1.00 5.44  ? 60  LEU B N   1 
ATOM   460  C CA  . LEU B 2 36 ? -9.853  0.248   -0.858  1.00 5.81  ? 60  LEU B CA  1 
ATOM   461  C C   . LEU B 2 36 ? -9.757  -0.950  -0.075  1.00 5.89  ? 60  LEU B C   1 
ATOM   462  O O   . LEU B 2 36 ? -8.844  -1.750  -0.270  1.00 6.58  ? 60  LEU B O   1 
ATOM   463  C CB  . LEU B 2 36 ? -10.515 -0.058  -2.205  1.00 7.47  ? 60  LEU B CB  1 
ATOM   464  C CG  . LEU B 2 36 ? -11.012 1.123   -3.048  1.00 7.50  ? 60  LEU B CG  1 
ATOM   465  C CD1 . LEU B 2 36 ? -11.599 0.610   -4.323  1.00 9.32  ? 60  LEU B CD1 1 
ATOM   466  C CD2 . LEU B 2 36 ? -12.030 1.905   -2.286  1.00 10.14 ? 60  LEU B CD2 1 
ATOM   467  N N   . PRO B 2 37 ? -10.680 -1.158  0.878   1.00 7.64  ? 61  PRO B N   1 
ATOM   468  C CA  . PRO B 2 37 ? -10.626 -2.367  1.710   1.00 7.70  ? 61  PRO B CA  1 
ATOM   469  C C   . PRO B 2 37 ? -10.965 -3.575  1.023   1.00 8.23  ? 61  PRO B C   1 
ATOM   470  O O   . PRO B 2 37 ? -11.996 -3.649  0.355   1.00 10.28 ? 61  PRO B O   1 
ATOM   471  C CB  . PRO B 2 37 ? -11.596 -2.042  2.843   1.00 10.17 ? 61  PRO B CB  1 
ATOM   472  C CG  . PRO B 2 37 ? -12.630 -1.213  2.152   1.00 11.67 ? 61  PRO B CG  1 
ATOM   473  C CD  . PRO B 2 37 ? -11.793 -0.284  1.292   1.00 9.90  ? 61  PRO B CD  1 
ATOM   474  N N   . GLY B 2 38 ? -10.112 -4.588  1.153   1.00 7.36  ? 62  GLY B N   1 
ATOM   475  C CA  . GLY B 2 38 ? -10.360 -5.862  0.499   1.00 7.69  ? 62  GLY B CA  1 
ATOM   476  C C   . GLY B 2 38 ? -10.685 -6.973  1.483   1.00 7.14  ? 62  GLY B C   1 
ATOM   477  O O   . GLY B 2 38 ? -10.505 -6.809  2.685   1.00 7.59  ? 62  GLY B O   1 
ATOM   478  N N   . GLU B 2 39 ? -11.162 -8.106  0.971   1.00 8.09  ? 63  GLU B N   1 
ATOM   479  C CA  . GLU B 2 39 ? -11.522 -9.252  1.806   1.00 9.70  ? 63  GLU B CA  1 
ATOM   480  C C   . GLU B 2 39 ? -10.473 -9.629  2.701   1.00 9.41  ? 63  GLU B C   1 
ATOM   481  O O   . GLU B 2 39 ? -9.354  -9.909  2.281   1.00 7.94  ? 63  GLU B O   1 
ATOM   482  C CB  . GLU B 2 39 ? -11.907 -10.435 0.912   1.00 11.33 ? 63  GLU B CB  1 
ATOM   483  C CG  . GLU B 2 39 ? -12.238 -11.718 1.657   1.00 16.95 ? 63  GLU B CG  1 
ATOM   484  C CD  . GLU B 2 39 ? -12.661 -12.835 0.721   1.00 20.47 ? 63  GLU B CD  1 
ATOM   485  O OE1 . GLU B 2 39 ? -11.910 -13.130 -0.232  1.00 22.67 ? 63  GLU B OE1 1 
ATOM   486  O OE2 . GLU B 2 39 ? -13.742 -13.420 0.940   1.00 24.04 ? 63  GLU B OE2 1 
ATOM   487  N N   . ARG B 2 40 ? -10.783 -9.669  3.994   1.00 9.02  ? 64  ARG B N   1 
ATOM   488  C CA  . ARG B 2 40 ? -9.794  -10.030 5.003   1.00 9.74  ? 64  ARG B CA  1 
ATOM   489  C C   . ARG B 2 40 ? -9.299  -11.364 4.880   1.00 10.11 ? 64  ARG B C   1 
ATOM   490  O O   . ARG B 2 40 ? -10.068 -12.314 4.722   1.00 11.14 ? 64  ARG B O   1 
ATOM   491  C CB  . ARG B 2 40 ? -10.374 -9.822  6.404   1.00 9.29  ? 64  ARG B CB  1 
ATOM   492  C CG  . ARG B 2 40 ? -10.566 -8.359  6.796   1.00 9.87  ? 64  ARG B CG  1 
ATOM   493  C CD  . ARG B 2 40 ? -11.227 -8.244  8.165   1.00 9.38  ? 64  ARG B CD  1 
ATOM   494  N NE  . ARG B 2 40 ? -11.337 -6.863  8.629   1.00 12.44 ? 64  ARG B NE  1 
ATOM   495  C CZ  . ARG B 2 40 ? -10.307 -6.126  9.031   1.00 12.51 ? 64  ARG B CZ  1 
ATOM   496  N NH1 . ARG B 2 40 ? -9.082  -6.636  9.024   1.00 12.72 ? 64  ARG B NH1 1 
ATOM   497  N NH2 . ARG B 2 40 ? -10.503 -4.885  9.448   1.00 13.60 ? 64  ARG B NH2 1 
ATOM   498  N N   . GLY B 2 41 ? -7.975  -11.503 4.940   1.00 9.30  ? 65  GLY B N   1 
ATOM   499  C CA  . GLY B 2 41 ? -7.349  -12.812 4.854   1.00 10.39 ? 65  GLY B CA  1 
ATOM   500  C C   . GLY B 2 41 ? -7.143  -13.355 3.454   1.00 10.48 ? 65  GLY B C   1 
ATOM   501  O O   . GLY B 2 41 ? -6.533  -14.412 3.274   1.00 12.23 ? 65  GLY B O   1 
ATOM   502  N N   . SER B 2 42 ? -7.636  -12.632 2.456   1.00 9.72  ? 66  SER B N   1 
ATOM   503  C CA  . SER B 2 42 ? -7.504  -13.061 1.068   1.00 10.08 ? 66  SER B CA  1 
ATOM   504  C C   . SER B 2 42 ? -6.219  -12.784 0.525   1.00 9.48  ? 66  SER B C   1 
ATOM   505  O O   . SER B 2 42 ? -5.786  -13.445 -0.417  1.00 11.70 ? 66  SER B O   1 
ATOM   506  C CB  . SER B 2 42 ? -8.567  -12.386 0.203   1.00 10.38 ? 66  SER B CB  1 
ATOM   507  O OG  . SER B 2 42 ? -8.369  -10.981 0.164   1.00 9.86  ? 66  SER B OG  1 
ATOM   508  N N   . GLY B 2 43 ? -5.537  -11.789 1.082   1.00 7.85  ? 67  GLY B N   1 
ATOM   509  C CA  . GLY B 2 43 ? -4.225  -11.423 0.580   1.00 8.95  ? 67  GLY B CA  1 
ATOM   510  C C   . GLY B 2 43 ? -4.347  -10.675 -0.732  1.00 7.20  ? 67  GLY B C   1 
ATOM   511  O O   . GLY B 2 43 ? -3.402  -10.597 -1.513  1.00 8.78  ? 67  GLY B O   1 
ATOM   512  N N   . VAL B 2 44 ? -5.522  -10.107 -0.973  1.00 6.61  ? 68  VAL B N   1 
ATOM   513  C CA  . VAL B 2 44 ? -5.763  -9.379  -2.206  1.00 6.25  ? 68  VAL B CA  1 
ATOM   514  C C   . VAL B 2 44 ? -5.070  -8.132  -2.323  1.00 5.10  ? 68  VAL B C   1 
ATOM   515  O O   . VAL B 2 44 ? -4.977  -7.348  -1.375  1.00 6.36  ? 68  VAL B O   1 
ATOM   516  C CB  . VAL B 2 44 ? -7.289  -9.138  -2.423  1.00 5.13  ? 68  VAL B CB  1 
ATOM   517  C CG1 . VAL B 2 44 ? -7.834  -8.236  -1.363  1.00 5.85  ? 68  VAL B CG1 1 
ATOM   518  C CG2 . VAL B 2 44 ? -7.541  -8.570  -3.785  1.00 5.50  ? 68  VAL B CG2 1 
ATOM   519  N N   . ILE B 2 45 ? -4.519  -7.918  -3.513  1.00 5.49  ? 69  ILE B N   1 
ATOM   520  C CA  . ILE B 2 45 ? -3.834  -6.689  -3.898  1.00 4.41  ? 69  ILE B CA  1 
ATOM   521  C C   . ILE B 2 45 ? -4.306  -6.537  -5.236  1.00 4.78  ? 69  ILE B C   1 
ATOM   522  O O   . ILE B 2 45 ? -3.732  -7.084  -6.179  1.00 4.91  ? 69  ILE B O   1 
ATOM   523  C CB  . ILE B 2 45 ? -2.288  -6.827  -3.881  1.00 5.33  ? 69  ILE B CB  1 
ATOM   524  C CG1 . ILE B 2 45 ? -1.784  -7.049  -2.446  1.00 5.94  ? 69  ILE B CG1 1 
ATOM   525  C CG2 . ILE B 2 45 ? -1.660  -5.587  -4.438  1.00 7.88  ? 69  ILE B CG2 1 
ATOM   526  C CD1 . ILE B 2 45 ? -1.986  -5.871  -1.506  1.00 8.19  ? 69  ILE B CD1 1 
ATOM   527  N N   . GLY B 2 46 ? -5.407  -5.807  -5.389  1.00 5.09  ? 70  GLY B N   1 
ATOM   528  C CA  . GLY B 2 46 ? -5.997  -5.634  -6.706  1.00 3.37  ? 70  GLY B CA  1 
ATOM   529  C C   . GLY B 2 46 ? -5.893  -4.245  -7.304  1.00 3.31  ? 70  GLY B C   1 
ATOM   530  O O   . GLY B 2 46 ? -6.281  -3.254  -6.679  1.00 5.26  ? 70  GLY B O   1 
ATOM   531  N N   . ILE B 2 47 ? -5.382  -4.181  -8.529  1.00 4.63  ? 71  ILE B N   1 
ATOM   532  C CA  . ILE B 2 47 ? -5.215  -2.915  -9.235  1.00 4.66  ? 71  ILE B CA  1 
ATOM   533  C C   . ILE B 2 47 ? -6.347  -2.620  -10.053 1.00 5.13  ? 71  ILE B C   1 
ATOM   534  O O   . ILE B 2 47 ? -6.573  -3.268  -11.080 1.00 6.92  ? 71  ILE B O   1 
ATOM   535  C CB  . ILE B 2 47 ? -3.947  -2.937  -10.116 1.00 4.74  ? 71  ILE B CB  1 
ATOM   536  C CG1 . ILE B 2 47 ? -2.720  -3.310  -9.276  1.00 5.02  ? 71  ILE B CG1 1 
ATOM   537  C CG2 . ILE B 2 47 ? -3.750  -1.599  -10.752 1.00 6.01  ? 71  ILE B CG2 1 
ATOM   538  C CD1 . ILE B 2 47 ? -2.375  -2.306  -8.187  1.00 7.01  ? 71  ILE B CD1 1 
ATOM   539  N N   . ASN B 2 48 ? -7.115  -1.613  -9.645  1.00 6.33  ? 72  ASN B N   1 
ATOM   540  C CA  . ASN B 2 48 ? -8.315  -1.205  -10.373 1.00 7.50  ? 72  ASN B CA  1 
ATOM   541  C C   . ASN B 2 48 ? -8.140  0.020   -11.075 1.00 7.41  ? 72  ASN B C   1 
ATOM   542  O O   . ASN B 2 48 ? -7.390  0.898   -10.648 1.00 8.63  ? 72  ASN B O   1 
ATOM   543  C CB  . ASN B 2 48 ? -9.492  -1.045  -9.409  1.00 6.95  ? 72  ASN B CB  1 
ATOM   544  C CG  . ASN B 2 48 ? -9.650  -2.227  -8.479  1.00 7.75  ? 72  ASN B CG  1 
ATOM   545  O OD1 . ASN B 2 48 ? -9.785  -3.364  -8.923  1.00 9.63  ? 72  ASN B OD1 1 
ATOM   546  N ND2 . ASN B 2 48 ? -9.635  -1.961  -7.177  1.00 8.59  ? 72  ASN B ND2 1 
ATOM   547  N N   . GLY B 2 49 ? -8.834  0.154   -12.199 1.00 4.59  ? 73  GLY B N   1 
ATOM   548  C CA  . GLY B 2 49 ? -8.749  1.385   -12.960 1.00 3.81  ? 73  GLY B CA  1 
ATOM   549  C C   . GLY B 2 49 ? -7.551  1.540   -13.874 1.00 3.13  ? 73  GLY B C   1 
ATOM   550  O O   . GLY B 2 49 ? -6.927  0.566   -14.283 1.00 4.55  ? 73  GLY B O   1 
ATOM   551  N N   . ALA B 2 50 ? -7.228  2.794   -14.180 1.00 3.21  ? 74  ALA B N   1 
ATOM   552  C CA  . ALA B 2 50 ? -6.131  3.149   -15.074 1.00 2.65  ? 74  ALA B CA  1 
ATOM   553  C C   . ALA B 2 50 ? -4.879  2.587   -14.680 1.00 3.97  ? 74  ALA B C   1 
ATOM   554  O O   . ALA B 2 50 ? -4.023  2.346   -15.530 1.00 3.70  ? 74  ALA B O   1 
ATOM   555  C CB  . ALA B 2 50 ? -6.262  4.623   -15.314 1.00 2.83  ? 74  ALA B CB  1 
ATOM   556  N N   . ALA B 2 51 ? -4.689  2.347   -13.387 1.00 3.41  ? 75  ALA B N   1 
ATOM   557  C CA  . ALA B 2 51 ? -3.434  1.807   -12.871 1.00 4.44  ? 75  ALA B CA  1 
ATOM   558  C C   . ALA B 2 51 ? -3.095  0.545   -13.461 1.00 3.54  ? 75  ALA B C   1 
ATOM   559  O O   . ALA B 2 51 ? -1.925  0.162   -13.448 1.00 3.68  ? 75  ALA B O   1 
ATOM   560  C CB  . ALA B 2 51 ? -3.491  1.964   -11.376 1.00 3.51  ? 75  ALA B CB  1 
ATOM   561  N N   . ALA B 2 52 ? -4.075  -0.166  -14.017 1.00 4.53  ? 76  ALA B N   1 
ATOM   562  C CA  . ALA B 2 52 ? -3.832  -1.486  -14.613 1.00 3.26  ? 76  ALA B CA  1 
ATOM   563  C C   . ALA B 2 52 ? -2.939  -1.425  -15.732 1.00 3.51  ? 76  ALA B C   1 
ATOM   564  O O   . ALA B 2 52 ? -2.385  -2.445  -16.134 1.00 5.79  ? 76  ALA B O   1 
ATOM   565  C CB  . ALA B 2 52 ? -5.170  -2.161  -14.728 1.00 3.93  ? 76  ALA B CB  1 
ATOM   566  N N   . HIS B 2 53 ? -2.753  -0.249  -16.319 1.00 3.99  ? 77  HIS B N   1 
ATOM   567  C CA  . HIS B 2 53 ? -1.836  -0.110  -17.451 1.00 4.56  ? 77  HIS B CA  1 
ATOM   568  C C   . HIS B 2 53 ? -0.473  -0.210  -17.045 1.00 4.95  ? 77  HIS B C   1 
ATOM   569  O O   . HIS B 2 53 ? 0.390   -0.612  -17.827 1.00 5.56  ? 77  HIS B O   1 
ATOM   570  C CB  . HIS B 2 53 ? -2.021  1.249   -18.127 1.00 3.62  ? 77  HIS B CB  1 
ATOM   571  C CG  . HIS B 2 53 ? -3.191  1.321   -19.055 1.00 4.11  ? 77  HIS B CG  1 
ATOM   572  N ND1 . HIS B 2 53 ? -3.142  0.851   -20.351 1.00 8.20  ? 77  HIS B ND1 1 
ATOM   573  C CD2 . HIS B 2 53 ? -4.436  1.824   -18.884 1.00 6.27  ? 77  HIS B CD2 1 
ATOM   574  C CE1 . HIS B 2 53 ? -4.307  1.064   -20.937 1.00 8.09  ? 77  HIS B CE1 1 
ATOM   575  N NE2 . HIS B 2 53 ? -5.109  1.652   -20.068 1.00 6.28  ? 77  HIS B NE2 1 
ATOM   576  N N   . LEU B 2 54 ? -0.204  0.146   -15.792 1.00 4.96  ? 78  LEU B N   1 
ATOM   577  C CA  . LEU B 2 54 ? 1.162   0.162   -15.271 1.00 4.72  ? 78  LEU B CA  1 
ATOM   578  C C   . LEU B 2 54 ? 1.538   -0.873  -14.366 1.00 4.69  ? 78  LEU B C   1 
ATOM   579  O O   . LEU B 2 54 ? 2.701   -1.282  -14.346 1.00 4.57  ? 78  LEU B O   1 
ATOM   580  C CB  . LEU B 2 54 ? 1.426   1.521   -14.612 1.00 6.05  ? 78  LEU B CB  1 
ATOM   581  C CG  . LEU B 2 54 ? 1.050   2.753   -15.445 1.00 7.11  ? 78  LEU B CG  1 
ATOM   582  C CD1 . LEU B 2 54 ? 1.337   3.997   -14.672 1.00 8.35  ? 78  LEU B CD1 1 
ATOM   583  C CD2 . LEU B 2 54 ? 1.801   2.747   -16.734 1.00 10.14 ? 78  LEU B CD2 1 
ATOM   584  N N   . VAL B 2 55 ? 0.589   -1.344  -13.560 1.00 5.07  ? 79  VAL B N   1 
ATOM   585  C CA  . VAL B 2 55 ? 0.850   -2.387  -12.566 1.00 4.83  ? 79  VAL B CA  1 
ATOM   586  C C   . VAL B 2 55 ? 0.099   -3.565  -12.882 1.00 4.48  ? 79  VAL B C   1 
ATOM   587  O O   . VAL B 2 55 ? -1.132  -3.545  -12.895 1.00 5.67  ? 79  VAL B O   1 
ATOM   588  C CB  . VAL B 2 55 ? 0.499   -1.864  -11.150 1.00 4.02  ? 79  VAL B CB  1 
ATOM   589  C CG1 . VAL B 2 55 ? 0.829   -2.886  -10.112 1.00 5.61  ? 79  VAL B CG1 1 
ATOM   590  C CG2 . VAL B 2 55 ? 1.248   -0.597  -10.885 1.00 6.58  ? 79  VAL B CG2 1 
ATOM   591  N N   . LYS B 2 56 ? 0.810   -4.663  -13.141 1.00 5.82  ? 80  LYS B N   1 
ATOM   592  C CA  . LYS B 2 56 ? 0.194   -5.929  -13.542 1.00 6.28  ? 80  LYS B CA  1 
ATOM   593  C C   . LYS B 2 56 ? 0.185   -6.967  -12.559 1.00 6.82  ? 80  LYS B C   1 
ATOM   594  O O   . LYS B 2 56 ? 0.945   -6.938  -11.595 1.00 7.15  ? 80  LYS B O   1 
ATOM   595  C CB  . LYS B 2 56 ? 0.917   -6.473  -14.778 1.00 6.63  ? 80  LYS B CB  1 
ATOM   596  C CG  . LYS B 2 56 ? 1.415   -5.420  -15.752 1.00 10.64 ? 80  LYS B CG  1 
ATOM   597  C CD  . LYS B 2 56 ? 0.279   -4.740  -16.488 1.00 13.93 ? 80  LYS B CD  1 
ATOM   598  C CE  . LYS B 2 56 ? 0.828   -3.764  -17.515 1.00 14.99 ? 80  LYS B CE  1 
ATOM   599  N NZ  . LYS B 2 56 ? 1.790   -4.433  -18.437 1.00 18.52 ? 80  LYS B NZ  1 
ATOM   600  N N   . PRO B 2 57 ? -0.688  -7.971  -12.743 1.00 7.45  ? 81  PRO B N   1 
ATOM   601  C CA  . PRO B 2 57 ? -0.765  -9.095  -11.803 1.00 7.26  ? 81  PRO B CA  1 
ATOM   602  C C   . PRO B 2 57 ? 0.506   -9.757  -11.759 1.00 7.32  ? 81  PRO B C   1 
ATOM   603  O O   . PRO B 2 57 ? 1.132   -9.981  -12.796 1.00 6.08  ? 81  PRO B O   1 
ATOM   604  C CB  . PRO B 2 57 ? -1.855  -9.972  -12.411 1.00 8.66  ? 81  PRO B CB  1 
ATOM   605  C CG  . PRO B 2 57 ? -2.780  -8.969  -13.030 1.00 8.50  ? 81  PRO B CG  1 
ATOM   606  C CD  . PRO B 2 57 ? -1.812  -8.007  -13.698 1.00 8.77  ? 81  PRO B CD  1 
ATOM   607  N N   . GLY B 2 58 ? 0.971   -10.104 -10.562 1.00 7.54  ? 82  GLY B N   1 
ATOM   608  C CA  . GLY B 2 58 ? 2.256   -10.772 -10.445 1.00 8.30  ? 82  GLY B CA  1 
ATOM   609  C C   . GLY B 2 58 ? 3.402   -9.837  -10.096 1.00 8.34  ? 82  GLY B C   1 
ATOM   610  O O   . GLY B 2 58 ? 4.482   -10.282 -9.706  1.00 10.08 ? 82  GLY B O   1 
ATOM   611  N N   . ASP B 2 59 ? 3.176   -8.536  -10.251 1.00 7.83  ? 83  ASP B N   1 
ATOM   612  C CA  . ASP B 2 59 ? 4.193   -7.533  -9.938  1.00 6.07  ? 83  ASP B CA  1 
ATOM   613  C C   . ASP B 2 59 ? 4.433   -7.435  -8.533  1.00 6.01  ? 83  ASP B C   1 
ATOM   614  O O   . ASP B 2 59 ? 3.526   -7.642  -7.728  1.00 6.19  ? 83  ASP B O   1 
ATOM   615  C CB  . ASP B 2 59 ? 3.749   -6.147  -10.430 1.00 5.54  ? 83  ASP B CB  1 
ATOM   616  C CG  . ASP B 2 59 ? 3.893   -5.961  -11.932 1.00 7.40  ? 83  ASP B CG  1 
ATOM   617  O OD1 . ASP B 2 59 ? 4.204   -6.927  -12.656 1.00 5.94  ? 83  ASP B OD1 1 
ATOM   618  O OD2 . ASP B 2 59 ? 3.689   -4.816  -12.387 1.00 5.04  ? 83  ASP B OD2 1 
ATOM   619  N N   . LEU B 2 60 ? 5.673   -7.118  -8.161  1.00 6.15  ? 84  LEU B N   1 
ATOM   620  C CA  . LEU B 2 60 ? 6.029   -6.897  -6.759  1.00 5.51  ? 84  LEU B CA  1 
ATOM   621  C C   . LEU B 2 60 ? 5.934   -5.479  -6.585  1.00 4.95  ? 84  LEU B C   1 
ATOM   622  O O   . LEU B 2 60 ? 6.431   -4.718  -7.421  1.00 5.44  ? 84  LEU B O   1 
ATOM   623  C CB  . LEU B 2 60 ? 7.452   -7.376  -6.466  1.00 8.32  ? 84  LEU B CB  1 
ATOM   624  C CG  . LEU B 2 60 ? 7.660   -8.881  -6.288  1.00 12.02 ? 84  LEU B CG  1 
ATOM   625  C CD1 . LEU B 2 60 ? 9.109   -9.160  -6.064  1.00 11.70 ? 84  LEU B CD1 1 
ATOM   626  C CD2 . LEU B 2 60 ? 6.847   -9.376  -5.136  1.00 12.31 ? 84  LEU B CD2 1 
ATOM   627  N N   . VAL B 2 61 ? 5.295   -5.039  -5.503  1.00 3.75  ? 85  VAL B N   1 
ATOM   628  C CA  . VAL B 2 61 ? 5.099   -3.608  -5.261  1.00 4.28  ? 85  VAL B CA  1 
ATOM   629  C C   . VAL B 2 61 ? 5.281   -3.163  -3.912  1.00 4.49  ? 85  VAL B C   1 
ATOM   630  O O   . VAL B 2 61 ? 5.384   -3.962  -2.980  1.00 4.03  ? 85  VAL B O   1 
ATOM   631  C CB  . VAL B 2 61 ? 3.676   -3.185  -5.709  1.00 4.64  ? 85  VAL B CB  1 
ATOM   632  C CG1 . VAL B 2 61 ? 3.475   -3.492  -7.160  1.00 6.90  ? 85  VAL B CG1 1 
ATOM   633  C CG2 . VAL B 2 61 ? 2.650   -3.891  -4.884  1.00 5.72  ? 85  VAL B CG2 1 
ATOM   634  N N   . ILE B 2 62 ? 5.330   -1.843  -3.751  1.00 4.66  ? 86  ILE B N   1 
ATOM   635  C CA  . ILE B 2 62 ? 5.469   -1.194  -2.447  1.00 4.87  ? 86  ILE B CA  1 
ATOM   636  C C   . ILE B 2 62 ? 4.417   -0.219  -2.361  1.00 3.55  ? 86  ILE B C   1 
ATOM   637  O O   . ILE B 2 62 ? 4.276   0.617   -3.254  1.00 4.44  ? 86  ILE B O   1 
ATOM   638  C CB  . ILE B 2 62 ? 6.832   -0.459  -2.302  1.00 4.74  ? 86  ILE B CB  1 
ATOM   639  C CG1 . ILE B 2 62 ? 7.991   -1.395  -2.648  1.00 6.53  ? 86  ILE B CG1 1 
ATOM   640  C CG2 . ILE B 2 62 ? 6.997   0.036   -0.901  1.00 5.81  ? 86  ILE B CG2 1 
ATOM   641  C CD1 . ILE B 2 62 ? 9.345   -0.696  -2.690  1.00 6.65  ? 86  ILE B CD1 1 
ATOM   642  N N   . LEU B 2 63 ? 3.606   -0.284  -1.308  1.00 4.63  ? 87  LEU B N   1 
ATOM   643  C CA  . LEU B 2 63 ? 2.511   0.671   -1.104  1.00 4.82  ? 87  LEU B CA  1 
ATOM   644  C C   . LEU B 2 63 ? 2.883   1.538   -0.023  1.00 4.56  ? 87  LEU B C   1 
ATOM   645  O O   . LEU B 2 63 ? 3.069   1.078   1.104   1.00 4.67  ? 87  LEU B O   1 
ATOM   646  C CB  . LEU B 2 63 ? 1.211   -0.070  -0.772  1.00 7.50  ? 87  LEU B CB  1 
ATOM   647  C CG  . LEU B 2 63 ? 0.815   -1.253  -1.663  1.00 10.67 ? 87  LEU B CG  1 
ATOM   648  C CD1 . LEU B 2 63 ? -0.493  -1.807  -1.202  1.00 12.93 ? 87  LEU B CD1 1 
ATOM   649  C CD2 . LEU B 2 63 ? 0.726   -0.833  -3.090  1.00 12.54 ? 87  LEU B CD2 1 
ATOM   650  N N   . VAL B 2 64 ? 2.996   2.838   -0.297  1.00 4.07  ? 88  VAL B N   1 
ATOM   651  C CA  . VAL B 2 64 ? 3.428   3.821   0.707   1.00 3.43  ? 88  VAL B CA  1 
ATOM   652  C C   . VAL B 2 64 ? 2.497   4.881   1.012   1.00 3.81  ? 88  VAL B C   1 
ATOM   653  O O   . VAL B 2 64 ? 1.895   5.459   0.112   1.00 4.54  ? 88  VAL B O   1 
ATOM   654  C CB  . VAL B 2 64 ? 4.762   4.469   0.254   1.00 4.03  ? 88  VAL B CB  1 
ATOM   655  C CG1 . VAL B 2 64 ? 5.318   5.331   1.338   1.00 3.70  ? 88  VAL B CG1 1 
ATOM   656  C CG2 . VAL B 2 64 ? 5.738   3.407   -0.151  1.00 5.99  ? 88  VAL B CG2 1 
ATOM   657  N N   . ALA B 2 65 ? 2.353   5.212   2.297   1.00 4.01  ? 89  ALA B N   1 
ATOM   658  C CA  . ALA B 2 65 ? 1.449   6.286   2.729   1.00 3.01  ? 89  ALA B CA  1 
ATOM   659  C C   . ALA B 2 65 ? 2.209   7.312   3.382   1.00 3.72  ? 89  ALA B C   1 
ATOM   660  O O   . ALA B 2 65 ? 3.094   7.025   4.195   1.00 4.62  ? 89  ALA B O   1 
ATOM   661  C CB  . ALA B 2 65 ? 0.284   5.629   3.419   1.00 4.62  ? 89  ALA B CB  1 
ATOM   662  N N   . TYR B 2 66 ? 1.891   8.568   3.067   1.00 4.79  ? 90  TYR B N   1 
ATOM   663  C CA  . TYR B 2 66 ? 2.560   9.730   3.657   1.00 3.68  ? 90  TYR B CA  1 
ATOM   664  C C   . TYR B 2 66 ? 1.619   10.547  4.372   1.00 5.22  ? 90  TYR B C   1 
ATOM   665  O O   . TYR B 2 66 ? 0.489   10.738  3.922   1.00 7.36  ? 90  TYR B O   1 
ATOM   666  C CB  . TYR B 2 66 ? 3.223   10.590  2.573   1.00 3.80  ? 90  TYR B CB  1 
ATOM   667  C CG  . TYR B 2 66 ? 4.227   9.876   1.693   1.00 2.75  ? 90  TYR B CG  1 
ATOM   668  C CD1 . TYR B 2 66 ? 3.836   9.287   0.487   1.00 1.15  ? 90  TYR B CD1 1 
ATOM   669  C CD2 . TYR B 2 66 ? 5.575   9.828   2.040   1.00 1.46  ? 90  TYR B CD2 1 
ATOM   670  C CE1 . TYR B 2 66 ? 4.769   8.673   -0.357  1.00 3.72  ? 90  TYR B CE1 1 
ATOM   671  C CE2 . TYR B 2 66 ? 6.513   9.218   1.207   1.00 1.00  ? 90  TYR B CE2 1 
ATOM   672  C CZ  . TYR B 2 66 ? 6.105   8.645   0.011   1.00 2.25  ? 90  TYR B CZ  1 
ATOM   673  O OH  . TYR B 2 66 ? 7.029   8.059   -0.818  1.00 4.33  ? 90  TYR B OH  1 
ATOM   674  N N   . GLY B 2 67 ? 2.037   11.083  5.514   1.00 5.82  ? 91  GLY B N   1 
ATOM   675  C CA  . GLY B 2 67 ? 1.166   11.938  6.305   1.00 6.99  ? 91  GLY B CA  1 
ATOM   676  C C   . GLY B 2 67 ? 1.758   13.322  6.515   1.00 6.63  ? 91  GLY B C   1 
ATOM   677  O O   . GLY B 2 67 ? 2.899   13.575  6.124   1.00 6.25  ? 91  GLY B O   1 
ATOM   678  N N   . VAL B 2 68 ? 0.979   14.217  7.121   1.00 6.78  ? 92  VAL B N   1 
ATOM   679  C CA  . VAL B 2 68 ? 1.412   15.587  7.399   1.00 8.07  ? 92  VAL B CA  1 
ATOM   680  C C   . VAL B 2 68 ? 1.559   15.740  8.818   1.00 8.25  ? 92  VAL B C   1 
ATOM   681  O O   . VAL B 2 68 ? 0.587   15.630  9.570   1.00 8.29  ? 92  VAL B O   1 
ATOM   682  C CB  . VAL B 2 68 ? 0.387   16.607  6.849   1.00 7.98  ? 92  VAL B CB  1 
ATOM   683  C CG1 . VAL B 2 68 ? 0.880   17.997  7.056   1.00 9.62  ? 92  VAL B CG1 1 
ATOM   684  C CG2 . VAL B 2 68 ? 0.149   16.357  5.394   1.00 10.37 ? 92  VAL B CG2 1 
ATOM   685  N N   . PHE B 2 69 ? 2.787   16.021  9.256   1.00 9.14  ? 93  PHE B N   1 
ATOM   686  C CA  . PHE B 2 69 ? 3.106   16.139  10.682  1.00 9.30  ? 93  PHE B CA  1 
ATOM   687  C C   . PHE B 2 69 ? 3.579   17.389  11.163  1.00 11.20 ? 93  PHE B C   1 
ATOM   688  O O   . PHE B 2 69 ? 4.144   18.194  10.424  1.00 11.75 ? 93  PHE B O   1 
ATOM   689  C CB  . PHE B 2 69 ? 4.179   15.114  11.072  1.00 7.59  ? 93  PHE B CB  1 
ATOM   690  C CG  . PHE B 2 69 ? 3.804   13.685  10.814  1.00 7.68  ? 93  PHE B CG  1 
ATOM   691  C CD1 . PHE B 2 69 ? 3.676   13.200  9.517   1.00 8.15  ? 93  PHE B CD1 1 
ATOM   692  C CD2 . PHE B 2 69 ? 3.641   12.807  11.878  1.00 7.91  ? 93  PHE B CD2 1 
ATOM   693  C CE1 . PHE B 2 69 ? 3.396   11.856  9.286   1.00 7.19  ? 93  PHE B CE1 1 
ATOM   694  C CE2 . PHE B 2 69 ? 3.362   11.467  11.660  1.00 8.10  ? 93  PHE B CE2 1 
ATOM   695  C CZ  . PHE B 2 69 ? 3.240   10.988  10.364  1.00 7.85  ? 93  PHE B CZ  1 
ATOM   696  N N   . ASP B 2 70 ? 3.399   17.597  12.465  1.00 13.61 ? 94  ASP B N   1 
ATOM   697  C CA  . ASP B 2 70 ? 3.902   18.791  13.131  1.00 16.16 ? 94  ASP B CA  1 
ATOM   698  C C   . ASP B 2 70 ? 5.261   18.460  13.418  1.00 15.86 ? 94  ASP B C   1 
ATOM   699  O O   . ASP B 2 70 ? 5.628   17.285  13.412  1.00 14.39 ? 94  ASP B O   1 
ATOM   700  C CB  . ASP B 2 70 ? 3.133   19.063  14.425  1.00 22.38 ? 94  ASP B CB  1 
ATOM   701  C CG  . ASP B 2 70 ? 1.675   19.396  14.178  1.00 26.33 ? 94  ASP B CG  1 
ATOM   702  O OD1 . ASP B 2 70 ? 1.402   20.387  13.468  1.00 30.19 ? 94  ASP B OD1 1 
ATOM   703  O OD2 . ASP B 2 70 ? 0.801   18.668  14.694  1.00 31.14 ? 94  ASP B OD2 1 
ATOM   704  N N   . GLU B 2 71 ? 6.087   19.461  13.694  1.00 15.91 ? 95  GLU B N   1 
ATOM   705  C CA  . GLU B 2 71 ? 7.504   19.233  13.964  1.00 17.05 ? 95  GLU B CA  1 
ATOM   706  C C   . GLU B 2 71 ? 7.801   18.279  14.986  1.00 17.25 ? 95  GLU B C   1 
ATOM   707  O O   . GLU B 2 71 ? 8.653   17.407  14.797  1.00 16.94 ? 95  GLU B O   1 
ATOM   708  C CB  . GLU B 2 71 ? 8.185   20.569  14.272  1.00 19.07 ? 95  GLU B CB  1 
ATOM   709  C CG  . GLU B 2 71 ? 9.698   20.504  14.361  1.00 22.93 ? 95  GLU B CG  1 
ATOM   710  C CD  . GLU B 2 71 ? 10.361  21.725  13.756  1.00 25.97 ? 95  GLU B CD  1 
ATOM   711  O OE1 . GLU B 2 71 ? 9.924   22.851  14.065  1.00 28.54 ? 95  GLU B OE1 1 
ATOM   712  O OE2 . GLU B 2 71 ? 11.319  21.563  12.971  1.00 28.39 ? 95  GLU B OE2 1 
ATOM   713  N N   . GLU B 2 72 ? 7.120   18.372  16.124  1.00 16.89 ? 96  GLU B N   1 
ATOM   714  C CA  . GLU B 2 72 ? 7.369   17.449  17.228  1.00 16.28 ? 96  GLU B CA  1 
ATOM   715  C C   . GLU B 2 72 ? 7.058   16.092  16.922  1.00 14.89 ? 96  GLU B C   1 
ATOM   716  O O   . GLU B 2 72 ? 7.815   15.183  17.264  1.00 14.75 ? 96  GLU B O   1 
ATOM   717  C CB  . GLU B 2 72 ? 6.592   17.886  18.474  1.00 17.43 ? 96  GLU B CB  1 
ATOM   718  C CG  . GLU B 2 72 ? 6.918   17.072  19.720  1.00 20.70 ? 96  GLU B CG  1 
ATOM   719  C CD  . GLU B 2 72 ? 6.189   17.569  20.953  1.00 22.84 ? 96  GLU B CD  1 
ATOM   720  O OE1 . GLU B 2 72 ? 4.946   17.454  21.007  1.00 24.30 ? 96  GLU B OE1 1 
ATOM   721  O OE2 . GLU B 2 72 ? 6.865   18.082  21.871  1.00 24.48 ? 96  GLU B OE2 1 
ATOM   722  N N   . GLU B 2 73 ? 5.928   15.870  16.260  1.00 13.49 ? 97  GLU B N   1 
ATOM   723  C CA  . GLU B 2 73 ? 5.514   14.513  15.913  1.00 12.50 ? 97  GLU B CA  1 
ATOM   724  C C   . GLU B 2 73 ? 6.336   13.915  14.907  1.00 11.81 ? 97  GLU B C   1 
ATOM   725  O O   . GLU B 2 73 ? 6.549   12.703  14.912  1.00 10.87 ? 97  GLU B O   1 
ATOM   726  C CB  . GLU B 2 73 ? 4.044   14.511  15.470  1.00 14.78 ? 97  GLU B CB  1 
ATOM   727  C CG  . GLU B 2 73 ? 3.451   13.124  15.261  1.00 17.03 ? 97  GLU B CG  1 
ATOM   728  C CD  . GLU B 2 73 ? 1.953   13.157  14.993  1.00 18.61 ? 97  GLU B CD  1 
ATOM   729  O OE1 . GLU B 2 73 ? 1.371   12.087  14.725  1.00 21.34 ? 97  GLU B OE1 1 
ATOM   730  O OE2 . GLU B 2 73 ? 1.357   14.251  15.056  1.00 20.29 ? 97  GLU B OE2 1 
ATOM   731  N N   . ALA B 2 74 ? 6.858   14.730  13.995  1.00 10.44 ? 98  ALA B N   1 
ATOM   732  C CA  . ALA B 2 74 ? 7.703   14.236  12.914  1.00 10.52 ? 98  ALA B CA  1 
ATOM   733  C C   . ALA B 2 74 ? 8.909   13.699  13.448  1.00 10.08 ? 98  ALA B C   1 
ATOM   734  O O   . ALA B 2 74 ? 9.401   12.677  12.970  1.00 8.53  ? 98  ALA B O   1 
ATOM   735  C CB  . ALA B 2 74 ? 7.726   15.306  11.860  1.00 11.12 ? 98  ALA B CB  1 
ATOM   736  N N   . ARG B 2 75 ? 9.468   14.352  14.462  1.00 10.27 ? 99  ARG B N   1 
ATOM   737  C CA  . ARG B 2 75 ? 10.723  13.893  15.053  1.00 10.73 ? 99  ARG B CA  1 
ATOM   738  C C   . ARG B 2 75 ? 10.649  12.714  15.845  1.00 11.32 ? 99  ARG B C   1 
ATOM   739  O O   . ARG B 2 75 ? 11.681  12.143  16.197  1.00 13.01 ? 99  ARG B O   1 
ATOM   740  C CB  . ARG B 2 75 ? 11.363  15.026  15.863  1.00 12.15 ? 99  ARG B CB  1 
ATOM   741  C CG  . ARG B 2 75 ? 11.912  16.151  14.998  1.00 13.62 ? 99  ARG B CG  1 
ATOM   742  C CD  . ARG B 2 75 ? 12.403  17.323  15.833  1.00 15.76 ? 99  ARG B CD  1 
ATOM   743  N NE  . ARG B 2 75 ? 12.927  18.403  15.002  1.00 16.88 ? 99  ARG B NE  1 
ATOM   744  C CZ  . ARG B 2 75 ? 14.113  18.386  14.400  1.00 19.00 ? 99  ARG B CZ  1 
ATOM   745  N NH1 . ARG B 2 75 ? 14.917  17.340  14.535  1.00 20.01 ? 99  ARG B NH1 1 
ATOM   746  N NH2 . ARG B 2 75 ? 14.492  19.413  13.653  1.00 19.22 ? 99  ARG B NH2 1 
ATOM   747  N N   . ASN B 2 76 ? 9.440   12.265  16.166  1.00 11.45 ? 100 ASN B N   1 
ATOM   748  C CA  . ASN B 2 76 ? 9.275   11.061  16.981  1.00 12.52 ? 100 ASN B CA  1 
ATOM   749  C C   . ASN B 2 76 ? 8.619   9.993   16.298  1.00 11.92 ? 100 ASN B C   1 
ATOM   750  O O   . ASN B 2 76 ? 8.268   8.984   16.907  1.00 13.12 ? 100 ASN B O   1 
ATOM   751  C CB  . ASN B 2 76 ? 8.503   11.389  18.264  1.00 13.75 ? 100 ASN B CB  1 
ATOM   752  C CG  . ASN B 2 76 ? 9.260   12.337  19.180  1.00 15.82 ? 100 ASN B CG  1 
ATOM   753  O OD1 . ASN B 2 76 ? 9.310   13.547  18.947  1.00 17.82 ? 100 ASN B OD1 1 
ATOM   754  N ND2 . ASN B 2 76 ? 9.862   11.786  20.225  1.00 16.95 ? 100 ASN B ND2 1 
ATOM   755  N N   . LEU B 2 77 ? 8.434   10.146  14.991  1.00 10.01 ? 101 LEU B N   1 
ATOM   756  C CA  . LEU B 2 77 ? 7.757   9.145   14.167  1.00 9.30  ? 101 LEU B CA  1 
ATOM   757  C C   . LEU B 2 77 ? 8.462   7.908   13.979  1.00 8.34  ? 101 LEU B C   1 
ATOM   758  O O   . LEU B 2 77 ? 9.666   7.897   13.742  1.00 9.62  ? 101 LEU B O   1 
ATOM   759  C CB  . LEU B 2 77 ? 7.436   9.757   12.802  1.00 8.75  ? 101 LEU B CB  1 
ATOM   760  C CG  . LEU B 2 77 ? 6.777   8.869   11.747  1.00 8.58  ? 101 LEU B CG  1 
ATOM   761  C CD1 . LEU B 2 77 ? 5.392   8.500   12.171  1.00 9.42  ? 101 LEU B CD1 1 
ATOM   762  C CD2 . LEU B 2 77 ? 6.748   9.599   10.446  1.00 8.91  ? 101 LEU B CD2 1 
ATOM   763  N N   . LYS B 2 78 ? 7.735   6.794   14.065  1.00 9.39  ? 102 LYS B N   1 
ATOM   764  C CA  . LYS B 2 78 ? 8.303   5.460   13.868  1.00 9.01  ? 102 LYS B CA  1 
ATOM   765  C C   . LYS B 2 78 ? 7.444   4.823   12.919  1.00 9.13  ? 102 LYS B C   1 
ATOM   766  O O   . LYS B 2 78 ? 6.456   4.190   13.290  1.00 12.14 ? 102 LYS B O   1 
ATOM   767  C CB  . LYS B 2 78 ? 8.568   4.882   15.233  1.00 11.13 ? 102 LYS B CB  1 
ATOM   768  N N   . PRO B 2 79 ? 7.761   4.934   11.617  1.00 7.43  ? 103 PRO B N   1 
ATOM   769  C CA  . PRO B 2 79 ? 6.960   4.335   10.541  1.00 6.92  ? 103 PRO B CA  1 
ATOM   770  C C   . PRO B 2 79 ? 6.771   2.921   10.610  1.00 6.07  ? 103 PRO B C   1 
ATOM   771  O O   . PRO B 2 79 ? 7.627   2.189   11.101  1.00 6.61  ? 103 PRO B O   1 
ATOM   772  C CB  . PRO B 2 79 ? 7.710   4.750   9.277   1.00 7.27  ? 103 PRO B CB  1 
ATOM   773  C CG  . PRO B 2 79 ? 8.364   6.031   9.673   1.00 8.01  ? 103 PRO B CG  1 
ATOM   774  C CD  . PRO B 2 79 ? 8.879   5.710   11.053  1.00 7.54  ? 103 PRO B CD  1 
ATOM   775  N N   . THR B 2 80 ? 5.634   2.465   10.091  1.00 4.84  ? 104 THR B N   1 
ATOM   776  C CA  . THR B 2 80 ? 5.274   1.048   10.085  1.00 4.49  ? 104 THR B CA  1 
ATOM   777  C C   . THR B 2 80 ? 5.531   0.410   8.833   1.00 4.76  ? 104 THR B C   1 
ATOM   778  O O   . THR B 2 80 ? 5.109   0.890   7.782   1.00 5.43  ? 104 THR B O   1 
ATOM   779  C CB  . THR B 2 80 ? 3.771   0.870   10.427  1.00 5.26  ? 104 THR B CB  1 
ATOM   780  O OG1 . THR B 2 80 ? 3.498   1.447   11.710  1.00 6.68  ? 104 THR B OG1 1 
ATOM   781  C CG2 . THR B 2 80 ? 3.396   -0.575  10.445  1.00 7.05  ? 104 THR B CG2 1 
ATOM   782  N N   . VAL B 2 81 ? 6.243   -0.715  8.874   1.00 4.50  ? 105 VAL B N   1 
ATOM   783  C CA  . VAL B 2 81 ? 6.555   -1.479  7.667   1.00 4.74  ? 105 VAL B CA  1 
ATOM   784  C C   . VAL B 2 81 ? 6.071   -2.823  7.774   1.00 5.57  ? 105 VAL B C   1 
ATOM   785  O O   . VAL B 2 81 ? 6.446   -3.554  8.692   1.00 5.24  ? 105 VAL B O   1 
ATOM   786  C CB  . VAL B 2 81 ? 8.077   -1.516  7.395   1.00 3.84  ? 105 VAL B CB  1 
ATOM   787  C CG1 . VAL B 2 81 ? 8.365   -2.373  6.206   1.00 7.71  ? 105 VAL B CG1 1 
ATOM   788  C CG2 . VAL B 2 81 ? 8.595   -0.129  7.188   1.00 7.67  ? 105 VAL B CG2 1 
ATOM   789  N N   . VAL B 2 82 ? 5.212   -3.223  6.838   1.00 3.80  ? 106 VAL B N   1 
ATOM   790  C CA  . VAL B 2 82 ? 4.648   -4.572  6.824   1.00 4.24  ? 106 VAL B CA  1 
ATOM   791  C C   . VAL B 2 82 ? 5.277   -5.388  5.835   1.00 4.71  ? 106 VAL B C   1 
ATOM   792  O O   . VAL B 2 82 ? 5.290   -5.041  4.653   1.00 5.37  ? 106 VAL B O   1 
ATOM   793  C CB  . VAL B 2 82 ? 3.121   -4.536  6.534   1.00 3.72  ? 106 VAL B CB  1 
ATOM   794  C CG1 . VAL B 2 82 ? 2.544   -5.916  6.584   1.00 4.42  ? 106 VAL B CG1 1 
ATOM   795  C CG2 . VAL B 2 82 ? 2.435   -3.645  7.513   1.00 4.19  ? 106 VAL B CG2 1 
ATOM   796  N N   . LEU B 2 83 ? 5.838   -6.517  6.265   1.00 5.08  ? 107 LEU B N   1 
ATOM   797  C CA  . LEU B 2 83 ? 6.492   -7.460  5.352   1.00 5.33  ? 107 LEU B CA  1 
ATOM   798  C C   . LEU B 2 83 ? 5.629   -8.590  5.152   1.00 6.27  ? 107 LEU B C   1 
ATOM   799  O O   . LEU B 2 83 ? 5.076   -9.133  6.106   1.00 5.13  ? 107 LEU B O   1 
ATOM   800  C CB  . LEU B 2 83 ? 7.848   -7.898  5.921   1.00 6.29  ? 107 LEU B CB  1 
ATOM   801  C CG  . LEU B 2 83 ? 8.871   -6.774  6.135   1.00 6.66  ? 107 LEU B CG  1 
ATOM   802  C CD1 . LEU B 2 83 ? 10.143  -7.335  6.685   1.00 8.72  ? 107 LEU B CD1 1 
ATOM   803  C CD2 . LEU B 2 83 ? 9.139   -6.070  4.848   1.00 6.80  ? 107 LEU B CD2 1 
ATOM   804  N N   . VAL B 2 84 ? 5.466   -8.996  3.894   1.00 5.16  ? 108 VAL B N   1 
ATOM   805  C CA  . VAL B 2 84 ? 4.580   -10.107 3.526   1.00 6.56  ? 108 VAL B CA  1 
ATOM   806  C C   . VAL B 2 84 ? 5.178   -11.092 2.666   1.00 6.84  ? 108 VAL B C   1 
ATOM   807  O O   . VAL B 2 84 ? 6.220   -10.847 2.056   1.00 7.39  ? 108 VAL B O   1 
ATOM   808  C CB  . VAL B 2 84 ? 3.310   -9.571  2.814   1.00 5.78  ? 108 VAL B CB  1 
ATOM   809  C CG1 . VAL B 2 84 ? 2.610   -8.582  3.684   1.00 4.84  ? 108 VAL B CG1 1 
ATOM   810  C CG2 . VAL B 2 84 ? 3.680   -8.943  1.505   1.00 5.86  ? 108 VAL B CG2 1 
ATOM   811  N N   . ASP B 2 85 ? 4.540   -12.260 2.560   1.00 6.36  ? 109 ASP B N   1 
ATOM   812  C CA  . ASP B 2 85 ? 5.045   -13.323 1.689   1.00 6.32  ? 109 ASP B CA  1 
ATOM   813  C C   . ASP B 2 85 ? 4.486   -13.245 0.372   1.00 7.44  ? 109 ASP B C   1 
ATOM   814  O O   . ASP B 2 85 ? 3.848   -12.249 0.025   1.00 4.58  ? 109 ASP B O   1 
ATOM   815  C CB  . ASP B 2 85 ? 4.803   -14.718 2.292   1.00 8.51  ? 109 ASP B CB  1 
ATOM   816  C CG  . ASP B 2 85 ? 3.337   -15.018 2.540   1.00 9.56  ? 109 ASP B CG  1 
ATOM   817  O OD1 . ASP B 2 85 ? 2.470   -14.484 1.816   1.00 7.01  ? 109 ASP B OD1 1 
ATOM   818  O OD2 . ASP B 2 85 ? 3.053   -15.820 3.457   1.00 11.71 ? 109 ASP B OD2 1 
ATOM   819  N N   . GLU B 2 86 ? 4.686   -14.281 -0.437  1.00 6.78  ? 110 GLU B N   1 
ATOM   820  C CA  . GLU B 2 86 ? 4.191   -14.277 -1.814  1.00 8.48  ? 110 GLU B CA  1 
ATOM   821  C C   . GLU B 2 86 ? 2.771   -14.300 -1.968  1.00 8.16  ? 110 GLU B C   1 
ATOM   822  O O   . GLU B 2 86 ? 2.262   -14.107 -3.077  1.00 7.04  ? 110 GLU B O   1 
ATOM   823  C CB  . GLU B 2 86 ? 4.824   -15.427 -2.610  1.00 10.40 ? 110 GLU B CB  1 
ATOM   824  C CG  . GLU B 2 86 ? 4.220   -16.809 -2.387  1.00 13.09 ? 110 GLU B CG  1 
ATOM   825  C CD  . GLU B 2 86 ? 4.195   -17.226 -0.930  1.00 14.70 ? 110 GLU B CD  1 
ATOM   826  O OE1 . GLU B 2 86 ? 5.181   -16.967 -0.212  1.00 16.89 ? 110 GLU B OE1 1 
ATOM   827  O OE2 . GLU B 2 86 ? 3.185   -17.828 -0.507  1.00 18.64 ? 110 GLU B OE2 1 
ATOM   828  N N   . ARG B 2 87 ? 2.050   -14.536 -0.874  1.00 8.45  ? 111 ARG B N   1 
ATOM   829  C CA  . ARG B 2 87 ? 0.586   -14.559 -0.899  1.00 10.54 ? 111 ARG B CA  1 
ATOM   830  C C   . ARG B 2 87 ? 0.053   -13.461 -0.168  1.00 9.20  ? 111 ARG B C   1 
ATOM   831  O O   . ARG B 2 87 ? -1.153  -13.386 0.079   1.00 9.90  ? 111 ARG B O   1 
ATOM   832  C CB  . ARG B 2 87 ? 0.050   -15.869 -0.319  1.00 12.10 ? 111 ARG B CB  1 
ATOM   833  C CG  . ARG B 2 87 ? 0.391   -17.100 -1.138  1.00 15.97 ? 111 ARG B CG  1 
ATOM   834  C CD  . ARG B 2 87 ? -0.233  -17.043 -2.521  1.00 16.57 ? 111 ARG B CD  1 
ATOM   835  N NE  . ARG B 2 87 ? 0.062   -18.250 -3.289  1.00 18.20 ? 111 ARG B NE  1 
ATOM   836  C CZ  . ARG B 2 87 ? -0.366  -18.478 -4.527  1.00 18.08 ? 111 ARG B CZ  1 
ATOM   837  N NH1 . ARG B 2 87 ? -1.116  -17.577 -5.151  1.00 19.45 ? 111 ARG B NH1 1 
ATOM   838  N NH2 . ARG B 2 87 ? -0.043  -19.609 -5.141  1.00 15.22 ? 111 ARG B NH2 1 
ATOM   839  N N   . ASN B 2 88 ? 0.931   -12.545 0.230   1.00 9.01  ? 112 ASN B N   1 
ATOM   840  C CA  . ASN B 2 88 ? 0.545   -11.352 0.974   1.00 8.65  ? 112 ASN B CA  1 
ATOM   841  C C   . ASN B 2 88 ? 0.125   -11.575 2.323   1.00 9.36  ? 112 ASN B C   1 
ATOM   842  O O   . ASN B 2 88 ? -0.725  -10.852 2.853   1.00 9.38  ? 112 ASN B O   1 
ATOM   843  C CB  . ASN B 2 88 ? -0.521  -10.578 0.189   1.00 6.99  ? 112 ASN B CB  1 
ATOM   844  C CG  . ASN B 2 88 ? -0.032  -10.161 -1.187  1.00 6.95  ? 112 ASN B CG  1 
ATOM   845  O OD1 . ASN B 2 88 ? -0.756  -10.272 -2.177  1.00 8.47  ? 112 ASN B OD1 1 
ATOM   846  N ND2 . ASN B 2 88 ? 1.201   -9.679  -1.253  1.00 5.54  ? 112 ASN B ND2 1 
ATOM   847  N N   . ARG B 2 89 ? 0.697   -12.600 2.952   1.00 8.84  ? 113 ARG B N   1 
ATOM   848  C CA  . ARG B 2 89 ? 0.418   -12.907 4.352   1.00 9.72  ? 113 ARG B CA  1 
ATOM   849  C C   . ARG B 2 89 ? 1.470   -12.281 5.089   1.00 8.59  ? 113 ARG B C   1 
ATOM   850  O O   . ARG B 2 89 ? 2.606   -12.234 4.625   1.00 8.05  ? 113 ARG B O   1 
ATOM   851  C CB  . ARG B 2 89 ? 0.425   -14.420 4.591   1.00 14.02 ? 113 ARG B CB  1 
ATOM   852  C CG  . ARG B 2 89 ? -0.926  -15.100 4.403   1.00 21.31 ? 113 ARG B CG  1 
ATOM   853  C CD  . ARG B 2 89 ? -1.558  -14.791 3.055   1.00 27.51 ? 113 ARG B CD  1 
ATOM   854  N NE  . ARG B 2 89 ? -2.804  -15.529 2.872   1.00 31.97 ? 113 ARG B NE  1 
ATOM   855  C CZ  . ARG B 2 89 ? -3.619  -15.379 1.832   1.00 33.37 ? 113 ARG B CZ  1 
ATOM   856  N NH1 . ARG B 2 89 ? -3.323  -14.513 0.876   1.00 33.97 ? 113 ARG B NH1 1 
ATOM   857  N NH2 . ARG B 2 89 ? -4.728  -16.100 1.748   1.00 33.03 ? 113 ARG B NH2 1 
ATOM   858  N N   . ILE B 2 90 ? 1.160   -11.766 6.275   1.00 7.06  ? 114 ILE B N   1 
ATOM   859  C CA  . ILE B 2 90 ? 2.154   -11.066 7.090   1.00 6.54  ? 114 ILE B CA  1 
ATOM   860  C C   . ILE B 2 90 ? 3.178   -11.868 7.682   1.00 7.75  ? 114 ILE B C   1 
ATOM   861  O O   . ILE B 2 90 ? 2.903   -12.862 8.358   1.00 8.26  ? 114 ILE B O   1 
ATOM   862  C CB  . ILE B 2 90 ? 1.468   -10.247 8.205   1.00 6.03  ? 114 ILE B CB  1 
ATOM   863  C CG1 . ILE B 2 90 ? 0.446   -9.288  7.589   1.00 7.30  ? 114 ILE B CG1 1 
ATOM   864  C CG2 . ILE B 2 90 ? 2.487   -9.470  8.977   1.00 6.82  ? 114 ILE B CG2 1 
ATOM   865  C CD1 . ILE B 2 90 ? -0.413  -8.570  8.604   1.00 8.03  ? 114 ILE B CD1 1 
ATOM   866  N N   . LEU B 2 91 ? 4.425   -11.459 7.463   1.00 7.72  ? 115 LEU B N   1 
ATOM   867  C CA  . LEU B 2 91 ? 5.588   -12.150 8.009   1.00 8.78  ? 115 LEU B CA  1 
ATOM   868  C C   . LEU B 2 91 ? 6.102   -11.470 9.146   1.00 8.02  ? 115 LEU B C   1 
ATOM   869  O O   . LEU B 2 91 ? 6.532   -12.103 10.112  1.00 9.38  ? 115 LEU B O   1 
ATOM   870  C CB  . LEU B 2 91 ? 6.697   -12.252 6.956   1.00 8.46  ? 115 LEU B CB  1 
ATOM   871  C CG  . LEU B 2 91 ? 6.472   -13.158 5.743   1.00 9.16  ? 115 LEU B CG  1 
ATOM   872  C CD1 . LEU B 2 91 ? 7.568   -12.949 4.752   1.00 10.45 ? 115 LEU B CD1 1 
ATOM   873  C CD2 . LEU B 2 91 ? 6.416   -14.586 6.179   1.00 10.51 ? 115 LEU B CD2 1 
ATOM   874  N N   . GLU B 2 92 ? 6.077   -10.139 9.101   1.00 8.69  ? 116 GLU B N   1 
ATOM   875  C CA  . GLU B 2 92 ? 6.607   -9.311  10.182  1.00 8.61  ? 116 GLU B CA  1 
ATOM   876  C C   . GLU B 2 92 ? 6.250   -7.932  10.016  1.00 7.93  ? 116 GLU B C   1 
ATOM   877  O O   . GLU B 2 92 ? 5.963   -7.489  8.904   1.00 6.80  ? 116 GLU B O   1 
ATOM   878  C CB  . GLU B 2 92 ? 8.136   -9.447  10.208  1.00 12.53 ? 116 GLU B CB  1 
ATOM   879  C CG  . GLU B 2 92 ? 8.859   -8.549  11.197  1.00 15.23 ? 116 GLU B CG  1 
ATOM   880  C CD  . GLU B 2 92 ? 10.365  -8.550  10.986  1.00 14.82 ? 116 GLU B CD  1 
ATOM   881  O OE1 . GLU B 2 92 ? 11.071  -7.872  11.759  1.00 18.47 ? 116 GLU B OE1 1 
ATOM   882  O OE2 . GLU B 2 92 ? 10.841  -9.223  10.045  1.00 16.11 ? 116 GLU B OE2 1 
ATOM   883  N N   . VAL B 2 93 ? 6.241   -7.186  11.119  1.00 7.48  ? 117 VAL B N   1 
ATOM   884  C CA  . VAL B 2 93 ? 5.940   -5.755  11.092  1.00 5.99  ? 117 VAL B CA  1 
ATOM   885  C C   . VAL B 2 93 ? 6.929   -5.053  11.853  1.00 6.86  ? 117 VAL B C   1 
ATOM   886  O O   . VAL B 2 93 ? 7.195   -5.388  13.009  1.00 7.22  ? 117 VAL B O   1 
ATOM   887  C CB  . VAL B 2 93 ? 4.536   -5.434  11.666  1.00 4.52  ? 117 VAL B CB  1 
ATOM   888  C CG1 . VAL B 2 93 ? 4.257   -3.972  11.533  1.00 5.10  ? 117 VAL B CG1 1 
ATOM   889  C CG2 . VAL B 2 93 ? 3.488   -6.226  10.955  1.00 6.15  ? 117 VAL B CG2 1 
ATOM   890  N N   . ARG B 2 94 ? 7.539   -4.045  11.239  1.00 6.65  ? 118 ARG B N   1 
ATOM   891  C CA  . ARG B 2 94 ? 8.576   -3.252  11.891  1.00 6.39  ? 118 ARG B CA  1 
ATOM   892  C C   . ARG B 2 94 ? 8.172   -1.902  12.096  1.00 7.34  ? 118 ARG B C   1 
ATOM   893  O O   . ARG B 2 94 ? 7.389   -1.348  11.322  1.00 8.81  ? 118 ARG B O   1 
ATOM   894  C CB  . ARG B 2 94 ? 9.861   -3.285  11.056  1.00 7.77  ? 118 ARG B CB  1 
ATOM   895  C CG  . ARG B 2 94 ? 10.407  -4.691  10.827  1.00 10.24 ? 118 ARG B CG  1 
ATOM   896  C CD  . ARG B 2 94 ? 11.648  -4.701  9.940   1.00 12.71 ? 118 ARG B CD  1 
ATOM   897  N NE  . ARG B 2 94 ? 12.109  -6.063  9.684   1.00 15.46 ? 118 ARG B NE  1 
ATOM   898  C CZ  . ARG B 2 94 ? 13.155  -6.370  8.922   1.00 16.18 ? 118 ARG B CZ  1 
ATOM   899  N NH1 . ARG B 2 94 ? 13.857  -5.412  8.335   1.00 16.53 ? 118 ARG B NH1 1 
ATOM   900  N NH2 . ARG B 2 94 ? 13.495  -7.640  8.742   1.00 16.62 ? 118 ARG B NH2 1 
ATOM   901  N N   . LYS B 2 95 ? 8.679   -1.287  13.158  1.00 7.72  ? 119 LYS B N   1 
ATOM   902  C CA  . LYS B 2 95 ? 8.344   0.098   13.453  1.00 10.94 ? 119 LYS B CA  1 
ATOM   903  C C   . LYS B 2 95 ? 9.494   0.872   13.751  1.00 12.51 ? 119 LYS B C   1 
ATOM   904  O O   . LYS B 2 95 ? 10.318  0.494   14.582  1.00 12.61 ? 119 LYS B O   1 
ATOM   905  C CB  . LYS B 2 95 ? 7.333   0.160   14.597  1.00 14.12 ? 119 LYS B CB  1 
ATOM   906  C CG  . LYS B 2 95 ? 5.961   -0.379  14.196  1.00 15.62 ? 119 LYS B CG  1 
ATOM   907  C CD  . LYS B 2 95 ? 4.983   -0.386  15.352  1.00 17.16 ? 119 LYS B CD  1 
ATOM   908  C CE  . LYS B 2 95 ? 3.650   -0.997  14.939  1.00 15.71 ? 119 LYS B CE  1 
ATOM   909  N NZ  . LYS B 2 95 ? 2.902   -0.173  13.943  1.00 14.01 ? 119 LYS B NZ  1 
ATOM   910  N N   . GLY B 2 96 ? 9.621   2.006   13.072  1.00 15.30 ? 120 GLY B N   1 
ATOM   911  C CA  . GLY B 2 96 ? 10.762  2.871   13.294  1.00 18.02 ? 120 GLY B CA  1 
ATOM   912  C C   . GLY B 2 96 ? 11.836  2.637   12.254  1.00 19.67 ? 120 GLY B C   1 
ATOM   913  O O   . GLY B 2 96 ? 12.966  2.264   12.634  1.00 20.94 ? 120 GLY B O   1 
HETATM 914  O O   . HOH C 3 .  ? -12.460 1.601   -14.866 1.00 7.77  ? 25  HOH A O   1 
HETATM 915  O O   . HOH C 3 .  ? 7.728   -8.454  1.966   1.00 10.17 ? 26  HOH A O   1 
HETATM 916  O O   . HOH C 3 .  ? -6.586  -10.189 -12.841 1.00 13.04 ? 27  HOH A O   1 
HETATM 917  O O   . HOH C 3 .  ? -16.856 -2.286  -16.764 1.00 19.40 ? 28  HOH A O   1 
HETATM 918  O O   . HOH C 3 .  ? -7.817  -5.524  -16.610 1.00 14.48 ? 29  HOH A O   1 
HETATM 919  O O   . HOH C 3 .  ? 10.660  -10.254 0.066   1.00 17.12 ? 30  HOH A O   1 
HETATM 920  O O   . HOH C 3 .  ? -16.572 -3.475  -11.307 1.00 17.69 ? 31  HOH A O   1 
HETATM 921  O O   . HOH C 3 .  ? -5.879  -12.420 -11.060 1.00 16.35 ? 32  HOH A O   1 
HETATM 922  O O   . HOH C 3 .  ? -5.923  -13.670 -7.489  1.00 17.03 ? 33  HOH A O   1 
HETATM 923  O O   . HOH C 3 .  ? 13.095  0.943   1.889   1.00 19.35 ? 34  HOH A O   1 
HETATM 924  O O   . HOH C 3 .  ? -18.073 3.433   -5.244  1.00 15.10 ? 35  HOH A O   1 
HETATM 925  O O   . HOH C 3 .  ? -7.031  -11.606 -5.872  1.00 14.64 ? 36  HOH A O   1 
HETATM 926  O O   . HOH C 3 .  ? -9.751  -7.787  -10.416 1.00 21.94 ? 37  HOH A O   1 
HETATM 927  O O   . HOH C 3 .  ? 3.643   25.126  11.464  1.00 21.65 ? 38  HOH A O   1 
HETATM 928  O O   . HOH C 3 .  ? -11.127 -4.915  -16.749 1.00 20.43 ? 39  HOH A O   1 
HETATM 929  O O   . HOH C 3 .  ? -12.718 -3.077  -4.140  1.00 21.19 ? 40  HOH A O   1 
HETATM 930  O O   . HOH C 3 .  ? 10.211  1.843   0.110   1.00 20.69 ? 41  HOH A O   1 
HETATM 931  O O   . HOH C 3 .  ? -9.364  -5.725  -6.702  1.00 24.57 ? 42  HOH A O   1 
HETATM 932  O O   . HOH C 3 .  ? -17.679 -1.916  -6.899  1.00 20.54 ? 43  HOH A O   1 
HETATM 933  O O   . HOH C 3 .  ? -16.293 -4.181  -5.527  1.00 24.05 ? 44  HOH A O   1 
HETATM 934  O O   . HOH C 3 .  ? -9.751  -9.935  -11.975 1.00 24.43 ? 45  HOH A O   1 
HETATM 935  O O   . HOH C 3 .  ? -15.374 0.728   -4.700  1.00 19.30 ? 46  HOH A O   1 
HETATM 936  O O   . HOH C 3 .  ? -12.918 -6.064  -9.748  1.00 22.82 ? 47  HOH A O   1 
HETATM 937  O O   . HOH C 3 .  ? 10.345  -8.892  2.603   1.00 19.45 ? 48  HOH A O   1 
HETATM 938  O O   . HOH C 3 .  ? -7.332  -14.986 -9.303  1.00 23.47 ? 49  HOH A O   1 
HETATM 939  O O   . HOH C 3 .  ? -8.092  -12.750 -3.700  1.00 21.77 ? 50  HOH A O   1 
HETATM 940  O O   . HOH C 3 .  ? -15.319 -5.142  -15.745 1.00 20.34 ? 51  HOH A O   1 
HETATM 941  O O   . HOH C 3 .  ? -8.652  -7.954  -15.937 1.00 21.70 ? 52  HOH A O   1 
HETATM 942  O O   . HOH C 3 .  ? -19.370 -3.804  -12.817 1.00 23.07 ? 53  HOH A O   1 
HETATM 943  O O   . HOH D 3 .  ? 10.838  2.900   -4.287  1.00 0.10  ? 121 HOH B O   1 
HETATM 944  O O   . HOH D 3 .  ? 7.388   8.780   -7.653  1.00 2.72  ? 122 HOH B O   1 
HETATM 945  O O   . HOH D 3 .  ? 10.545  3.289   -9.665  1.00 5.64  ? 123 HOH B O   1 
HETATM 946  O O   . HOH D 3 .  ? -13.724 4.103   -4.917  1.00 7.66  ? 124 HOH B O   1 
HETATM 947  O O   . HOH D 3 .  ? 3.228   -14.962 -5.660  1.00 8.84  ? 125 HOH B O   1 
HETATM 948  O O   . HOH D 3 .  ? 4.830   -10.691 -1.994  1.00 5.24  ? 126 HOH B O   1 
HETATM 949  O O   . HOH D 3 .  ? -1.717  -1.256  13.399  1.00 7.66  ? 127 HOH B O   1 
HETATM 950  O O   . HOH D 3 .  ? 5.297   -5.918  -15.083 1.00 8.84  ? 128 HOH B O   1 
HETATM 951  O O   . HOH D 3 .  ? -2.019  10.159  4.544   1.00 5.51  ? 129 HOH B O   1 
HETATM 952  O O   . HOH D 3 .  ? 3.735   -9.303  -13.484 1.00 8.58  ? 130 HOH B O   1 
HETATM 953  O O   . HOH D 3 .  ? 1.038   -2.234  13.145  1.00 7.31  ? 131 HOH B O   1 
HETATM 954  O O   . HOH D 3 .  ? -3.821  -7.243  10.796  1.00 15.43 ? 132 HOH B O   1 
HETATM 955  O O   . HOH D 3 .  ? 1.931   1.621   16.054  1.00 11.01 ? 133 HOH B O   1 
HETATM 956  O O   . HOH D 3 .  ? 4.934   9.223   -6.631  1.00 8.64  ? 134 HOH B O   1 
HETATM 957  O O   . HOH D 3 .  ? 0.816   -10.149 -15.632 1.00 9.08  ? 135 HOH B O   1 
HETATM 958  O O   . HOH D 3 .  ? -11.588 -8.255  -1.878  1.00 13.94 ? 136 HOH B O   1 
HETATM 959  O O   . HOH D 3 .  ? 4.440   -0.535  -16.537 1.00 11.06 ? 137 HOH B O   1 
HETATM 960  O O   . HOH D 3 .  ? -1.355  -12.548 7.709   1.00 12.60 ? 138 HOH B O   1 
HETATM 961  O O   . HOH D 3 .  ? -2.643  14.440  -4.166  1.00 15.49 ? 139 HOH B O   1 
HETATM 962  O O   . HOH D 3 .  ? -11.327 5.687   6.412   1.00 9.77  ? 140 HOH B O   1 
HETATM 963  O O   . HOH D 3 .  ? 3.306   -16.697 6.170   1.00 22.87 ? 141 HOH B O   1 
HETATM 964  O O   . HOH D 3 .  ? -5.720  2.596   -9.014  1.00 14.16 ? 142 HOH B O   1 
HETATM 965  O O   . HOH D 3 .  ? -2.382  -14.670 -4.168  1.00 14.77 ? 143 HOH B O   1 
HETATM 966  O O   . HOH D 3 .  ? -3.067  -14.184 -1.637  1.00 14.20 ? 144 HOH B O   1 
HETATM 967  O O   . HOH D 3 .  ? 3.047   -12.547 11.162  1.00 17.33 ? 145 HOH B O   1 
HETATM 968  O O   . HOH D 3 .  ? 0.971   2.711   11.316  1.00 15.19 ? 146 HOH B O   1 
HETATM 969  O O   . HOH D 3 .  ? 12.407  -6.786  -10.653 1.00 15.27 ? 147 HOH B O   1 
HETATM 970  O O   . HOH D 3 .  ? -3.322  -11.489 4.080   1.00 17.55 ? 148 HOH B O   1 
HETATM 971  O O   . HOH D 3 .  ? 5.548   5.367   -13.701 1.00 15.49 ? 149 HOH B O   1 
HETATM 972  O O   . HOH D 3 .  ? 5.641   10.875  16.694  1.00 20.89 ? 150 HOH B O   1 
HETATM 973  O O   . HOH D 3 .  ? -7.533  5.926   -8.457  1.00 14.73 ? 151 HOH B O   1 
HETATM 974  O O   . HOH D 3 .  ? 7.289   -9.825  -10.670 1.00 13.35 ? 152 HOH B O   1 
HETATM 975  O O   . HOH D 3 .  ? -8.898  -10.535 10.283  1.00 17.11 ? 153 HOH B O   1 
HETATM 976  O O   . HOH D 3 .  ? 0.892   9.334   -1.735  1.00 11.02 ? 154 HOH B O   1 
HETATM 977  O O   . HOH D 3 .  ? -2.737  -4.885  -14.838 1.00 15.85 ? 155 HOH B O   1 
HETATM 978  O O   . HOH D 3 .  ? -8.436  -5.761  -9.141  1.00 14.61 ? 156 HOH B O   1 
HETATM 979  O O   . HOH D 3 .  ? 10.277  -2.786  15.106  1.00 12.09 ? 157 HOH B O   1 
HETATM 980  O O   . HOH D 3 .  ? 5.193   6.873   15.549  1.00 17.56 ? 158 HOH B O   1 
HETATM 981  O O   . HOH D 3 .  ? 5.401   22.102  13.413  1.00 21.28 ? 159 HOH B O   1 
HETATM 982  O O   . HOH D 3 .  ? -13.454 -2.275  -1.427  1.00 15.76 ? 160 HOH B O   1 
HETATM 983  O O   . HOH D 3 .  ? -12.587 -5.862  4.411   1.00 15.28 ? 161 HOH B O   1 
HETATM 984  O O   . HOH D 3 .  ? 14.033  -2.816  8.876   1.00 21.22 ? 162 HOH B O   1 
HETATM 985  O O   . HOH D 3 .  ? 2.032   8.182   -12.071 1.00 10.95 ? 163 HOH B O   1 
HETATM 986  O O   . HOH D 3 .  ? 5.928   20.809  16.952  1.00 18.41 ? 164 HOH B O   1 
HETATM 987  O O   . HOH D 3 .  ? 3.298   11.245  -3.739  1.00 17.44 ? 165 HOH B O   1 
HETATM 988  O O   . HOH D 3 .  ? 0.201   11.575  0.724   1.00 16.53 ? 166 HOH B O   1 
HETATM 989  O O   . HOH D 3 .  ? -13.517 -9.027  4.929   1.00 19.17 ? 167 HOH B O   1 
HETATM 990  O O   . HOH D 3 .  ? 10.959  1.778   -15.388 1.00 21.45 ? 168 HOH B O   1 
HETATM 991  O O   . HOH D 3 .  ? -6.964  0.721   8.532   1.00 16.42 ? 169 HOH B O   1 
HETATM 992  O O   . HOH D 3 .  ? 13.739  12.562  14.016  1.00 18.87 ? 170 HOH B O   1 
HETATM 993  O O   . HOH D 3 .  ? -7.971  -13.024 8.126   1.00 21.36 ? 171 HOH B O   1 
HETATM 994  O O   . HOH D 3 .  ? 0.994   12.263  -7.025  1.00 18.07 ? 172 HOH B O   1 
HETATM 995  O O   . HOH D 3 .  ? 7.041   0.460   -16.201 1.00 17.42 ? 173 HOH B O   1 
HETATM 996  O O   . HOH D 3 .  ? 0.107   8.867   0.841   1.00 12.16 ? 174 HOH B O   1 
HETATM 997  O O   . HOH D 3 .  ? 11.674  19.140  12.768  1.00 23.31 ? 175 HOH B O   1 
HETATM 998  O O   . HOH D 3 .  ? 1.345   16.294  13.663  1.00 16.36 ? 176 HOH B O   1 
HETATM 999  O O   . HOH D 3 .  ? 2.110   9.676   14.432  1.00 24.47 ? 177 HOH B O   1 
HETATM 1000 O O   . HOH D 3 .  ? 2.667   -19.567 -3.850  1.00 15.67 ? 178 HOH B O   1 
HETATM 1001 O O   . HOH D 3 .  ? 7.698   -14.717 9.738   1.00 18.43 ? 179 HOH B O   1 
HETATM 1002 O O   . HOH D 3 .  ? 2.861   9.608   -8.387  1.00 16.44 ? 180 HOH B O   1 
HETATM 1003 O O   . HOH D 3 .  ? -6.425  -6.773  11.905  1.00 21.03 ? 181 HOH B O   1 
HETATM 1004 O O   . HOH D 3 .  ? 15.734  -7.344  6.691   1.00 22.61 ? 182 HOH B O   1 
HETATM 1005 O O   . HOH D 3 .  ? 0.449   12.865  -4.017  1.00 18.56 ? 183 HOH B O   1 
HETATM 1006 O O   . HOH D 3 .  ? -4.165  -12.097 6.559   1.00 16.23 ? 184 HOH B O   1 
HETATM 1007 O O   . HOH D 3 .  ? 8.412   5.063   -13.607 1.00 14.52 ? 185 HOH B O   1 
HETATM 1008 O O   . HOH D 3 .  ? 8.595   -11.730 0.548   1.00 22.04 ? 186 HOH B O   1 
HETATM 1009 O O   . HOH D 3 .  ? 10.247  -1.724  -17.048 1.00 21.61 ? 187 HOH B O   1 
HETATM 1010 O O   . HOH D 3 .  ? 0.106   10.306  16.721  1.00 24.95 ? 188 HOH B O   1 
HETATM 1011 O O   . HOH D 3 .  ? 9.641   21.829  10.806  1.00 22.26 ? 189 HOH B O   1 
HETATM 1012 O O   . HOH D 3 .  ? -3.217  -2.585  -19.512 1.00 21.88 ? 190 HOH B O   1 
HETATM 1013 O O   . HOH D 3 .  ? -8.801  -1.189  7.938   1.00 23.04 ? 191 HOH B O   1 
HETATM 1014 O O   . HOH D 3 .  ? -10.200 -14.759 3.685   1.00 22.13 ? 192 HOH B O   1 
HETATM 1015 O O   . HOH D 3 .  ? 3.045   7.354   -14.642 1.00 22.02 ? 193 HOH B O   1 
HETATM 1016 O O   . HOH D 3 .  ? 2.911   15.890  20.520  1.00 19.53 ? 194 HOH B O   1 
HETATM 1017 O O   . HOH D 3 .  ? -5.418  -13.240 -3.030  1.00 19.74 ? 195 HOH B O   1 
HETATM 1018 O O   . HOH D 3 .  ? -0.882  0.283   -21.706 1.00 21.48 ? 196 HOH B O   1 
HETATM 1019 O O   . HOH D 3 .  ? 0.861   -20.803 -1.319  1.00 23.56 ? 197 HOH B O   1 
HETATM 1020 O O   . HOH D 3 .  ? 5.794   8.544   -12.113 1.00 22.53 ? 198 HOH B O   1 
HETATM 1021 O O   . HOH D 3 .  ? 0.292   -2.604  -20.738 1.00 21.61 ? 199 HOH B O   1 
HETATM 1022 O O   . HOH D 3 .  ? 9.058   7.402   19.090  1.00 22.93 ? 200 HOH B O   1 
HETATM 1023 O O   . HOH D 3 .  ? 9.400   -5.609  14.615  1.00 20.31 ? 201 HOH B O   1 
HETATM 1024 O O   . HOH D 3 .  ? 10.152  0.591   10.110  1.00 12.85 ? 202 HOH B O   1 
HETATM 1025 O O   . HOH D 3 .  ? -4.984  -0.351  12.371  1.00 17.28 ? 203 HOH B O   1 
HETATM 1026 O O   . HOH D 3 .  ? -15.317 4.491   -2.825  1.00 10.84 ? 204 HOH B O   1 
HETATM 1027 O O   . HOH D 3 .  ? 3.370   -9.372  -16.283 1.00 13.50 ? 205 HOH B O   1 
HETATM 1028 O O   . HOH D 3 .  ? -0.935  -9.175  -17.352 1.00 19.57 ? 206 HOH B O   1 
HETATM 1029 O O   . HOH D 3 .  ? 0.697   -11.428 11.864  1.00 14.05 ? 207 HOH B O   1 
HETATM 1030 O O   . HOH D 3 .  ? 6.469   -10.133 -13.460 1.00 14.59 ? 208 HOH B O   1 
HETATM 1031 O O   . HOH D 3 .  ? -1.550  -12.046 10.223  1.00 15.36 ? 209 HOH B O   1 
HETATM 1032 O O   . HOH D 3 .  ? 7.148   -12.087 -2.307  1.00 20.00 ? 210 HOH B O   1 
HETATM 1033 O O   . HOH D 3 .  ? -10.838 -10.864 -2.559  1.00 19.39 ? 211 HOH B O   1 
HETATM 1034 O O   . HOH D 3 .  ? -16.071 1.946   -1.985  1.00 15.06 ? 212 HOH B O   1 
HETATM 1035 O O   . HOH D 3 .  ? -3.846  -10.094 10.198  1.00 18.08 ? 213 HOH B O   1 
HETATM 1036 O O   . HOH D 3 .  ? -0.223  18.184  10.557  1.00 21.31 ? 214 HOH B O   1 
HETATM 1037 O O   . HOH D 3 .  ? 10.599  -5.653  -15.625 1.00 22.62 ? 215 HOH B O   1 
HETATM 1038 O O   . HOH D 3 .  ? -5.732  1.860   11.063  1.00 19.62 ? 216 HOH B O   1 
HETATM 1039 O O   . HOH D 3 .  ? 5.539   4.717   -16.271 1.00 22.76 ? 217 HOH B O   1 
HETATM 1040 O O   . HOH D 3 .  ? 4.749   11.916  18.871  1.00 24.10 ? 218 HOH B O   1 
HETATM 1041 O O   . HOH D 3 .  ? 1.094   14.804  0.610   1.00 20.23 ? 219 HOH B O   1 
HETATM 1042 O O   . HOH D 3 .  ? 4.659   -4.874  -17.708 1.00 19.30 ? 220 HOH B O   1 
HETATM 1043 O O   . HOH D 3 .  ? -14.108 -6.376  1.090   1.00 27.44 ? 221 HOH B O   1 
HETATM 1044 O O   . HOH D 3 .  ? 10.383  -10.923 7.238   1.00 22.18 ? 222 HOH B O   1 
HETATM 1045 O O   . HOH D 3 .  ? -10.535 -12.470 9.484   1.00 22.60 ? 223 HOH B O   1 
HETATM 1046 O O   . HOH D 3 .  ? -11.771 -15.698 6.511   1.00 23.72 ? 224 HOH B O   1 
HETATM 1047 O O   . HOH D 3 .  ? 9.821   -13.652 8.486   1.00 24.25 ? 225 HOH B O   1 
HETATM 1048 O O   . HOH D 3 .  ? 13.062  2.188   -16.819 1.00 24.48 ? 226 HOH B O   1 
HETATM 1049 O O   . HOH D 3 .  ? -0.959  -15.286 8.206   1.00 20.11 ? 227 HOH B O   1 
HETATM 1050 O O   . HOH D 3 .  ? -14.935 0.587   0.069   1.00 21.90 ? 228 HOH B O   1 
HETATM 1051 O O   . HOH D 3 .  ? 3.807   9.000   16.231  1.00 21.30 ? 229 HOH B O   1 
HETATM 1052 O O   . HOH D 3 .  ? 7.575   21.598  19.105  1.00 19.23 ? 230 HOH B O   1 
HETATM 1053 O O   . HOH D 3 .  ? 12.049  9.099   13.763  1.00 23.19 ? 231 HOH B O   1 
HETATM 1054 O O   . HOH D 3 .  ? 8.537   -2.137  -19.017 1.00 23.03 ? 232 HOH B O   1 
HETATM 1055 O O   . HOH D 3 .  ? 10.550  9.231   20.833  1.00 22.44 ? 233 HOH B O   1 
HETATM 1056 O O   . HOH D 3 .  ? 13.747  -8.284  12.044  1.00 25.52 ? 234 HOH B O   1 
HETATM 1057 O O   . HOH D 3 .  ? 7.994   -12.221 12.323  1.00 26.13 ? 235 HOH B O   1 
HETATM 1058 O O   . HOH D 3 .  ? -2.253  -4.569  -21.845 1.00 26.20 ? 236 HOH B O   1 
HETATM 1059 O O   . HOH D 3 .  ? 12.438  -1.369  13.563  1.00 22.71 ? 237 HOH B O   1 
HETATM 1060 O O   . HOH D 3 .  ? 0.876   13.165  2.638   1.00 24.55 ? 238 HOH B O   1 
HETATM 1061 O O   . HOH D 3 .  ? -7.728  -13.577 10.794  1.00 23.34 ? 239 HOH B O   1 
HETATM 1062 O O   . HOH D 3 .  ? 11.335  -10.299 4.813   1.00 20.31 ? 240 HOH B O   1 
HETATM 1063 O O   . HOH D 3 .  ? 14.561  8.363   13.378  1.00 24.71 ? 241 HOH B O   1 
HETATM 1064 O O   . HOH D 3 .  ? -15.335 0.467   2.713   1.00 19.79 ? 242 HOH B O   1 
HETATM 1065 O O   . HOH D 3 .  ? 2.784   -0.754  -18.968 1.00 18.26 ? 243 HOH B O   1 
HETATM 1066 O O   . HOH D 3 .  ? 17.498  16.594  13.680  1.00 22.19 ? 244 HOH B O   1 
HETATM 1067 O O   . HOH D 3 .  ? 13.603  0.182   15.560  1.00 25.74 ? 245 HOH B O   1 
HETATM 1068 O O   . HOH D 3 .  ? 13.234  0.767   -20.338 1.00 22.69 ? 246 HOH B O   1 
HETATM 1069 O O   . HOH D 3 .  ? 13.130  -11.847 10.174  1.00 26.50 ? 247 HOH B O   1 
HETATM 1070 O O   . HOH D 3 .  ? -17.530 2.799   3.689   1.00 22.56 ? 248 HOH B O   1 
HETATM 1071 O O   . HOH D 3 .  ? -16.024 -2.662  -0.817  1.00 24.45 ? 249 HOH B O   1 
# 
